data_4GDN
#
_entry.id   4GDN
#
_cell.length_a   179.710
_cell.length_b   179.710
_cell.length_c   287.501
_cell.angle_alpha   90.00
_cell.angle_beta   90.00
_cell.angle_gamma   120.00
#
_symmetry.space_group_name_H-M   'P 62 2 2'
#
loop_
_entity.id
_entity.type
_entity.pdbx_description
1 polymer 'Protein flp'
2 non-polymer 2-{2-[2-(2-{2-[2-(2-ETHOXY-ETHOXY)-ETHOXY]-ETHOXY}-ETHOXY)-ETHOXY]-ETHOXY}-ETHANOL
3 water water
#
_entity_poly.entity_id   1
_entity_poly.type   'polypeptide(L)'
_entity_poly.pdbx_seq_one_letter_code
;MNTKTRLTNDSQQQIDKIIEHDLQKGHIPGASILIVKNGKVFLNKGYGYQDVDKKVKASPTTKYEIASNTKAFTGLAILK
LAQEGRLNLNDDVSKHVPHFKMNYNGQNETITIKQLLAQTSGIPSDITSEDAVTNKNNRLNDVTRAIMGDELHHKPGEEF
EYSNMNYDLLGLIIQNVTKQSYTKYITNSWLKPLHMTHTSFKQTNNKSKHDAIGYELQGSTPVVSKPEFNLWDTPSAYMM
TSTEDLEHWIKFQLNPPDKYKSLVQQSHKNLSSTIGEPNANAYASGWFTNNDEHLVFHSGTLDNFSSFILLNPKQNYGIV
VLANLNSEYVPKLVEHLNTQIV
;
_entity_poly.pdbx_strand_id   A,B,C,D
#
# COMPACT_ATOMS: atom_id res chain seq x y z
N ARG A 6 2.66 -17.84 -44.01
CA ARG A 6 1.24 -18.24 -44.25
C ARG A 6 1.16 -19.77 -44.13
N LEU A 7 1.70 -20.30 -43.03
CA LEU A 7 1.78 -21.73 -42.70
C LEU A 7 0.52 -22.56 -42.88
N THR A 8 0.66 -23.68 -43.55
CA THR A 8 -0.40 -24.67 -43.66
C THR A 8 0.17 -26.04 -43.74
N ASN A 9 -0.42 -26.98 -43.02
CA ASN A 9 -0.04 -28.38 -43.12
C ASN A 9 -1.40 -29.04 -43.27
N ASP A 10 -1.84 -29.18 -44.51
CA ASP A 10 -3.03 -29.97 -44.84
C ASP A 10 -2.98 -30.17 -46.35
N SER A 11 -3.20 -31.41 -46.80
CA SER A 11 -3.08 -31.74 -48.21
C SER A 11 -4.08 -31.02 -49.11
N GLN A 12 -5.35 -31.05 -48.71
CA GLN A 12 -6.42 -30.32 -49.37
C GLN A 12 -7.52 -30.17 -48.36
N GLN A 13 -8.30 -29.11 -48.39
CA GLN A 13 -9.31 -29.04 -47.34
C GLN A 13 -10.44 -28.00 -47.49
N GLN A 14 -11.49 -28.17 -46.68
CA GLN A 14 -12.65 -27.29 -46.67
C GLN A 14 -12.62 -26.32 -45.48
N ILE A 15 -11.51 -26.28 -44.76
CA ILE A 15 -11.36 -25.36 -43.64
C ILE A 15 -11.58 -23.93 -44.15
N ASP A 16 -10.92 -23.57 -45.26
CA ASP A 16 -11.05 -22.22 -45.83
C ASP A 16 -12.49 -21.81 -46.01
N LYS A 17 -13.32 -22.70 -46.53
CA LYS A 17 -14.71 -22.37 -46.80
C LYS A 17 -15.54 -22.17 -45.53
N ILE A 18 -15.13 -22.83 -44.45
CA ILE A 18 -15.80 -22.70 -43.16
C ILE A 18 -15.46 -21.31 -42.58
N ILE A 19 -14.17 -20.99 -42.61
CA ILE A 19 -13.65 -19.71 -42.14
C ILE A 19 -14.24 -18.57 -42.95
N GLU A 20 -14.13 -18.71 -44.26
CA GLU A 20 -14.55 -17.68 -45.19
C GLU A 20 -16.05 -17.46 -45.16
N HIS A 21 -16.80 -18.52 -44.85
CA HIS A 21 -18.25 -18.42 -44.78
C HIS A 21 -18.71 -17.67 -43.52
N ASP A 22 -18.12 -18.01 -42.37
CA ASP A 22 -18.46 -17.35 -41.10
C ASP A 22 -18.05 -15.87 -41.07
N LEU A 23 -16.88 -15.57 -41.63
CA LEU A 23 -16.39 -14.20 -41.72
C LEU A 23 -17.26 -13.30 -42.59
N GLN A 24 -17.59 -13.79 -43.79
CA GLN A 24 -18.43 -13.06 -44.73
C GLN A 24 -19.84 -12.89 -44.19
N LYS A 25 -20.36 -13.91 -43.52
CA LYS A 25 -21.71 -13.86 -42.98
C LYS A 25 -21.80 -12.97 -41.73
N GLY A 26 -20.66 -12.76 -41.07
CA GLY A 26 -20.59 -11.90 -39.89
C GLY A 26 -20.20 -10.48 -40.23
N HIS A 27 -19.82 -10.25 -41.48
CA HIS A 27 -19.37 -8.95 -42.02
C HIS A 27 -18.03 -8.50 -41.44
N ILE A 28 -17.21 -9.50 -41.17
CA ILE A 28 -15.89 -9.32 -40.60
C ILE A 28 -14.92 -9.07 -41.76
N PRO A 29 -14.38 -7.84 -41.84
CA PRO A 29 -13.47 -7.41 -42.91
C PRO A 29 -12.21 -8.23 -42.98
N GLY A 30 -11.70 -8.64 -41.83
CA GLY A 30 -10.50 -9.44 -41.79
C GLY A 30 -10.25 -10.17 -40.49
N ALA A 31 -9.55 -11.29 -40.59
CA ALA A 31 -9.21 -12.07 -39.43
C ALA A 31 -8.06 -12.98 -39.77
N SER A 32 -7.19 -13.25 -38.79
CA SER A 32 -6.14 -14.24 -39.02
C SER A 32 -6.44 -15.41 -38.09
N ILE A 33 -6.32 -16.62 -38.62
CA ILE A 33 -6.69 -17.85 -37.90
C ILE A 33 -5.51 -18.77 -37.65
N LEU A 34 -5.39 -19.20 -36.40
CA LEU A 34 -4.34 -20.13 -36.00
C LEU A 34 -4.92 -21.43 -35.46
N ILE A 35 -4.49 -22.54 -36.06
CA ILE A 35 -4.89 -23.86 -35.60
C ILE A 35 -3.61 -24.59 -35.29
N VAL A 36 -3.51 -25.07 -34.06
CA VAL A 36 -2.34 -25.79 -33.61
C VAL A 36 -2.81 -27.12 -33.08
N LYS A 37 -2.38 -28.20 -33.72
CA LYS A 37 -2.72 -29.51 -33.24
C LYS A 37 -1.50 -30.40 -33.30
N ASN A 38 -1.35 -31.24 -32.30
CA ASN A 38 -0.23 -32.16 -32.23
C ASN A 38 1.12 -31.46 -32.12
N GLY A 39 1.13 -30.28 -31.53
CA GLY A 39 2.36 -29.60 -31.19
C GLY A 39 3.06 -28.80 -32.28
N LYS A 40 2.44 -28.71 -33.46
CA LYS A 40 2.96 -27.85 -34.50
C LYS A 40 1.79 -27.12 -35.14
N VAL A 41 1.98 -25.89 -35.60
CA VAL A 41 0.83 -25.21 -36.14
C VAL A 41 0.43 -25.95 -37.38
N PHE A 42 -0.87 -26.15 -37.56
CA PHE A 42 -1.40 -26.93 -38.68
C PHE A 42 -1.77 -26.02 -39.85
N LEU A 43 -2.30 -24.86 -39.45
CA LEU A 43 -2.59 -23.71 -40.27
C LEU A 43 -2.46 -22.36 -39.54
N ASN A 44 -1.79 -21.40 -40.13
CA ASN A 44 -1.70 -20.04 -39.75
C ASN A 44 -2.00 -19.32 -41.05
N LYS A 45 -3.11 -18.59 -41.12
CA LYS A 45 -3.42 -17.90 -42.36
C LYS A 45 -4.33 -16.72 -42.14
N GLY A 46 -4.21 -15.74 -43.04
CA GLY A 46 -5.04 -14.55 -42.99
C GLY A 46 -6.17 -14.59 -44.00
N TYR A 47 -7.32 -14.07 -43.61
CA TYR A 47 -8.50 -14.01 -44.47
C TYR A 47 -9.10 -12.61 -44.40
N GLY A 48 -9.42 -12.06 -45.57
CA GLY A 48 -10.02 -10.75 -45.65
C GLY A 48 -8.94 -9.69 -45.62
N TYR A 49 -9.36 -8.47 -45.29
CA TYR A 49 -8.47 -7.31 -45.24
C TYR A 49 -8.31 -6.79 -43.83
N GLN A 50 -7.07 -6.46 -43.45
CA GLN A 50 -6.80 -5.88 -42.14
C GLN A 50 -7.12 -4.39 -42.22
N ASP A 51 -6.96 -3.84 -43.41
CA ASP A 51 -7.31 -2.45 -43.70
C ASP A 51 -8.01 -2.38 -45.06
N VAL A 52 -9.26 -1.96 -45.02
CA VAL A 52 -10.13 -1.81 -46.17
C VAL A 52 -9.71 -0.66 -47.12
N ASP A 53 -9.23 0.45 -46.56
CA ASP A 53 -8.88 1.62 -47.37
C ASP A 53 -7.49 1.56 -48.01
N LYS A 54 -6.50 1.11 -47.25
CA LYS A 54 -5.18 0.83 -47.75
C LYS A 54 -5.23 -0.44 -48.56
N LYS A 55 -6.34 -1.17 -48.44
CA LYS A 55 -6.50 -2.42 -49.16
C LYS A 55 -5.38 -3.40 -48.86
N VAL A 56 -5.10 -3.60 -47.58
CA VAL A 56 -4.06 -4.54 -47.18
C VAL A 56 -4.60 -5.83 -46.56
N LYS A 57 -4.17 -6.96 -47.11
CA LYS A 57 -4.60 -8.31 -46.72
C LYS A 57 -4.15 -8.72 -45.32
N ALA A 58 -5.11 -9.14 -44.50
CA ALA A 58 -4.83 -9.65 -43.16
C ALA A 58 -3.92 -10.87 -43.26
N SER A 59 -2.95 -10.96 -42.35
CA SER A 59 -1.95 -12.03 -42.38
C SER A 59 -1.55 -12.51 -40.98
N PRO A 60 -0.71 -13.57 -40.90
CA PRO A 60 -0.27 -14.02 -39.60
C PRO A 60 0.52 -12.93 -38.85
N THR A 61 1.04 -11.96 -39.59
CA THR A 61 1.80 -10.84 -39.02
C THR A 61 0.91 -9.65 -38.63
N THR A 62 -0.38 -9.74 -38.95
CA THR A 62 -1.30 -8.68 -38.59
C THR A 62 -1.49 -8.70 -37.09
N LYS A 63 -1.44 -7.52 -36.47
CA LYS A 63 -1.64 -7.41 -35.02
C LYS A 63 -3.01 -6.83 -34.71
N TYR A 64 -3.74 -7.50 -33.81
CA TYR A 64 -5.07 -7.04 -33.41
C TYR A 64 -5.03 -6.79 -31.91
N GLU A 65 -6.00 -6.04 -31.41
CA GLU A 65 -6.15 -5.80 -29.99
C GLU A 65 -6.88 -7.05 -29.46
N ILE A 66 -6.20 -7.93 -28.75
CA ILE A 66 -6.80 -9.19 -28.36
C ILE A 66 -7.94 -9.07 -27.36
N ALA A 67 -8.09 -7.90 -26.77
CA ALA A 67 -9.13 -7.66 -25.76
C ALA A 67 -9.01 -8.45 -24.47
N SER A 68 -10.13 -9.08 -24.13
CA SER A 68 -10.27 -9.91 -22.94
C SER A 68 -9.30 -11.13 -22.91
N ASN A 69 -8.65 -11.44 -24.02
CA ASN A 69 -7.67 -12.51 -24.09
C ASN A 69 -6.38 -12.18 -23.33
N THR A 70 -6.22 -10.89 -23.00
CA THR A 70 -5.08 -10.40 -22.24
C THR A 70 -5.10 -10.97 -20.83
N LYS A 71 -6.30 -11.08 -20.27
CA LYS A 71 -6.52 -11.57 -18.92
C LYS A 71 -5.71 -12.81 -18.55
N ALA A 72 -5.57 -13.73 -19.51
CA ALA A 72 -4.83 -14.97 -19.28
C ALA A 72 -3.40 -14.66 -18.84
N PHE A 73 -2.77 -13.74 -19.56
CA PHE A 73 -1.40 -13.30 -19.27
C PHE A 73 -1.29 -12.68 -17.87
N THR A 74 -2.13 -11.70 -17.59
CA THR A 74 -2.15 -11.07 -16.28
C THR A 74 -2.22 -12.15 -15.19
N GLY A 75 -3.19 -13.05 -15.30
CA GLY A 75 -3.39 -14.09 -14.33
C GLY A 75 -2.21 -15.04 -14.19
N LEU A 76 -1.57 -15.36 -15.32
CA LEU A 76 -0.44 -16.27 -15.25
C LEU A 76 0.75 -15.57 -14.57
N ALA A 77 0.90 -14.27 -14.86
CA ALA A 77 1.96 -13.48 -14.25
C ALA A 77 1.83 -13.53 -12.73
N ILE A 78 0.61 -13.31 -12.22
CA ILE A 78 0.34 -13.39 -10.79
C ILE A 78 0.69 -14.74 -10.22
N LEU A 79 0.21 -15.80 -10.84
CA LEU A 79 0.52 -17.15 -10.38
C LEU A 79 2.01 -17.37 -10.30
N LYS A 80 2.74 -16.85 -11.28
CA LYS A 80 4.19 -16.94 -11.29
C LYS A 80 4.75 -16.19 -10.09
N LEU A 81 4.29 -14.96 -9.88
CA LEU A 81 4.72 -14.20 -8.71
C LEU A 81 4.43 -14.98 -7.43
N ALA A 82 3.22 -15.51 -7.31
CA ALA A 82 2.84 -16.29 -6.13
C ALA A 82 3.81 -17.43 -5.88
N GLN A 83 4.21 -18.11 -6.95
CA GLN A 83 5.15 -19.22 -6.88
C GLN A 83 6.55 -18.80 -6.44
N GLU A 84 7.05 -17.70 -7.00
CA GLU A 84 8.36 -17.16 -6.61
C GLU A 84 8.38 -16.69 -5.15
N GLY A 85 7.20 -16.59 -4.56
CA GLY A 85 7.07 -16.18 -3.16
C GLY A 85 6.81 -14.70 -3.00
N ARG A 86 6.91 -13.95 -4.09
CA ARG A 86 6.73 -12.50 -3.99
C ARG A 86 5.35 -12.02 -3.55
N LEU A 87 4.34 -12.88 -3.67
CA LEU A 87 2.99 -12.53 -3.23
C LEU A 87 2.30 -13.82 -2.86
N ASN A 88 1.16 -13.68 -2.19
CA ASN A 88 0.46 -14.86 -1.74
C ASN A 88 -1.00 -14.81 -2.21
N LEU A 89 -1.48 -15.84 -2.91
CA LEU A 89 -2.85 -15.83 -3.44
C LEU A 89 -3.95 -15.49 -2.44
N ASN A 90 -3.70 -15.77 -1.16
CA ASN A 90 -4.69 -15.49 -0.14
C ASN A 90 -4.58 -14.12 0.52
N ASP A 91 -3.40 -13.50 0.47
CA ASP A 91 -3.27 -12.22 1.18
C ASP A 91 -4.15 -11.17 0.54
N ASP A 92 -4.71 -10.28 1.35
CA ASP A 92 -5.63 -9.26 0.84
C ASP A 92 -4.96 -8.27 -0.09
N VAL A 93 -5.77 -7.60 -0.89
CA VAL A 93 -5.25 -6.66 -1.87
C VAL A 93 -4.66 -5.41 -1.25
N SER A 94 -5.16 -5.02 -0.07
CA SER A 94 -4.69 -3.82 0.65
C SER A 94 -3.22 -3.93 1.11
N LYS A 95 -2.67 -5.13 0.99
CA LYS A 95 -1.28 -5.39 1.32
C LYS A 95 -0.41 -5.05 0.10
N HIS A 96 -1.03 -4.89 -1.07
CA HIS A 96 -0.29 -4.60 -2.30
C HIS A 96 -0.73 -3.30 -2.94
N VAL A 97 -1.93 -2.87 -2.56
CA VAL A 97 -2.51 -1.60 -3.01
C VAL A 97 -2.50 -0.75 -1.74
N PRO A 98 -2.28 0.55 -1.91
CA PRO A 98 -2.04 1.43 -0.77
C PRO A 98 -3.12 1.51 0.31
N HIS A 99 -4.29 1.99 -0.05
CA HIS A 99 -5.42 1.96 0.84
C HIS A 99 -6.50 1.52 -0.07
N PHE A 100 -6.64 0.21 -0.22
CA PHE A 100 -7.71 -0.33 -1.05
C PHE A 100 -8.71 -0.88 -0.04
N LYS A 101 -9.65 -0.01 0.31
CA LYS A 101 -10.72 -0.35 1.23
C LYS A 101 -12.00 -0.31 0.40
N MET A 102 -12.78 -1.39 0.48
CA MET A 102 -14.01 -1.53 -0.26
C MET A 102 -15.01 -2.14 0.68
N ASN A 103 -16.27 -1.70 0.66
CA ASN A 103 -17.26 -2.18 1.63
C ASN A 103 -18.58 -2.78 1.11
N TYR A 104 -19.27 -3.50 1.99
CA TYR A 104 -20.57 -4.07 1.73
C TYR A 104 -21.51 -3.62 2.84
N ASN A 105 -22.62 -3.02 2.51
CA ASN A 105 -23.50 -2.59 3.54
C ASN A 105 -22.83 -1.64 4.47
N GLY A 106 -22.62 -2.06 5.70
CA GLY A 106 -22.07 -1.14 6.66
C GLY A 106 -20.57 -1.00 6.58
N GLN A 107 -19.88 -2.09 6.59
CA GLN A 107 -18.47 -2.01 6.70
C GLN A 107 -17.64 -2.72 5.66
N ASN A 108 -16.40 -2.27 5.56
CA ASN A 108 -15.43 -2.73 4.63
C ASN A 108 -15.13 -4.18 4.66
N GLU A 109 -14.83 -4.74 3.49
CA GLU A 109 -14.63 -6.16 3.32
C GLU A 109 -13.32 -6.52 2.63
N THR A 110 -12.48 -7.26 3.34
CA THR A 110 -11.21 -7.75 2.85
C THR A 110 -11.39 -8.53 1.55
N ILE A 111 -10.63 -8.16 0.52
CA ILE A 111 -10.69 -8.85 -0.76
C ILE A 111 -9.37 -9.56 -1.01
N THR A 112 -9.39 -10.88 -1.16
CA THR A 112 -8.17 -11.61 -1.47
C THR A 112 -7.79 -11.53 -2.93
N ILE A 113 -6.51 -11.79 -3.18
CA ILE A 113 -6.03 -11.84 -4.55
C ILE A 113 -6.81 -12.90 -5.31
N LYS A 114 -6.84 -14.13 -4.79
CA LYS A 114 -7.57 -15.23 -5.44
C LYS A 114 -8.98 -14.79 -5.82
N GLN A 115 -9.65 -14.08 -4.92
CA GLN A 115 -10.99 -13.60 -5.22
C GLN A 115 -11.03 -12.68 -6.45
N LEU A 116 -9.93 -11.98 -6.73
CA LEU A 116 -9.86 -11.13 -7.91
C LEU A 116 -9.68 -12.00 -9.13
N LEU A 117 -8.79 -12.99 -9.05
CA LEU A 117 -8.58 -13.91 -10.15
C LEU A 117 -9.88 -14.64 -10.41
N ALA A 118 -10.54 -14.99 -9.31
CA ALA A 118 -11.78 -15.75 -9.29
C ALA A 118 -12.97 -14.98 -9.79
N GLN A 119 -12.88 -13.65 -9.81
CA GLN A 119 -13.97 -12.77 -10.24
C GLN A 119 -15.15 -12.87 -9.27
N THR A 120 -14.83 -13.10 -8.00
CA THR A 120 -15.84 -13.24 -6.97
C THR A 120 -15.67 -12.14 -5.94
N SER A 121 -14.75 -11.24 -6.25
CA SER A 121 -14.38 -10.12 -5.39
C SER A 121 -15.55 -9.26 -4.94
N GLY A 122 -16.61 -9.23 -5.74
CA GLY A 122 -17.73 -8.34 -5.48
C GLY A 122 -17.72 -6.99 -6.15
N ILE A 123 -16.77 -6.76 -7.04
CA ILE A 123 -16.67 -5.49 -7.78
C ILE A 123 -17.59 -5.41 -9.01
N PRO A 124 -18.31 -4.31 -9.15
CA PRO A 124 -19.22 -4.10 -10.27
C PRO A 124 -18.47 -4.07 -11.60
N SER A 125 -19.05 -4.45 -12.69
CA SER A 125 -18.43 -4.66 -13.99
C SER A 125 -18.24 -3.47 -14.96
N ASP A 126 -19.30 -2.72 -15.23
CA ASP A 126 -19.21 -1.72 -16.29
C ASP A 126 -20.21 -0.58 -16.20
N ILE A 127 -19.96 0.44 -17.03
CA ILE A 127 -20.86 1.56 -17.23
C ILE A 127 -21.12 2.54 -16.09
N THR A 128 -20.39 2.38 -14.99
CA THR A 128 -20.53 3.30 -13.88
C THR A 128 -20.11 4.69 -14.32
N SER A 129 -19.09 4.73 -15.15
CA SER A 129 -18.44 5.97 -15.57
C SER A 129 -19.06 6.61 -16.81
N GLU A 130 -20.18 6.05 -17.26
CA GLU A 130 -20.87 6.55 -18.45
C GLU A 130 -20.19 6.43 -19.79
N ASP A 131 -19.97 7.57 -20.45
CA ASP A 131 -19.52 7.61 -21.83
C ASP A 131 -18.04 7.66 -22.16
N ALA A 132 -17.34 6.56 -21.89
CA ALA A 132 -15.96 6.39 -22.26
C ALA A 132 -14.91 7.44 -21.87
N VAL A 133 -14.94 7.91 -20.61
CA VAL A 133 -13.85 8.79 -20.13
C VAL A 133 -13.90 9.04 -18.62
N THR A 134 -12.82 9.58 -18.05
CA THR A 134 -12.78 9.93 -16.61
C THR A 134 -12.81 11.43 -16.30
N ASN A 135 -13.66 11.82 -15.35
CA ASN A 135 -13.84 13.22 -14.98
C ASN A 135 -12.53 13.81 -14.48
N LYS A 136 -11.85 13.02 -13.65
CA LYS A 136 -10.50 13.34 -13.24
C LYS A 136 -9.69 12.36 -14.07
N ASN A 137 -8.77 12.86 -14.88
CA ASN A 137 -8.07 12.01 -15.81
C ASN A 137 -7.01 11.09 -15.24
N ASN A 138 -7.49 10.06 -14.54
CA ASN A 138 -6.64 8.98 -14.11
C ASN A 138 -6.72 7.98 -15.25
N ARG A 139 -6.20 8.36 -16.41
CA ARG A 139 -6.19 7.48 -17.57
C ARG A 139 -5.34 6.28 -17.23
N LEU A 140 -4.24 6.56 -16.53
CA LEU A 140 -3.27 5.52 -16.13
C LEU A 140 -3.68 4.52 -15.03
N ASN A 141 -2.92 3.42 -14.99
CA ASN A 141 -3.24 2.31 -14.18
C ASN A 141 -3.87 2.57 -12.83
N ASP A 142 -3.56 3.68 -12.20
CA ASP A 142 -3.98 3.86 -10.81
C ASP A 142 -5.44 4.23 -10.82
N VAL A 143 -6.23 3.19 -11.06
CA VAL A 143 -7.68 3.24 -11.13
C VAL A 143 -8.33 2.92 -9.79
N THR A 144 -7.50 2.74 -8.76
CA THR A 144 -8.00 2.27 -7.48
C THR A 144 -9.04 3.24 -6.95
N ARG A 145 -8.82 4.53 -7.18
CA ARG A 145 -9.74 5.55 -6.72
C ARG A 145 -11.10 5.37 -7.35
N ALA A 146 -11.12 4.99 -8.62
CA ALA A 146 -12.37 4.74 -9.34
C ALA A 146 -13.16 3.55 -8.87
N ILE A 147 -12.49 2.43 -8.70
CA ILE A 147 -13.20 1.24 -8.24
C ILE A 147 -13.77 1.56 -6.88
N MET A 148 -13.03 2.28 -6.07
CA MET A 148 -13.44 2.50 -4.70
C MET A 148 -14.76 3.24 -4.59
N GLY A 149 -15.10 4.00 -5.62
CA GLY A 149 -16.26 4.87 -5.54
C GLY A 149 -17.54 4.18 -5.13
N ASP A 150 -17.77 2.96 -5.62
CA ASP A 150 -19.05 2.29 -5.41
C ASP A 150 -18.94 1.00 -4.61
N GLU A 151 -20.03 0.66 -3.94
CA GLU A 151 -20.10 -0.51 -3.08
C GLU A 151 -20.11 -1.83 -3.81
N LEU A 152 -19.65 -2.87 -3.13
CA LEU A 152 -19.66 -4.22 -3.66
C LEU A 152 -21.08 -4.75 -3.80
N HIS A 153 -21.30 -5.58 -4.80
CA HIS A 153 -22.62 -6.21 -5.05
C HIS A 153 -22.92 -7.33 -4.03
N HIS A 154 -21.87 -8.02 -3.57
CA HIS A 154 -21.95 -9.06 -2.58
C HIS A 154 -20.66 -9.06 -1.77
N LYS A 155 -20.63 -9.77 -0.65
CA LYS A 155 -19.39 -9.90 0.12
C LYS A 155 -18.36 -10.58 -0.76
N PRO A 156 -17.08 -10.24 -0.59
CA PRO A 156 -16.07 -10.90 -1.40
C PRO A 156 -16.15 -12.40 -1.22
N GLY A 157 -16.18 -13.13 -2.34
CA GLY A 157 -16.22 -14.61 -2.34
C GLY A 157 -17.60 -15.27 -2.45
N GLU A 158 -18.66 -14.50 -2.31
CA GLU A 158 -20.04 -15.00 -2.36
C GLU A 158 -20.50 -15.36 -3.78
N GLU A 159 -20.39 -14.41 -4.72
CA GLU A 159 -20.93 -14.61 -6.07
C GLU A 159 -20.03 -14.07 -7.19
N PHE A 160 -20.13 -14.68 -8.37
CA PHE A 160 -19.34 -14.33 -9.56
C PHE A 160 -19.91 -13.17 -10.38
N GLU A 161 -19.04 -12.25 -10.76
CA GLU A 161 -19.39 -11.07 -11.58
C GLU A 161 -18.21 -10.80 -12.46
N TYR A 162 -18.42 -10.82 -13.77
CA TYR A 162 -17.33 -10.58 -14.69
C TYR A 162 -17.08 -9.10 -14.79
N SER A 163 -15.90 -8.69 -14.33
CA SER A 163 -15.51 -7.30 -14.34
C SER A 163 -14.06 -7.17 -14.74
N ASN A 164 -13.78 -6.15 -15.54
CA ASN A 164 -12.41 -5.83 -15.97
C ASN A 164 -11.56 -5.38 -14.79
N MET A 165 -12.19 -4.65 -13.86
CA MET A 165 -11.53 -4.14 -12.67
C MET A 165 -10.74 -5.19 -11.89
N ASN A 166 -11.22 -6.44 -11.88
CA ASN A 166 -10.53 -7.51 -11.20
C ASN A 166 -9.14 -7.70 -11.74
N TYR A 167 -9.03 -7.91 -13.04
CA TYR A 167 -7.74 -8.12 -13.64
C TYR A 167 -6.96 -6.81 -13.76
N ASP A 168 -7.68 -5.71 -13.68
CA ASP A 168 -7.04 -4.41 -13.69
C ASP A 168 -6.29 -4.23 -12.38
N LEU A 169 -6.91 -4.64 -11.28
CA LEU A 169 -6.30 -4.48 -9.98
C LEU A 169 -5.13 -5.47 -9.85
N LEU A 170 -5.28 -6.65 -10.43
CA LEU A 170 -4.19 -7.61 -10.45
C LEU A 170 -3.03 -7.01 -11.22
N GLY A 171 -3.35 -6.16 -12.17
CA GLY A 171 -2.33 -5.48 -12.97
C GLY A 171 -1.47 -4.61 -12.03
N LEU A 172 -2.09 -3.87 -11.13
CA LEU A 172 -1.36 -3.03 -10.20
C LEU A 172 -0.49 -3.90 -9.33
N ILE A 173 -1.02 -5.05 -8.93
CA ILE A 173 -0.37 -5.86 -7.93
C ILE A 173 0.93 -6.25 -8.58
N ILE A 174 0.84 -6.55 -9.86
CA ILE A 174 2.02 -6.93 -10.61
C ILE A 174 3.00 -5.76 -10.66
N GLN A 175 2.47 -4.56 -10.88
CA GLN A 175 3.29 -3.35 -10.98
C GLN A 175 3.92 -2.94 -9.65
N ASN A 176 3.12 -2.99 -8.59
CA ASN A 176 3.59 -2.61 -7.27
C ASN A 176 4.63 -3.60 -6.73
N VAL A 177 4.35 -4.89 -6.84
CA VAL A 177 5.25 -5.93 -6.37
C VAL A 177 6.54 -5.99 -7.19
N THR A 178 6.39 -5.94 -8.50
CA THR A 178 7.54 -6.07 -9.39
C THR A 178 8.45 -4.84 -9.37
N LYS A 179 7.86 -3.71 -9.02
CA LYS A 179 8.59 -2.44 -8.96
C LYS A 179 9.00 -1.97 -10.35
N GLN A 180 8.13 -2.23 -11.31
CA GLN A 180 8.27 -1.79 -12.69
C GLN A 180 6.88 -1.79 -13.29
N SER A 181 6.68 -1.02 -14.35
CA SER A 181 5.37 -0.91 -14.95
C SER A 181 4.86 -2.27 -15.41
N TYR A 182 3.55 -2.44 -15.31
CA TYR A 182 2.91 -3.67 -15.75
C TYR A 182 3.42 -4.05 -17.15
N THR A 183 3.26 -3.14 -18.11
CA THR A 183 3.71 -3.34 -19.50
C THR A 183 5.13 -3.86 -19.56
N LYS A 184 6.04 -3.15 -18.89
CA LYS A 184 7.46 -3.49 -18.84
C LYS A 184 7.67 -4.92 -18.32
N TYR A 185 6.99 -5.26 -17.22
CA TYR A 185 7.16 -6.60 -16.65
C TYR A 185 6.76 -7.73 -17.61
N ILE A 186 5.51 -7.70 -18.10
CA ILE A 186 4.99 -8.73 -18.99
C ILE A 186 5.89 -8.93 -20.20
N THR A 187 6.31 -7.81 -20.76
CA THR A 187 7.21 -7.85 -21.91
C THR A 187 8.51 -8.53 -21.52
N ASN A 188 9.17 -8.01 -20.49
CA ASN A 188 10.46 -8.54 -20.05
C ASN A 188 10.45 -9.98 -19.49
N SER A 189 9.56 -10.21 -18.54
CA SER A 189 9.36 -11.55 -17.97
C SER A 189 8.78 -12.58 -18.94
N TRP A 190 7.81 -12.18 -19.76
CA TRP A 190 7.08 -13.14 -20.58
C TRP A 190 7.19 -13.04 -22.07
N LEU A 191 6.80 -11.90 -22.63
CA LEU A 191 6.64 -11.79 -24.08
C LEU A 191 7.94 -12.00 -24.83
N LYS A 192 9.02 -11.42 -24.33
CA LYS A 192 10.37 -11.64 -24.88
C LYS A 192 10.89 -13.08 -24.69
N PRO A 193 10.89 -13.60 -23.44
CA PRO A 193 11.30 -15.01 -23.27
C PRO A 193 10.52 -15.98 -24.16
N LEU A 194 9.21 -15.76 -24.29
CA LEU A 194 8.34 -16.63 -25.10
C LEU A 194 8.57 -16.51 -26.61
N HIS A 195 9.34 -15.50 -27.01
CA HIS A 195 9.61 -15.21 -28.41
C HIS A 195 8.54 -14.42 -29.09
N MET A 196 7.64 -13.85 -28.30
CA MET A 196 6.54 -13.02 -28.79
C MET A 196 7.09 -11.61 -28.96
N THR A 197 8.05 -11.50 -29.86
CA THR A 197 8.80 -10.28 -30.12
C THR A 197 8.05 -9.14 -30.78
N HIS A 198 6.82 -9.37 -31.22
CA HIS A 198 6.05 -8.33 -31.88
C HIS A 198 4.86 -7.88 -31.07
N THR A 199 4.64 -8.56 -29.93
CA THR A 199 3.51 -8.27 -29.08
C THR A 199 3.74 -7.02 -28.23
N SER A 200 2.72 -6.20 -28.10
CA SER A 200 2.78 -4.96 -27.33
C SER A 200 1.44 -4.57 -26.70
N PHE A 201 1.42 -3.41 -26.05
CA PHE A 201 0.21 -2.90 -25.43
C PHE A 201 -0.24 -1.60 -26.08
N LYS A 202 -1.55 -1.42 -26.10
CA LYS A 202 -2.15 -0.26 -26.73
C LYS A 202 -2.12 1.02 -25.93
N GLN A 203 -1.72 2.06 -26.68
CA GLN A 203 -1.78 3.47 -26.32
C GLN A 203 -1.93 4.17 -27.68
N THR A 204 -2.23 5.46 -27.72
CA THR A 204 -2.46 6.13 -29.02
C THR A 204 -3.79 5.82 -29.66
N ASN A 205 -4.05 4.53 -29.92
CA ASN A 205 -5.31 4.11 -30.53
C ASN A 205 -5.36 4.26 -32.05
N ASN A 206 -4.28 4.77 -32.65
CA ASN A 206 -4.28 4.84 -34.10
C ASN A 206 -3.18 3.98 -34.71
N LYS A 207 -3.60 2.95 -35.41
CA LYS A 207 -2.72 1.95 -35.95
C LYS A 207 -1.78 2.37 -37.04
N SER A 208 -0.59 1.78 -36.93
CA SER A 208 0.50 1.87 -37.88
C SER A 208 0.34 0.79 -38.92
N LYS A 209 1.38 0.58 -39.72
CA LYS A 209 1.29 -0.30 -40.87
C LYS A 209 0.98 -1.76 -40.55
N HIS A 210 1.60 -2.31 -39.50
CA HIS A 210 1.37 -3.71 -39.18
C HIS A 210 0.20 -4.01 -38.27
N ASP A 211 -0.35 -2.97 -37.65
CA ASP A 211 -1.49 -3.11 -36.80
C ASP A 211 -2.72 -3.17 -37.65
N ALA A 212 -3.73 -3.92 -37.24
CA ALA A 212 -4.95 -3.97 -38.02
C ALA A 212 -5.87 -2.87 -37.60
N ILE A 213 -6.61 -2.32 -38.55
CA ILE A 213 -7.54 -1.23 -38.32
C ILE A 213 -8.77 -1.84 -37.66
N GLY A 214 -9.33 -1.15 -36.66
CA GLY A 214 -10.51 -1.64 -35.96
C GLY A 214 -11.79 -1.13 -36.58
N TYR A 215 -12.65 -2.06 -36.98
CA TYR A 215 -13.92 -1.70 -37.61
C TYR A 215 -15.12 -1.94 -36.75
N GLU A 216 -16.10 -1.06 -36.92
CA GLU A 216 -17.34 -1.13 -36.17
C GLU A 216 -18.52 -0.92 -37.11
N LEU A 217 -19.37 -1.93 -37.22
CA LEU A 217 -20.56 -1.88 -38.07
C LEU A 217 -21.56 -0.76 -37.82
N GLN A 218 -21.69 0.15 -38.77
CA GLN A 218 -22.73 1.15 -38.80
C GLN A 218 -23.70 0.64 -39.86
N GLY A 219 -24.90 0.27 -39.43
CA GLY A 219 -25.87 -0.33 -40.33
C GLY A 219 -25.36 -1.70 -40.70
N SER A 220 -24.92 -1.86 -41.93
CA SER A 220 -24.45 -3.14 -42.41
C SER A 220 -23.03 -3.09 -42.99
N THR A 221 -22.40 -1.92 -42.90
CA THR A 221 -21.04 -1.74 -43.42
C THR A 221 -20.07 -1.33 -42.32
N PRO A 222 -18.82 -1.84 -42.39
CA PRO A 222 -17.78 -1.50 -41.44
C PRO A 222 -17.38 -0.06 -41.64
N VAL A 223 -17.11 0.61 -40.52
CA VAL A 223 -16.63 1.97 -40.48
C VAL A 223 -15.51 2.02 -39.45
N VAL A 224 -14.43 2.73 -39.74
CA VAL A 224 -13.30 2.68 -38.83
C VAL A 224 -13.74 3.17 -37.46
N SER A 225 -13.28 2.48 -36.42
CA SER A 225 -13.61 2.84 -35.05
C SER A 225 -12.37 3.16 -34.23
N LYS A 226 -12.39 4.29 -33.54
CA LYS A 226 -11.31 4.66 -32.65
C LYS A 226 -11.94 4.94 -31.27
N PRO A 227 -12.27 3.86 -30.52
CA PRO A 227 -12.96 4.04 -29.24
C PRO A 227 -12.06 4.60 -28.15
N GLU A 228 -12.56 5.60 -27.43
CA GLU A 228 -11.82 6.21 -26.34
C GLU A 228 -11.61 5.14 -25.29
N PHE A 229 -10.42 5.11 -24.71
CA PHE A 229 -10.06 4.05 -23.77
C PHE A 229 -9.29 4.52 -22.55
N ASN A 230 -9.40 3.74 -21.49
CA ASN A 230 -8.69 4.03 -20.27
C ASN A 230 -7.51 3.10 -20.18
N LEU A 231 -6.36 3.67 -19.86
CA LEU A 231 -5.13 2.89 -19.74
C LEU A 231 -5.19 1.88 -18.61
N TRP A 232 -6.00 2.13 -17.57
CA TRP A 232 -6.08 1.19 -16.46
C TRP A 232 -6.61 -0.16 -16.87
N ASP A 233 -7.30 -0.18 -18.01
CA ASP A 233 -7.84 -1.39 -18.57
C ASP A 233 -6.81 -2.21 -19.38
N THR A 234 -5.57 -1.71 -19.50
CA THR A 234 -4.53 -2.43 -20.27
C THR A 234 -4.26 -3.89 -19.83
N PRO A 235 -4.28 -4.19 -18.53
CA PRO A 235 -4.05 -5.57 -18.08
C PRO A 235 -5.15 -6.53 -18.56
N SER A 236 -6.40 -6.11 -18.38
CA SER A 236 -7.55 -6.86 -18.86
C SER A 236 -7.77 -6.97 -20.38
N ALA A 237 -7.73 -5.84 -21.08
CA ALA A 237 -8.15 -5.82 -22.49
C ALA A 237 -7.31 -5.09 -23.55
N TYR A 238 -6.09 -4.70 -23.32
CA TYR A 238 -5.38 -3.91 -24.35
C TYR A 238 -4.14 -4.47 -25.04
N MET A 239 -3.85 -5.75 -24.83
CA MET A 239 -2.71 -6.37 -25.50
C MET A 239 -2.92 -6.40 -27.02
N MET A 240 -1.85 -6.15 -27.77
CA MET A 240 -1.91 -6.18 -29.23
C MET A 240 -0.92 -7.21 -29.74
N THR A 241 -1.41 -8.38 -30.13
CA THR A 241 -0.52 -9.42 -30.63
C THR A 241 -0.95 -9.92 -32.00
N SER A 242 -0.20 -10.87 -32.55
CA SER A 242 -0.50 -11.47 -33.85
C SER A 242 -0.68 -12.99 -33.71
N THR A 243 -1.24 -13.66 -34.72
CA THR A 243 -1.35 -15.12 -34.68
C THR A 243 0.03 -15.78 -34.73
N GLU A 244 1.00 -15.04 -35.27
CA GLU A 244 2.38 -15.47 -35.38
C GLU A 244 3.07 -15.53 -34.00
N ASP A 245 2.73 -14.59 -33.13
CA ASP A 245 3.24 -14.58 -31.77
C ASP A 245 2.46 -15.54 -30.89
N LEU A 246 1.13 -15.48 -30.98
CA LEU A 246 0.27 -16.37 -30.18
C LEU A 246 0.65 -17.82 -30.38
N GLU A 247 1.20 -18.12 -31.56
CA GLU A 247 1.70 -19.44 -31.93
C GLU A 247 2.57 -20.01 -30.80
N HIS A 248 3.49 -19.19 -30.30
CA HIS A 248 4.35 -19.58 -29.18
C HIS A 248 3.51 -19.74 -27.91
N TRP A 249 2.60 -18.80 -27.68
CA TRP A 249 1.72 -18.79 -26.50
C TRP A 249 0.81 -20.01 -26.44
N ILE A 250 0.31 -20.42 -27.59
CA ILE A 250 -0.57 -21.58 -27.65
C ILE A 250 0.18 -22.87 -27.35
N LYS A 251 1.36 -23.04 -27.93
CA LYS A 251 2.15 -24.27 -27.71
C LYS A 251 2.61 -24.36 -26.27
N PHE A 252 2.80 -23.20 -25.64
CA PHE A 252 3.20 -23.12 -24.26
C PHE A 252 2.05 -23.58 -23.36
N GLN A 253 0.84 -23.18 -23.68
CA GLN A 253 -0.31 -23.55 -22.87
C GLN A 253 -0.69 -25.02 -23.03
N LEU A 254 -0.38 -25.59 -24.20
CA LEU A 254 -0.69 -26.99 -24.52
C LEU A 254 0.32 -27.97 -23.94
N ASN A 255 1.59 -27.78 -24.27
CA ASN A 255 2.67 -28.59 -23.67
C ASN A 255 3.76 -27.71 -23.08
N PRO A 256 3.53 -27.26 -21.83
CA PRO A 256 4.49 -26.38 -21.21
C PRO A 256 5.74 -27.16 -20.83
N PRO A 257 6.90 -26.52 -20.82
CA PRO A 257 8.10 -27.20 -20.35
C PRO A 257 7.91 -27.54 -18.88
N ASP A 258 8.52 -28.61 -18.44
CA ASP A 258 8.32 -29.20 -17.14
C ASP A 258 8.29 -28.25 -15.95
N LYS A 259 9.17 -27.27 -15.94
CA LYS A 259 9.21 -26.32 -14.84
C LYS A 259 7.93 -25.53 -14.75
N TYR A 260 7.23 -25.43 -15.88
CA TYR A 260 6.03 -24.61 -15.95
C TYR A 260 4.71 -25.36 -15.93
N LYS A 261 4.75 -26.69 -15.94
CA LYS A 261 3.51 -27.44 -16.05
C LYS A 261 2.58 -27.22 -14.88
N SER A 262 3.10 -27.23 -13.67
CA SER A 262 2.27 -27.02 -12.49
C SER A 262 1.68 -25.63 -12.51
N LEU A 263 2.49 -24.66 -12.89
CA LEU A 263 2.06 -23.27 -12.91
C LEU A 263 0.96 -23.09 -13.92
N VAL A 264 1.15 -23.72 -15.07
CA VAL A 264 0.19 -23.68 -16.16
C VAL A 264 -1.09 -24.43 -15.76
N GLN A 265 -0.94 -25.61 -15.18
CA GLN A 265 -2.10 -26.36 -14.75
C GLN A 265 -2.91 -25.59 -13.73
N GLN A 266 -2.24 -24.94 -12.79
CA GLN A 266 -2.91 -24.14 -11.78
C GLN A 266 -3.69 -23.05 -12.51
N SER A 267 -3.12 -22.60 -13.61
CA SER A 267 -3.70 -21.58 -14.46
C SER A 267 -5.09 -22.02 -14.94
N HIS A 268 -5.20 -23.28 -15.34
CA HIS A 268 -6.48 -23.84 -15.85
C HIS A 268 -7.48 -24.35 -14.78
N LYS A 269 -6.96 -24.70 -13.60
CA LYS A 269 -7.78 -25.15 -12.48
C LYS A 269 -8.86 -24.14 -12.16
N ASN A 270 -10.10 -24.58 -11.95
CA ASN A 270 -11.26 -23.70 -11.72
C ASN A 270 -11.28 -22.97 -10.42
N LEU A 271 -11.74 -21.72 -10.41
CA LEU A 271 -11.87 -20.97 -9.18
C LEU A 271 -13.28 -20.59 -8.81
N SER A 272 -14.16 -20.45 -9.77
CA SER A 272 -15.54 -20.11 -9.42
C SER A 272 -16.43 -20.60 -10.53
N SER A 273 -17.72 -20.75 -10.26
CA SER A 273 -18.56 -21.12 -11.40
C SER A 273 -19.32 -19.97 -12.06
N THR A 274 -19.62 -20.15 -13.34
CA THR A 274 -20.33 -19.16 -14.15
C THR A 274 -21.58 -19.79 -14.77
N ILE A 275 -22.60 -18.99 -14.96
CA ILE A 275 -23.76 -19.47 -15.62
C ILE A 275 -24.16 -18.64 -16.80
N GLY A 276 -23.31 -17.74 -17.24
CA GLY A 276 -23.68 -16.88 -18.31
C GLY A 276 -22.92 -17.03 -19.58
N GLU A 277 -21.68 -17.50 -19.51
CA GLU A 277 -20.93 -17.78 -20.72
C GLU A 277 -21.48 -19.03 -21.39
N PRO A 278 -21.43 -19.06 -22.72
CA PRO A 278 -22.13 -20.08 -23.49
C PRO A 278 -21.69 -21.53 -23.30
N ASN A 279 -20.40 -21.80 -23.33
CA ASN A 279 -19.95 -23.17 -23.26
C ASN A 279 -19.14 -23.45 -22.01
N ALA A 280 -19.33 -22.59 -21.02
CA ALA A 280 -18.52 -22.63 -19.81
C ALA A 280 -19.37 -22.78 -18.56
N ASN A 281 -18.85 -23.54 -17.61
CA ASN A 281 -19.50 -23.75 -16.32
C ASN A 281 -18.78 -23.03 -15.20
N ALA A 282 -17.50 -22.69 -15.45
CA ALA A 282 -16.63 -22.06 -14.47
C ALA A 282 -15.51 -21.21 -15.07
N TYR A 283 -14.91 -20.37 -14.23
CA TYR A 283 -13.80 -19.51 -14.64
C TYR A 283 -12.54 -19.79 -13.83
N ALA A 284 -11.41 -19.97 -14.50
CA ALA A 284 -10.13 -20.04 -13.79
C ALA A 284 -9.05 -19.15 -14.40
N SER A 285 -8.41 -18.33 -13.58
CA SER A 285 -7.23 -17.57 -13.93
C SER A 285 -7.10 -17.03 -15.36
N GLY A 286 -8.02 -16.17 -15.78
CA GLY A 286 -8.03 -15.69 -17.17
C GLY A 286 -8.45 -16.66 -18.25
N TRP A 287 -9.29 -17.63 -17.87
CA TRP A 287 -9.81 -18.65 -18.78
C TRP A 287 -11.16 -19.18 -18.36
N PHE A 288 -12.07 -19.30 -19.33
CA PHE A 288 -13.35 -19.98 -19.08
C PHE A 288 -13.07 -21.46 -19.23
N THR A 289 -13.80 -22.26 -18.48
CA THR A 289 -13.58 -23.68 -18.44
C THR A 289 -14.81 -24.54 -18.72
N ASN A 290 -14.56 -25.67 -19.39
CA ASN A 290 -15.53 -26.73 -19.56
C ASN A 290 -14.69 -27.96 -19.28
N ASN A 291 -14.83 -28.53 -18.10
CA ASN A 291 -13.95 -29.61 -17.68
C ASN A 291 -14.52 -30.87 -18.31
N ASP A 292 -15.83 -30.96 -18.37
CA ASP A 292 -16.49 -32.14 -18.91
C ASP A 292 -16.09 -32.32 -20.38
N GLU A 293 -15.98 -31.21 -21.11
CA GLU A 293 -15.60 -31.31 -22.51
C GLU A 293 -14.10 -31.25 -22.71
N HIS A 294 -13.36 -31.07 -21.62
CA HIS A 294 -11.92 -30.97 -21.69
C HIS A 294 -11.43 -29.73 -22.39
N LEU A 295 -12.17 -28.65 -22.24
CA LEU A 295 -11.87 -27.42 -22.96
C LEU A 295 -11.53 -26.26 -22.03
N VAL A 296 -10.64 -25.39 -22.50
CA VAL A 296 -10.21 -24.18 -21.79
C VAL A 296 -10.15 -23.12 -22.88
N PHE A 297 -10.94 -22.06 -22.72
CA PHE A 297 -11.02 -21.04 -23.75
C PHE A 297 -11.40 -19.71 -23.11
N HIS A 298 -11.36 -18.65 -23.93
CA HIS A 298 -11.79 -17.34 -23.50
C HIS A 298 -12.10 -16.48 -24.73
N SER A 299 -13.20 -15.78 -24.67
CA SER A 299 -13.60 -14.89 -25.74
C SER A 299 -13.30 -13.47 -25.36
N GLY A 300 -12.71 -12.73 -26.30
CA GLY A 300 -12.38 -11.33 -26.08
C GLY A 300 -13.18 -10.44 -27.01
N THR A 301 -13.84 -9.43 -26.44
CA THR A 301 -14.66 -8.51 -27.24
C THR A 301 -14.54 -7.02 -26.84
N LEU A 302 -14.18 -6.21 -27.81
CA LEU A 302 -14.11 -4.76 -27.67
C LEU A 302 -15.01 -4.22 -28.76
N ASP A 303 -15.25 -2.90 -28.78
CA ASP A 303 -16.16 -2.29 -29.75
C ASP A 303 -15.75 -2.48 -31.21
N ASN A 304 -14.45 -2.45 -31.46
CA ASN A 304 -13.97 -2.58 -32.82
C ASN A 304 -13.11 -3.80 -33.07
N PHE A 305 -13.08 -4.72 -32.11
CA PHE A 305 -12.30 -5.96 -32.24
C PHE A 305 -13.01 -7.10 -31.55
N SER A 306 -12.69 -8.31 -32.01
CA SER A 306 -13.31 -9.51 -31.49
C SER A 306 -12.32 -10.63 -31.70
N SER A 307 -12.12 -11.42 -30.66
CA SER A 307 -11.14 -12.49 -30.72
C SER A 307 -11.54 -13.66 -29.87
N PHE A 308 -10.90 -14.81 -30.10
CA PHE A 308 -11.19 -16.02 -29.37
C PHE A 308 -10.02 -16.98 -29.32
N ILE A 309 -9.76 -17.55 -28.14
CA ILE A 309 -8.71 -18.54 -27.97
C ILE A 309 -9.30 -19.79 -27.31
N LEU A 310 -9.12 -20.92 -28.00
CA LEU A 310 -9.59 -22.24 -27.54
C LEU A 310 -8.41 -23.16 -27.32
N LEU A 311 -8.40 -23.81 -26.16
CA LEU A 311 -7.35 -24.76 -25.84
C LEU A 311 -7.99 -26.05 -25.38
N ASN A 312 -7.38 -27.15 -25.81
CA ASN A 312 -7.80 -28.43 -25.31
C ASN A 312 -6.49 -29.03 -24.90
N PRO A 313 -6.21 -29.03 -23.60
CA PRO A 313 -4.94 -29.55 -23.12
C PRO A 313 -4.86 -31.02 -23.47
N LYS A 314 -5.98 -31.72 -23.29
CA LYS A 314 -6.11 -33.07 -23.78
C LYS A 314 -6.24 -32.93 -25.29
N GLN A 315 -5.59 -33.81 -26.04
CA GLN A 315 -5.80 -33.89 -27.48
C GLN A 315 -4.93 -32.86 -28.17
N ASN A 316 -4.19 -32.11 -27.38
CA ASN A 316 -3.18 -31.21 -27.87
C ASN A 316 -3.46 -30.34 -29.09
N TYR A 317 -4.61 -29.68 -29.12
CA TYR A 317 -4.92 -28.76 -30.22
C TYR A 317 -5.47 -27.43 -29.72
N GLY A 318 -5.19 -26.36 -30.46
CA GLY A 318 -5.65 -25.04 -30.09
C GLY A 318 -6.23 -24.33 -31.30
N ILE A 319 -7.25 -23.52 -31.07
CA ILE A 319 -7.86 -22.73 -32.13
C ILE A 319 -7.80 -21.27 -31.70
N VAL A 320 -7.27 -20.42 -32.57
CA VAL A 320 -7.19 -18.99 -32.29
C VAL A 320 -7.80 -18.25 -33.47
N VAL A 321 -8.74 -17.37 -33.16
CA VAL A 321 -9.37 -16.55 -34.20
C VAL A 321 -9.28 -15.08 -33.77
N LEU A 322 -8.62 -14.29 -34.60
CA LEU A 322 -8.47 -12.86 -34.32
C LEU A 322 -9.13 -12.09 -35.45
N ALA A 323 -10.09 -11.23 -35.14
CA ALA A 323 -10.76 -10.54 -36.19
C ALA A 323 -10.91 -9.11 -35.85
N ASN A 324 -11.07 -8.27 -36.86
CA ASN A 324 -11.08 -6.83 -36.63
C ASN A 324 -12.47 -6.26 -36.41
N LEU A 325 -13.43 -7.11 -36.08
CA LEU A 325 -14.76 -6.60 -35.85
C LEU A 325 -15.39 -7.39 -34.73
N ASN A 326 -16.17 -6.74 -33.88
CA ASN A 326 -16.85 -7.45 -32.82
C ASN A 326 -18.06 -8.22 -33.33
N SER A 327 -17.92 -9.53 -33.45
CA SER A 327 -19.00 -10.35 -34.00
C SER A 327 -19.23 -11.70 -33.35
N GLU A 328 -20.50 -12.09 -33.26
CA GLU A 328 -20.84 -13.30 -32.58
C GLU A 328 -20.10 -14.37 -33.34
N TYR A 329 -19.99 -14.17 -34.64
CA TYR A 329 -19.48 -15.20 -35.52
C TYR A 329 -18.09 -15.70 -35.20
N VAL A 330 -17.35 -14.97 -34.37
CA VAL A 330 -16.02 -15.41 -33.99
C VAL A 330 -16.17 -16.68 -33.13
N PRO A 331 -16.97 -16.60 -32.04
CA PRO A 331 -17.20 -17.80 -31.24
C PRO A 331 -17.73 -18.96 -32.09
N LYS A 332 -18.66 -18.65 -33.01
CA LYS A 332 -19.25 -19.62 -33.93
C LYS A 332 -18.18 -20.30 -34.74
N LEU A 333 -17.25 -19.51 -35.26
CA LEU A 333 -16.17 -20.03 -36.07
C LEU A 333 -15.30 -21.08 -35.34
N VAL A 334 -15.03 -20.87 -34.06
CA VAL A 334 -14.21 -21.87 -33.37
C VAL A 334 -15.02 -23.14 -33.25
N GLU A 335 -16.33 -23.03 -33.00
CA GLU A 335 -17.17 -24.22 -32.90
C GLU A 335 -17.08 -25.05 -34.17
N HIS A 336 -17.25 -24.41 -35.34
CA HIS A 336 -17.17 -25.12 -36.59
C HIS A 336 -15.75 -25.68 -36.80
N LEU A 337 -14.75 -24.91 -36.39
CA LEU A 337 -13.36 -25.35 -36.51
C LEU A 337 -13.00 -26.45 -35.49
N ASN A 338 -13.74 -26.47 -34.37
CA ASN A 338 -13.52 -27.44 -33.31
C ASN A 338 -14.03 -28.81 -33.74
N THR A 339 -15.31 -28.85 -34.15
CA THR A 339 -15.94 -30.10 -34.61
C THR A 339 -15.11 -30.77 -35.71
N GLN A 340 -14.25 -29.98 -36.36
CA GLN A 340 -13.34 -30.48 -37.38
C GLN A 340 -12.12 -31.25 -36.87
N ILE A 341 -12.06 -31.49 -35.55
CA ILE A 341 -10.96 -32.24 -34.96
C ILE A 341 -11.42 -33.19 -33.82
N ARG B 6 -3.93 46.56 -5.29
CA ARG B 6 -2.99 46.89 -4.22
C ARG B 6 -3.72 47.27 -2.93
N LEU B 7 -2.98 47.13 -1.84
CA LEU B 7 -3.42 47.50 -0.52
C LEU B 7 -2.21 48.19 0.03
N THR B 8 -2.41 49.18 0.88
CA THR B 8 -1.24 49.90 1.43
C THR B 8 -1.55 50.72 2.69
N ASN B 9 -0.49 51.04 3.45
CA ASN B 9 -0.60 51.82 4.69
C ASN B 9 0.70 52.55 5.06
N ASP B 10 0.62 53.44 6.05
CA ASP B 10 1.74 54.24 6.60
C ASP B 10 2.22 55.46 5.78
N SER B 11 1.48 55.78 4.70
CA SER B 11 1.71 56.99 3.95
C SER B 11 3.13 57.11 3.43
N GLN B 12 3.74 58.26 3.79
CA GLN B 12 5.07 58.45 3.35
C GLN B 12 5.80 57.23 3.82
N GLN B 13 6.45 56.58 2.87
CA GLN B 13 7.41 55.52 3.18
C GLN B 13 8.58 55.34 2.22
N GLN B 14 9.73 55.04 2.82
CA GLN B 14 10.98 54.76 2.11
C GLN B 14 10.95 53.35 1.53
N ILE B 15 10.01 52.53 1.98
CA ILE B 15 10.06 51.12 1.66
C ILE B 15 10.06 50.90 0.16
N ASP B 16 9.27 51.66 -0.57
CA ASP B 16 9.32 51.59 -2.03
C ASP B 16 10.76 51.59 -2.57
N LYS B 17 11.58 52.48 -2.05
CA LYS B 17 12.93 52.64 -2.55
C LYS B 17 13.70 51.34 -2.39
N ILE B 18 13.52 50.68 -1.25
CA ILE B 18 14.24 49.46 -1.00
C ILE B 18 13.90 48.39 -2.03
N ILE B 19 12.63 48.25 -2.35
CA ILE B 19 12.23 47.24 -3.31
C ILE B 19 12.83 47.54 -4.68
N GLU B 20 12.79 48.80 -5.06
CA GLU B 20 13.36 49.25 -6.35
C GLU B 20 14.86 49.02 -6.52
N HIS B 21 15.63 49.23 -5.45
CA HIS B 21 17.08 49.09 -5.57
C HIS B 21 17.57 47.65 -5.72
N ASP B 22 17.12 46.78 -4.81
CA ASP B 22 17.48 45.36 -4.85
C ASP B 22 17.03 44.68 -6.14
N LEU B 23 15.88 45.07 -6.66
CA LEU B 23 15.38 44.52 -7.92
C LEU B 23 16.27 44.96 -9.09
N GLN B 24 16.70 46.22 -9.06
CA GLN B 24 17.58 46.79 -10.07
C GLN B 24 18.95 46.10 -10.10
N LYS B 25 19.58 45.97 -8.92
CA LYS B 25 20.87 45.26 -8.83
C LYS B 25 20.75 43.76 -9.10
N GLY B 26 19.55 43.21 -8.86
CA GLY B 26 19.29 41.81 -9.14
C GLY B 26 19.00 41.62 -10.62
N HIS B 27 18.57 42.70 -11.28
CA HIS B 27 18.20 42.68 -12.69
C HIS B 27 16.90 41.89 -12.85
N ILE B 28 16.15 41.89 -11.75
CA ILE B 28 14.89 41.17 -11.62
C ILE B 28 13.76 41.83 -12.42
N PRO B 29 13.30 41.15 -13.49
CA PRO B 29 12.21 41.64 -14.34
C PRO B 29 10.94 42.03 -13.56
N GLY B 30 10.45 41.15 -12.69
CA GLY B 30 9.23 41.46 -11.91
C GLY B 30 9.14 40.87 -10.52
N ALA B 31 8.31 41.49 -9.67
CA ALA B 31 8.14 40.99 -8.32
C ALA B 31 6.86 41.44 -7.63
N SER B 32 6.25 40.53 -6.88
CA SER B 32 5.06 40.81 -6.09
C SER B 32 5.49 40.73 -4.63
N ILE B 33 5.22 41.78 -3.87
CA ILE B 33 5.66 41.83 -2.48
C ILE B 33 4.50 42.00 -1.52
N LEU B 34 4.48 41.13 -0.51
CA LEU B 34 3.46 41.14 0.52
C LEU B 34 4.12 41.35 1.86
N ILE B 35 3.59 42.29 2.63
CA ILE B 35 4.06 42.51 3.99
C ILE B 35 2.84 42.52 4.88
N VAL B 36 2.86 41.67 5.91
CA VAL B 36 1.75 41.62 6.84
C VAL B 36 2.29 41.92 8.22
N LYS B 37 1.85 43.03 8.79
CA LYS B 37 2.19 43.32 10.16
C LYS B 37 0.91 43.39 10.97
N ASN B 38 0.91 42.65 12.09
CA ASN B 38 -0.20 42.70 12.99
C ASN B 38 -1.55 42.41 12.39
N GLY B 39 -1.88 43.21 11.38
CA GLY B 39 -3.21 43.29 10.84
C GLY B 39 -3.28 43.01 9.36
N LYS B 40 -4.31 43.56 8.72
CA LYS B 40 -4.49 43.36 7.31
C LYS B 40 -3.21 43.88 6.74
N VAL B 41 -2.73 43.23 5.68
CA VAL B 41 -1.42 43.52 5.19
C VAL B 41 -1.08 44.98 5.01
N PHE B 42 0.09 45.39 5.52
CA PHE B 42 0.58 46.71 5.27
C PHE B 42 0.88 47.03 3.85
N LEU B 43 1.53 46.11 3.15
CA LEU B 43 1.80 46.32 1.74
C LEU B 43 1.58 45.15 0.81
N ASN B 44 0.75 45.38 -0.19
CA ASN B 44 0.57 44.41 -1.25
C ASN B 44 0.81 45.22 -2.50
N LYS B 45 1.85 44.87 -3.25
CA LYS B 45 2.17 45.63 -4.46
C LYS B 45 2.99 44.82 -5.45
N GLY B 46 2.97 45.24 -6.70
CA GLY B 46 3.82 44.64 -7.71
C GLY B 46 4.80 45.64 -8.29
N TYR B 47 6.02 45.18 -8.54
CA TYR B 47 7.06 46.04 -9.12
C TYR B 47 7.63 45.37 -10.34
N GLY B 48 7.91 46.15 -11.38
CA GLY B 48 8.49 45.61 -12.59
C GLY B 48 7.47 44.90 -13.46
N TYR B 49 7.97 44.20 -14.47
CA TYR B 49 7.11 43.50 -15.42
C TYR B 49 7.08 41.98 -15.25
N GLN B 50 5.87 41.44 -15.06
CA GLN B 50 5.70 39.99 -14.98
C GLN B 50 6.04 39.37 -16.35
N ASP B 51 5.69 40.08 -17.41
CA ASP B 51 6.03 39.71 -18.79
C ASP B 51 6.65 40.98 -19.35
N VAL B 52 7.98 40.96 -19.55
CA VAL B 52 8.71 42.13 -20.05
C VAL B 52 8.49 42.40 -21.54
N ASP B 53 8.36 41.33 -22.33
CA ASP B 53 8.20 41.45 -23.78
C ASP B 53 6.84 42.09 -24.15
N LYS B 54 5.80 41.76 -23.38
CA LYS B 54 4.45 42.34 -23.52
C LYS B 54 4.31 43.62 -22.68
N LYS B 55 5.29 43.89 -21.83
CA LYS B 55 5.25 45.02 -20.89
C LYS B 55 4.04 44.98 -19.96
N VAL B 56 3.63 43.78 -19.54
CA VAL B 56 2.51 43.66 -18.59
C VAL B 56 3.06 43.75 -17.17
N LYS B 57 2.50 44.69 -16.41
CA LYS B 57 2.94 45.02 -15.07
C LYS B 57 2.64 43.96 -13.98
N ALA B 58 3.71 43.46 -13.36
CA ALA B 58 3.62 42.48 -12.27
C ALA B 58 2.67 43.02 -11.18
N SER B 59 1.66 42.23 -10.85
CA SER B 59 0.63 42.65 -9.91
C SER B 59 0.48 41.65 -8.75
N PRO B 60 -0.22 42.05 -7.67
CA PRO B 60 -0.55 41.10 -6.62
C PRO B 60 -1.40 39.92 -7.14
N THR B 61 -1.94 40.07 -8.35
CA THR B 61 -2.74 39.02 -9.02
C THR B 61 -1.80 38.19 -9.92
N THR B 62 -0.52 38.56 -9.95
CA THR B 62 0.46 37.82 -10.74
C THR B 62 0.80 36.58 -9.94
N LYS B 63 0.79 35.43 -10.59
CA LYS B 63 1.18 34.21 -9.90
C LYS B 63 2.44 33.65 -10.54
N TYR B 64 3.44 33.42 -9.69
CA TYR B 64 4.71 32.86 -10.15
C TYR B 64 4.83 31.54 -9.44
N GLU B 65 5.61 30.62 -10.00
CA GLU B 65 5.72 29.34 -9.34
C GLU B 65 6.35 29.64 -8.00
N ILE B 66 5.68 29.23 -6.93
CA ILE B 66 6.12 29.51 -5.59
C ILE B 66 7.42 28.79 -5.42
N ALA B 67 7.46 27.61 -6.06
CA ALA B 67 8.58 26.70 -5.95
C ALA B 67 8.69 26.07 -4.59
N SER B 68 9.93 26.03 -4.06
CA SER B 68 10.11 25.24 -2.83
C SER B 68 9.13 25.59 -1.72
N ASN B 69 8.60 26.80 -1.78
CA ASN B 69 7.72 27.31 -0.72
C ASN B 69 6.53 26.39 -0.56
N THR B 70 6.32 25.57 -1.56
CA THR B 70 5.17 24.68 -1.62
C THR B 70 5.12 23.63 -0.54
N LYS B 71 6.27 23.23 -0.02
CA LYS B 71 6.27 22.12 0.89
C LYS B 71 5.47 22.36 2.15
N ALA B 72 5.34 23.61 2.56
CA ALA B 72 4.74 23.88 3.85
C ALA B 72 3.33 23.33 3.79
N PHE B 73 2.72 23.50 2.63
CA PHE B 73 1.39 22.97 2.37
C PHE B 73 1.33 21.45 2.43
N THR B 74 2.31 20.79 1.80
CA THR B 74 2.36 19.34 1.80
C THR B 74 2.56 18.85 3.21
N GLY B 75 3.45 19.52 3.93
CA GLY B 75 3.73 19.19 5.30
C GLY B 75 2.55 19.39 6.21
N LEU B 76 1.80 20.45 5.98
CA LEU B 76 0.66 20.75 6.85
C LEU B 76 -0.45 19.74 6.57
N ALA B 77 -0.63 19.43 5.28
CA ALA B 77 -1.59 18.45 4.84
C ALA B 77 -1.40 17.16 5.64
N ILE B 78 -0.17 16.62 5.62
CA ILE B 78 0.15 15.40 6.34
C ILE B 78 -0.17 15.51 7.82
N LEU B 79 0.26 16.62 8.39
CA LEU B 79 0.03 16.89 9.80
C LEU B 79 -1.44 16.90 10.15
N LYS B 80 -2.27 17.41 9.23
CA LYS B 80 -3.73 17.42 9.40
C LYS B 80 -4.25 16.00 9.45
N LEU B 81 -4.06 15.25 8.37
CA LEU B 81 -4.47 13.85 8.30
C LEU B 81 -4.13 13.14 9.60
N ALA B 82 -2.94 13.40 10.12
CA ALA B 82 -2.48 12.76 11.35
C ALA B 82 -3.43 13.04 12.54
N GLN B 83 -3.99 14.24 12.57
CA GLN B 83 -4.89 14.66 13.64
C GLN B 83 -6.20 13.88 13.48
N GLU B 84 -6.67 13.81 12.25
CA GLU B 84 -7.97 13.22 11.96
C GLU B 84 -7.96 11.75 12.38
N GLY B 85 -6.76 11.19 12.51
CA GLY B 85 -6.59 9.79 12.80
C GLY B 85 -6.36 8.95 11.57
N ARG B 86 -6.15 9.59 10.42
CA ARG B 86 -5.95 8.84 9.19
C ARG B 86 -4.58 8.21 9.00
N LEU B 87 -3.54 8.86 9.51
CA LEU B 87 -2.19 8.33 9.42
C LEU B 87 -1.47 8.58 10.73
N ASN B 88 -0.23 8.11 10.82
CA ASN B 88 0.54 8.37 12.03
C ASN B 88 1.91 8.88 11.64
N LEU B 89 2.37 9.94 12.30
CA LEU B 89 3.67 10.50 11.97
C LEU B 89 4.74 9.45 12.17
N ASN B 90 4.50 8.55 13.11
CA ASN B 90 5.41 7.47 13.40
C ASN B 90 5.28 6.24 12.53
N ASP B 91 4.12 6.02 11.93
CA ASP B 91 3.95 4.80 11.15
C ASP B 91 4.80 4.76 9.90
N ASP B 92 5.11 3.52 9.53
CA ASP B 92 6.02 3.16 8.45
C ASP B 92 5.46 3.69 7.14
N VAL B 93 6.39 4.10 6.26
CA VAL B 93 6.04 4.69 4.98
C VAL B 93 5.51 3.63 4.07
N SER B 94 6.08 2.44 4.17
CA SER B 94 5.51 1.28 3.52
C SER B 94 4.19 1.07 4.20
N LYS B 95 3.19 0.61 3.46
CA LYS B 95 1.86 0.50 4.02
C LYS B 95 1.09 1.77 3.78
N HIS B 96 1.81 2.79 3.31
CA HIS B 96 1.15 3.99 2.85
C HIS B 96 1.57 4.02 1.42
N VAL B 97 2.39 3.05 1.05
CA VAL B 97 2.97 2.96 -0.29
C VAL B 97 2.87 1.50 -0.71
N PRO B 98 2.83 1.25 -2.01
CA PRO B 98 2.59 -0.11 -2.47
C PRO B 98 3.67 -1.13 -2.07
N HIS B 99 4.93 -0.87 -2.39
CA HIS B 99 6.00 -1.76 -1.93
C HIS B 99 7.27 -1.11 -1.50
N PHE B 100 7.22 0.16 -1.12
CA PHE B 100 8.42 0.88 -0.76
C PHE B 100 9.35 0.21 0.20
N LYS B 101 10.62 0.17 -0.15
CA LYS B 101 11.69 -0.35 0.67
C LYS B 101 13.01 0.27 0.22
N MET B 102 13.82 0.70 1.17
CA MET B 102 15.13 1.30 0.87
C MET B 102 16.12 0.64 1.81
N ASN B 103 17.35 0.42 1.35
CA ASN B 103 18.33 -0.26 2.21
C ASN B 103 19.71 0.37 2.36
N TYR B 104 20.19 0.40 3.60
CA TYR B 104 21.52 0.89 3.94
C TYR B 104 22.39 -0.34 4.08
N ASN B 105 23.45 -0.35 3.31
CA ASN B 105 24.33 -1.46 3.24
C ASN B 105 23.52 -2.62 2.79
N GLY B 106 23.73 -3.75 3.46
CA GLY B 106 23.03 -4.98 3.13
C GLY B 106 21.52 -5.03 3.32
N GLN B 107 21.08 -4.53 4.48
CA GLN B 107 19.68 -4.67 4.88
C GLN B 107 18.75 -3.46 4.75
N ASN B 108 17.54 -3.72 4.25
CA ASN B 108 16.55 -2.67 4.08
C ASN B 108 16.25 -2.05 5.41
N GLU B 109 15.90 -0.75 5.42
CA GLU B 109 15.73 -0.03 6.66
C GLU B 109 14.43 0.71 6.57
N THR B 110 13.61 0.65 7.59
CA THR B 110 12.32 1.25 7.56
C THR B 110 12.38 2.74 7.65
N ILE B 111 11.51 3.43 6.94
CA ILE B 111 11.49 4.87 7.00
C ILE B 111 10.17 5.39 7.46
N THR B 112 10.16 6.23 8.48
CA THR B 112 8.92 6.73 9.06
C THR B 112 8.45 8.00 8.38
N ILE B 113 7.15 8.29 8.49
CA ILE B 113 6.58 9.51 7.93
C ILE B 113 7.22 10.77 8.49
N LYS B 114 7.47 10.80 9.79
CA LYS B 114 8.07 11.98 10.40
C LYS B 114 9.49 12.27 9.86
N GLN B 115 10.17 11.22 9.43
CA GLN B 115 11.53 11.34 8.92
C GLN B 115 11.52 11.86 7.50
N LEU B 116 10.35 11.87 6.86
CA LEU B 116 10.26 12.44 5.54
C LEU B 116 10.13 13.93 5.76
N LEU B 117 9.24 14.30 6.69
CA LEU B 117 9.07 15.70 7.09
C LEU B 117 10.43 16.28 7.45
N ALA B 118 11.08 15.64 8.43
CA ALA B 118 12.39 16.01 8.98
C ALA B 118 13.54 16.01 7.98
N GLN B 119 13.38 15.27 6.89
CA GLN B 119 14.40 15.12 5.84
C GLN B 119 15.62 14.33 6.32
N THR B 120 15.40 13.49 7.32
CA THR B 120 16.42 12.64 7.87
C THR B 120 16.35 11.21 7.28
N SER B 121 15.39 11.00 6.40
CA SER B 121 15.13 9.70 5.86
C SER B 121 16.40 8.94 5.48
N GLY B 122 17.40 9.62 4.96
CA GLY B 122 18.54 8.89 4.48
C GLY B 122 18.59 8.84 2.99
N ILE B 123 17.70 9.65 2.41
CA ILE B 123 17.37 9.68 0.99
C ILE B 123 17.97 10.92 0.35
N PRO B 124 18.64 10.69 -0.78
CA PRO B 124 19.46 11.69 -1.47
C PRO B 124 18.70 12.81 -2.18
N SER B 125 19.29 13.99 -2.19
CA SER B 125 18.65 15.18 -2.76
C SER B 125 18.38 15.18 -4.28
N ASP B 126 19.35 14.78 -5.09
CA ASP B 126 19.17 14.94 -6.55
C ASP B 126 20.05 14.09 -7.49
N ILE B 127 19.62 14.09 -8.76
CA ILE B 127 20.36 13.49 -9.87
C ILE B 127 20.94 12.08 -9.73
N THR B 128 20.25 11.24 -8.99
CA THR B 128 20.60 9.84 -8.88
C THR B 128 20.41 9.12 -10.21
N SER B 129 19.30 9.42 -10.87
CA SER B 129 18.96 8.79 -12.15
C SER B 129 18.74 9.77 -13.30
N GLU B 130 17.95 10.80 -13.06
CA GLU B 130 17.49 11.67 -14.15
C GLU B 130 17.54 13.17 -13.87
N ASP B 131 17.53 13.96 -14.96
CA ASP B 131 17.43 15.39 -14.84
C ASP B 131 16.10 15.84 -15.46
N ALA B 132 15.84 15.43 -16.70
CA ALA B 132 14.53 15.60 -17.30
C ALA B 132 13.87 14.27 -17.66
N VAL B 133 14.62 13.41 -18.34
CA VAL B 133 14.12 12.12 -18.83
C VAL B 133 14.99 10.88 -18.70
N THR B 134 14.38 9.77 -18.34
CA THR B 134 15.10 8.52 -18.37
C THR B 134 14.14 7.37 -18.70
N ASN B 135 14.72 6.36 -19.38
CA ASN B 135 14.03 5.13 -19.59
C ASN B 135 12.56 5.22 -19.99
N LYS B 136 11.71 4.48 -19.30
CA LYS B 136 10.26 4.69 -19.48
C LYS B 136 9.96 5.93 -18.62
N ASN B 137 9.76 7.07 -19.24
CA ASN B 137 9.62 8.25 -18.41
C ASN B 137 8.22 8.39 -17.85
N ASN B 138 8.12 7.92 -16.61
CA ASN B 138 6.96 8.09 -15.75
C ASN B 138 7.27 9.44 -15.10
N ARG B 139 6.75 10.48 -15.73
CA ARG B 139 6.78 11.86 -15.25
C ARG B 139 5.89 12.03 -14.06
N LEU B 140 4.86 11.19 -14.01
CA LEU B 140 3.79 11.30 -13.04
C LEU B 140 4.37 11.02 -11.68
N ASN B 141 3.52 11.23 -10.69
CA ASN B 141 3.81 11.21 -9.27
C ASN B 141 4.42 9.95 -8.69
N ASP B 142 4.23 8.82 -9.34
CA ASP B 142 4.71 7.57 -8.78
C ASP B 142 6.20 7.50 -9.04
N VAL B 143 6.93 8.20 -8.19
CA VAL B 143 8.38 8.36 -8.26
C VAL B 143 9.07 7.28 -7.44
N THR B 144 8.28 6.40 -6.84
CA THR B 144 8.81 5.42 -5.92
C THR B 144 9.82 4.53 -6.62
N ARG B 145 9.53 4.16 -7.86
CA ARG B 145 10.45 3.32 -8.62
C ARG B 145 11.81 4.00 -8.72
N ALA B 146 11.81 5.31 -8.88
CA ALA B 146 13.02 6.10 -9.08
C ALA B 146 13.85 6.24 -7.80
N ILE B 147 13.20 6.53 -6.68
CA ILE B 147 13.89 6.67 -5.40
C ILE B 147 14.61 5.36 -5.06
N MET B 148 13.90 4.24 -5.18
CA MET B 148 14.49 2.93 -4.96
C MET B 148 15.47 2.72 -6.11
N GLY B 149 16.52 1.95 -5.87
CA GLY B 149 17.52 1.76 -6.92
C GLY B 149 18.85 2.35 -6.47
N ASP B 150 18.78 3.37 -5.62
CA ASP B 150 19.99 3.90 -4.98
C ASP B 150 19.90 3.82 -3.45
N GLU B 151 21.01 3.39 -2.89
CA GLU B 151 21.17 3.13 -1.47
C GLU B 151 21.04 4.40 -0.62
N LEU B 152 20.50 4.25 0.58
CA LEU B 152 20.36 5.35 1.52
C LEU B 152 21.74 5.87 1.91
N HIS B 153 21.87 7.18 2.15
CA HIS B 153 23.15 7.80 2.52
C HIS B 153 23.57 7.47 3.96
N HIS B 154 22.58 7.25 4.81
CA HIS B 154 22.75 6.84 6.22
C HIS B 154 21.50 6.12 6.66
N LYS B 155 21.53 5.59 7.87
CA LYS B 155 20.38 4.91 8.43
C LYS B 155 19.29 5.99 8.60
N PRO B 156 18.00 5.62 8.43
CA PRO B 156 16.98 6.66 8.55
C PRO B 156 16.92 7.27 9.95
N GLY B 157 16.79 8.58 10.00
CA GLY B 157 16.70 9.32 11.28
C GLY B 157 18.04 9.83 11.76
N GLU B 158 19.10 9.41 11.06
CA GLU B 158 20.47 9.74 11.39
C GLU B 158 20.90 11.17 11.06
N GLU B 159 20.80 11.56 9.78
CA GLU B 159 21.27 12.89 9.37
C GLU B 159 20.34 13.62 8.38
N PHE B 160 20.37 14.94 8.44
CA PHE B 160 19.59 15.79 7.55
C PHE B 160 20.25 15.87 6.19
N GLU B 161 19.42 15.79 5.15
CA GLU B 161 19.82 15.91 3.74
C GLU B 161 18.59 16.38 2.99
N TYR B 162 18.65 17.61 2.49
CA TYR B 162 17.53 18.21 1.78
C TYR B 162 17.24 17.52 0.46
N SER B 163 16.04 16.92 0.38
CA SER B 163 15.54 16.26 -0.83
C SER B 163 14.12 16.58 -1.12
N ASN B 164 13.84 16.88 -2.39
CA ASN B 164 12.48 17.09 -2.85
C ASN B 164 11.74 15.78 -2.70
N MET B 165 12.48 14.68 -2.91
CA MET B 165 11.99 13.33 -2.77
C MET B 165 11.22 13.13 -1.46
N ASN B 166 11.73 13.66 -0.36
CA ASN B 166 11.02 13.52 0.91
C ASN B 166 9.60 14.08 0.88
N TYR B 167 9.43 15.24 0.25
CA TYR B 167 8.11 15.85 0.14
C TYR B 167 7.26 15.29 -1.01
N ASP B 168 7.92 14.78 -2.05
CA ASP B 168 7.23 14.11 -3.14
C ASP B 168 6.57 12.87 -2.60
N LEU B 169 7.31 12.11 -1.78
CA LEU B 169 6.79 10.91 -1.14
C LEU B 169 5.67 11.31 -0.22
N LEU B 170 5.88 12.37 0.56
CA LEU B 170 4.84 12.87 1.43
C LEU B 170 3.62 13.15 0.60
N GLY B 171 3.85 13.58 -0.65
CA GLY B 171 2.79 13.86 -1.62
C GLY B 171 1.96 12.61 -1.87
N LEU B 172 2.63 11.50 -2.25
CA LEU B 172 1.95 10.21 -2.43
C LEU B 172 1.11 9.81 -1.23
N ILE B 173 1.66 9.94 -0.03
CA ILE B 173 0.92 9.54 1.14
C ILE B 173 -0.42 10.27 1.20
N ILE B 174 -0.46 11.56 0.85
CA ILE B 174 -1.74 12.27 0.85
C ILE B 174 -2.60 11.65 -0.24
N GLN B 175 -2.04 11.45 -1.42
CA GLN B 175 -2.77 10.85 -2.54
C GLN B 175 -3.33 9.46 -2.22
N ASN B 176 -2.58 8.67 -1.47
CA ASN B 176 -3.03 7.35 -1.10
C ASN B 176 -4.01 7.36 0.07
N VAL B 177 -3.71 8.12 1.12
CA VAL B 177 -4.60 8.16 2.28
C VAL B 177 -5.90 8.87 1.95
N THR B 178 -5.82 9.92 1.15
CA THR B 178 -6.98 10.72 0.80
C THR B 178 -7.80 10.10 -0.34
N LYS B 179 -7.13 9.29 -1.14
CA LYS B 179 -7.73 8.64 -2.31
C LYS B 179 -8.19 9.64 -3.35
N GLN B 180 -7.55 10.80 -3.34
CA GLN B 180 -7.78 11.84 -4.35
C GLN B 180 -6.37 12.21 -4.77
N SER B 181 -6.20 12.65 -6.02
CA SER B 181 -4.90 13.08 -6.50
C SER B 181 -4.45 14.23 -5.61
N TYR B 182 -3.15 14.31 -5.38
CA TYR B 182 -2.54 15.32 -4.52
C TYR B 182 -3.05 16.75 -4.81
N THR B 183 -2.98 17.15 -6.08
CA THR B 183 -3.46 18.43 -6.59
C THR B 183 -4.87 18.67 -6.09
N LYS B 184 -5.73 17.74 -6.49
CA LYS B 184 -7.16 17.74 -6.19
C LYS B 184 -7.45 17.91 -4.68
N TYR B 185 -6.78 17.15 -3.81
CA TYR B 185 -7.01 17.26 -2.36
C TYR B 185 -6.64 18.63 -1.79
N ILE B 186 -5.40 19.05 -2.03
CA ILE B 186 -4.88 20.35 -1.56
C ILE B 186 -5.82 21.50 -1.93
N THR B 187 -6.24 21.48 -3.19
CA THR B 187 -7.16 22.45 -3.73
C THR B 187 -8.46 22.48 -2.96
N ASN B 188 -9.02 21.32 -2.65
CA ASN B 188 -10.35 21.22 -2.03
C ASN B 188 -10.45 21.17 -0.49
N SER B 189 -9.37 20.75 0.16
CA SER B 189 -9.30 20.81 1.61
C SER B 189 -8.56 22.03 2.11
N TRP B 190 -7.68 22.60 1.28
CA TRP B 190 -6.87 23.72 1.71
C TRP B 190 -6.96 25.00 0.91
N LEU B 191 -6.72 24.93 -0.40
CA LEU B 191 -6.66 26.15 -1.21
C LEU B 191 -7.97 26.92 -1.27
N LYS B 192 -9.06 26.19 -1.45
CA LYS B 192 -10.42 26.77 -1.41
C LYS B 192 -10.89 27.22 -0.02
N PRO B 193 -10.79 26.36 0.99
CA PRO B 193 -11.28 26.73 2.31
C PRO B 193 -10.55 27.96 2.83
N LEU B 194 -9.27 28.06 2.50
CA LEU B 194 -8.43 29.19 2.85
C LEU B 194 -8.70 30.39 1.97
N HIS B 195 -9.62 30.23 1.03
CA HIS B 195 -9.96 31.30 0.11
C HIS B 195 -8.96 31.56 -0.98
N MET B 196 -8.02 30.65 -1.17
CA MET B 196 -7.06 30.81 -2.25
C MET B 196 -7.62 30.29 -3.57
N THR B 197 -8.56 31.03 -4.13
CA THR B 197 -9.26 30.63 -5.34
C THR B 197 -8.37 30.49 -6.56
N HIS B 198 -7.40 31.39 -6.67
CA HIS B 198 -6.53 31.51 -7.82
C HIS B 198 -5.47 30.45 -7.85
N THR B 199 -4.98 30.11 -6.67
CA THR B 199 -3.85 29.22 -6.50
C THR B 199 -4.07 27.87 -7.19
N SER B 200 -3.13 27.55 -8.08
CA SER B 200 -3.16 26.37 -8.93
C SER B 200 -1.75 25.78 -9.02
N PHE B 201 -1.65 24.53 -9.47
CA PHE B 201 -0.37 23.85 -9.54
C PHE B 201 0.19 23.95 -10.94
N LYS B 202 1.39 23.48 -11.18
CA LYS B 202 1.93 23.56 -12.52
C LYS B 202 1.88 22.23 -13.22
N GLN B 203 1.13 22.15 -14.30
CA GLN B 203 1.16 20.98 -15.16
C GLN B 203 1.68 21.35 -16.53
N THR B 204 1.58 22.63 -16.85
CA THR B 204 2.08 23.13 -18.11
C THR B 204 3.08 24.22 -17.82
N ASN B 205 4.26 24.10 -18.43
CA ASN B 205 5.34 25.07 -18.20
C ASN B 205 5.00 26.48 -18.65
N ASN B 206 4.40 26.59 -19.82
CA ASN B 206 4.00 27.89 -20.34
C ASN B 206 2.81 28.48 -19.61
N LYS B 207 2.85 29.78 -19.37
CA LYS B 207 1.72 30.48 -18.77
C LYS B 207 0.90 31.39 -19.66
N SER B 208 -0.14 31.98 -19.07
CA SER B 208 -0.98 32.92 -19.78
C SER B 208 -1.70 33.83 -18.79
N LYS B 209 -1.93 35.06 -19.22
CA LYS B 209 -2.62 35.99 -18.39
C LYS B 209 -1.87 36.25 -17.10
N HIS B 210 -2.51 36.00 -15.98
CA HIS B 210 -1.91 36.34 -14.72
C HIS B 210 -0.56 35.74 -14.46
N ASP B 211 -0.27 34.63 -15.11
CA ASP B 211 0.94 33.85 -14.84
C ASP B 211 2.18 34.58 -15.34
N ALA B 212 3.11 34.85 -14.41
CA ALA B 212 4.36 35.53 -14.74
C ALA B 212 5.33 34.61 -15.47
N ILE B 213 6.03 35.17 -16.46
CA ILE B 213 6.98 34.41 -17.27
C ILE B 213 8.30 34.24 -16.53
N GLY B 214 8.86 33.03 -16.60
CA GLY B 214 10.12 32.71 -15.93
C GLY B 214 11.32 33.21 -16.71
N TYR B 215 12.23 33.87 -16.00
CA TYR B 215 13.42 34.46 -16.62
C TYR B 215 14.78 34.06 -16.04
N GLU B 216 15.72 33.82 -16.96
CA GLU B 216 17.12 33.56 -16.66
C GLU B 216 17.90 34.54 -17.49
N LEU B 217 18.76 35.32 -16.85
CA LEU B 217 19.50 36.38 -17.53
C LEU B 217 20.82 35.97 -18.18
N GLN B 218 21.03 36.41 -19.41
CA GLN B 218 22.30 36.25 -20.09
C GLN B 218 23.00 37.59 -19.96
N GLY B 219 24.20 37.59 -19.41
CA GLY B 219 24.85 38.84 -19.08
C GLY B 219 23.89 39.50 -18.11
N SER B 220 23.54 40.76 -18.35
CA SER B 220 22.53 41.40 -17.55
C SER B 220 21.18 41.52 -18.27
N THR B 221 21.07 40.95 -19.46
CA THR B 221 19.78 41.01 -20.14
C THR B 221 18.92 39.75 -19.87
N PRO B 222 17.72 39.93 -19.29
CA PRO B 222 16.83 38.78 -19.00
C PRO B 222 16.25 38.10 -20.24
N VAL B 223 16.38 36.78 -20.31
CA VAL B 223 15.88 35.95 -21.42
C VAL B 223 14.74 35.05 -20.91
N VAL B 224 13.76 34.75 -21.77
CA VAL B 224 12.64 33.87 -21.36
C VAL B 224 13.17 32.45 -21.08
N SER B 225 12.63 31.83 -20.03
CA SER B 225 13.09 30.49 -19.66
C SER B 225 11.97 29.52 -19.41
N LYS B 226 12.11 28.35 -20.04
CA LYS B 226 11.18 27.25 -19.85
C LYS B 226 12.05 26.08 -19.39
N PRO B 227 12.11 25.81 -18.06
CA PRO B 227 12.90 24.66 -17.64
C PRO B 227 12.05 23.40 -17.68
N GLU B 228 12.54 22.35 -18.34
CA GLU B 228 11.81 21.09 -18.41
C GLU B 228 11.68 20.57 -16.97
N PHE B 229 10.58 19.88 -16.68
CA PHE B 229 10.36 19.40 -15.32
C PHE B 229 9.65 18.05 -15.24
N ASN B 230 9.72 17.45 -14.06
CA ASN B 230 9.08 16.17 -13.76
C ASN B 230 7.91 16.45 -12.86
N LEU B 231 6.76 15.86 -13.18
CA LEU B 231 5.54 16.10 -12.41
C LEU B 231 5.52 15.62 -10.96
N TRP B 232 6.29 14.57 -10.65
CA TRP B 232 6.31 14.06 -9.26
C TRP B 232 6.83 15.07 -8.24
N ASP B 233 7.51 16.10 -8.72
CA ASP B 233 8.05 17.15 -7.88
C ASP B 233 7.02 18.20 -7.44
N THR B 234 5.79 18.10 -7.94
CA THR B 234 4.73 19.06 -7.57
C THR B 234 4.46 19.28 -6.07
N PRO B 235 4.60 18.23 -5.22
CA PRO B 235 4.30 18.52 -3.82
C PRO B 235 5.38 19.35 -3.13
N SER B 236 6.57 19.37 -3.73
CA SER B 236 7.66 20.15 -3.18
C SER B 236 7.88 21.52 -3.83
N ALA B 237 7.87 21.59 -5.16
CA ALA B 237 8.24 22.84 -5.83
C ALA B 237 7.33 23.47 -6.88
N TYR B 238 6.24 22.80 -7.25
CA TYR B 238 5.45 23.29 -8.38
C TYR B 238 4.10 23.95 -8.12
N MET B 239 3.81 24.36 -6.91
CA MET B 239 2.62 25.18 -6.66
C MET B 239 2.82 26.56 -7.25
N MET B 240 1.77 27.12 -7.83
CA MET B 240 1.83 28.47 -8.38
C MET B 240 0.79 29.34 -7.68
N THR B 241 1.20 30.52 -7.23
CA THR B 241 0.27 31.39 -6.52
C THR B 241 0.61 32.86 -6.65
N SER B 242 -0.39 33.70 -6.40
CA SER B 242 -0.28 35.13 -6.45
C SER B 242 -0.04 35.60 -5.02
N THR B 243 0.18 36.89 -4.87
CA THR B 243 0.45 37.46 -3.57
C THR B 243 -0.86 37.68 -2.81
N GLU B 244 -1.95 37.93 -3.54
CA GLU B 244 -3.23 38.18 -2.90
C GLU B 244 -3.78 36.93 -2.22
N ASP B 245 -3.47 35.76 -2.76
CA ASP B 245 -3.89 34.49 -2.16
C ASP B 245 -3.04 34.29 -0.92
N LEU B 246 -1.73 34.45 -1.07
CA LEU B 246 -0.80 34.26 0.03
C LEU B 246 -1.16 35.04 1.31
N GLU B 247 -1.93 36.12 1.17
CA GLU B 247 -2.36 36.91 2.33
C GLU B 247 -3.03 35.97 3.32
N HIS B 248 -3.81 35.03 2.80
CA HIS B 248 -4.55 34.07 3.61
C HIS B 248 -3.59 33.06 4.27
N TRP B 249 -2.65 32.52 3.48
CA TRP B 249 -1.67 31.56 3.96
C TRP B 249 -0.77 32.17 5.03
N ILE B 250 -0.44 33.44 4.88
CA ILE B 250 0.40 34.11 5.86
C ILE B 250 -0.41 34.43 7.12
N LYS B 251 -1.62 34.95 6.95
CA LYS B 251 -2.48 35.27 8.11
C LYS B 251 -2.78 34.03 8.95
N PHE B 252 -3.15 32.96 8.24
CA PHE B 252 -3.49 31.67 8.84
C PHE B 252 -2.36 31.15 9.69
N GLN B 253 -1.14 31.29 9.18
CA GLN B 253 0.06 30.83 9.84
C GLN B 253 0.41 31.71 11.07
N LEU B 254 0.36 33.02 10.87
CA LEU B 254 0.69 33.97 11.94
C LEU B 254 -0.29 33.90 13.09
N ASN B 255 -1.57 34.02 12.77
CA ASN B 255 -2.60 33.98 13.80
C ASN B 255 -3.79 33.10 13.39
N PRO B 256 -3.71 31.81 13.71
CA PRO B 256 -4.69 30.82 13.30
C PRO B 256 -5.91 30.70 14.23
N PRO B 257 -7.00 30.16 13.70
CA PRO B 257 -8.19 29.87 14.50
C PRO B 257 -7.81 28.81 15.52
N ASP B 258 -8.43 28.86 16.70
CA ASP B 258 -8.07 27.98 17.79
C ASP B 258 -7.98 26.50 17.44
N LYS B 259 -8.91 26.01 16.63
CA LYS B 259 -8.89 24.61 16.23
C LYS B 259 -7.64 24.25 15.44
N TYR B 260 -7.22 25.14 14.55
CA TYR B 260 -6.04 24.89 13.72
C TYR B 260 -4.73 25.31 14.37
N LYS B 261 -4.83 25.96 15.51
CA LYS B 261 -3.67 26.52 16.18
C LYS B 261 -2.64 25.51 16.66
N SER B 262 -3.09 24.42 17.25
CA SER B 262 -2.15 23.40 17.70
C SER B 262 -1.44 22.77 16.51
N LEU B 263 -2.19 22.56 15.45
CA LEU B 263 -1.67 21.97 14.22
C LEU B 263 -0.60 22.86 13.63
N VAL B 264 -0.84 24.15 13.71
CA VAL B 264 0.05 25.17 13.14
C VAL B 264 1.34 25.26 13.96
N GLN B 265 1.23 25.14 15.27
CA GLN B 265 2.38 25.17 16.14
C GLN B 265 3.28 23.96 15.90
N GLN B 266 2.68 22.81 15.68
CA GLN B 266 3.44 21.61 15.40
C GLN B 266 4.08 21.77 14.03
N SER B 267 3.35 22.42 13.13
CA SER B 267 3.80 22.72 11.78
C SER B 267 5.20 23.31 11.92
N HIS B 268 5.38 24.22 12.88
CA HIS B 268 6.66 24.91 13.12
C HIS B 268 7.57 24.29 14.18
N LYS B 269 7.27 23.09 14.64
CA LYS B 269 8.09 22.46 15.66
C LYS B 269 9.37 21.98 15.02
N ASN B 270 10.48 22.03 15.75
CA ASN B 270 11.75 21.58 15.22
C ASN B 270 11.88 20.09 15.29
N LEU B 271 12.24 19.51 14.14
CA LEU B 271 12.37 18.07 13.93
C LEU B 271 13.74 17.50 13.64
N SER B 272 14.59 18.31 13.01
CA SER B 272 15.96 17.96 12.68
C SER B 272 16.75 19.25 12.50
N SER B 273 18.07 19.17 12.56
CA SER B 273 18.90 20.39 12.49
C SER B 273 19.67 20.57 11.19
N THR B 274 19.70 21.81 10.70
CA THR B 274 20.37 22.13 9.43
C THR B 274 21.63 22.94 9.69
N ILE B 275 22.70 22.51 9.05
CA ILE B 275 23.97 23.22 9.16
C ILE B 275 24.12 24.21 8.01
N GLY B 276 23.69 23.80 6.82
CA GLY B 276 23.81 24.60 5.61
C GLY B 276 23.00 25.87 5.44
N GLU B 277 21.77 25.90 5.96
CA GLU B 277 20.92 27.09 5.79
C GLU B 277 21.53 28.24 6.56
N PRO B 278 21.45 29.46 6.00
CA PRO B 278 22.20 30.55 6.61
C PRO B 278 21.58 31.19 7.85
N ASN B 279 20.28 31.42 7.87
CA ASN B 279 19.69 32.02 9.05
C ASN B 279 19.00 31.03 9.96
N ALA B 280 19.16 29.74 9.67
CA ALA B 280 18.43 28.71 10.41
C ALA B 280 19.31 27.62 11.00
N ASN B 281 18.92 27.18 12.18
CA ASN B 281 19.56 26.07 12.88
C ASN B 281 18.88 24.71 12.68
N ALA B 282 17.57 24.73 12.42
CA ALA B 282 16.79 23.49 12.28
C ALA B 282 15.71 23.50 11.18
N TYR B 283 15.10 22.34 10.96
CA TYR B 283 14.03 22.19 10.00
C TYR B 283 12.72 21.74 10.65
N ALA B 284 11.67 22.52 10.41
CA ALA B 284 10.31 22.16 10.78
C ALA B 284 9.71 21.39 9.61
N SER B 285 8.41 21.14 9.65
CA SER B 285 7.79 20.48 8.52
C SER B 285 7.53 21.51 7.44
N GLY B 286 8.39 21.52 6.43
CA GLY B 286 8.28 22.43 5.31
C GLY B 286 8.71 23.85 5.58
N TRP B 287 9.38 24.07 6.72
CA TRP B 287 9.79 25.39 7.13
C TRP B 287 11.13 25.32 7.84
N PHE B 288 12.02 26.28 7.53
CA PHE B 288 13.29 26.41 8.25
C PHE B 288 13.06 27.24 9.50
N THR B 289 13.75 26.90 10.58
CA THR B 289 13.47 27.48 11.87
C THR B 289 14.64 28.07 12.63
N ASN B 290 14.46 29.25 13.19
CA ASN B 290 15.45 29.85 14.05
C ASN B 290 14.70 30.20 15.32
N ASN B 291 14.93 29.44 16.40
CA ASN B 291 14.22 29.64 17.66
C ASN B 291 14.50 30.94 18.37
N ASP B 292 15.77 31.34 18.38
CA ASP B 292 16.23 32.49 19.12
C ASP B 292 15.69 33.81 18.57
N GLU B 293 15.64 33.93 17.26
CA GLU B 293 15.16 35.15 16.64
C GLU B 293 13.66 35.08 16.38
N HIS B 294 13.05 33.98 16.80
CA HIS B 294 11.61 33.78 16.74
C HIS B 294 11.00 33.79 15.37
N LEU B 295 11.68 33.27 14.37
CA LEU B 295 11.13 33.28 13.02
C LEU B 295 11.15 31.92 12.34
N VAL B 296 10.25 31.78 11.38
CA VAL B 296 10.05 30.55 10.64
C VAL B 296 9.98 30.99 9.19
N PHE B 297 10.81 30.40 8.33
CA PHE B 297 10.85 30.82 6.95
C PHE B 297 11.28 29.70 6.02
N HIS B 298 11.22 29.99 4.73
CA HIS B 298 11.72 29.07 3.74
C HIS B 298 12.00 29.86 2.49
N SER B 299 12.94 29.37 1.70
CA SER B 299 13.26 29.98 0.44
C SER B 299 13.02 29.00 -0.70
N GLY B 300 12.44 29.50 -1.79
CA GLY B 300 12.20 28.65 -2.94
C GLY B 300 12.89 29.19 -4.16
N THR B 301 13.67 28.34 -4.83
CA THR B 301 14.38 28.73 -6.05
C THR B 301 14.23 27.67 -7.12
N LEU B 302 14.02 28.12 -8.35
CA LEU B 302 13.99 27.25 -9.52
C LEU B 302 14.87 27.99 -10.51
N ASP B 303 15.15 27.39 -11.66
CA ASP B 303 16.01 28.06 -12.63
C ASP B 303 15.50 29.47 -12.94
N ASN B 304 14.19 29.61 -13.14
CA ASN B 304 13.63 30.90 -13.52
C ASN B 304 12.75 31.62 -12.51
N PHE B 305 12.76 31.16 -11.27
CA PHE B 305 11.98 31.82 -10.19
C PHE B 305 12.73 31.83 -8.85
N SER B 306 12.29 32.71 -7.96
CA SER B 306 12.87 32.80 -6.62
C SER B 306 11.72 33.20 -5.74
N SER B 307 11.70 32.70 -4.51
CA SER B 307 10.61 33.02 -3.63
C SER B 307 11.06 33.00 -2.20
N PHE B 308 10.39 33.78 -1.34
CA PHE B 308 10.76 33.78 0.05
C PHE B 308 9.57 34.08 0.92
N ILE B 309 9.41 33.30 1.98
CA ILE B 309 8.35 33.56 2.96
C ILE B 309 8.99 33.59 4.34
N LEU B 310 8.86 34.73 5.02
CA LEU B 310 9.38 34.89 6.37
C LEU B 310 8.23 35.15 7.33
N LEU B 311 8.21 34.42 8.44
CA LEU B 311 7.14 34.57 9.41
C LEU B 311 7.67 34.81 10.80
N ASN B 312 7.06 35.74 11.51
CA ASN B 312 7.44 36.02 12.88
C ASN B 312 6.19 35.96 13.73
N PRO B 313 5.82 34.75 14.14
CA PRO B 313 4.54 34.55 14.84
C PRO B 313 4.56 35.38 16.09
N LYS B 314 5.78 35.54 16.69
CA LYS B 314 5.87 36.49 17.77
C LYS B 314 6.05 37.79 17.01
N GLN B 315 5.28 38.79 17.40
CA GLN B 315 5.31 40.09 16.76
C GLN B 315 4.35 40.10 15.59
N ASN B 316 3.81 38.93 15.28
CA ASN B 316 2.71 38.81 14.35
C ASN B 316 2.92 39.47 13.01
N TYR B 317 4.12 39.33 12.44
CA TYR B 317 4.40 39.94 11.15
C TYR B 317 5.04 38.98 10.14
N GLY B 318 4.81 39.23 8.85
CA GLY B 318 5.38 38.40 7.80
C GLY B 318 5.68 39.13 6.50
N ILE B 319 6.67 38.63 5.77
CA ILE B 319 7.11 39.21 4.48
C ILE B 319 7.12 38.14 3.40
N VAL B 320 6.71 38.51 2.18
CA VAL B 320 6.73 37.58 1.06
C VAL B 320 7.31 38.25 -0.18
N VAL B 321 8.21 37.56 -0.86
CA VAL B 321 8.81 38.09 -2.07
C VAL B 321 8.72 37.00 -3.11
N LEU B 322 8.21 37.32 -4.29
CA LEU B 322 8.07 36.34 -5.36
C LEU B 322 8.58 36.99 -6.63
N ALA B 323 9.50 36.35 -7.32
CA ALA B 323 10.10 36.94 -8.49
C ALA B 323 10.24 36.03 -9.66
N ASN B 324 10.36 36.60 -10.84
CA ASN B 324 10.43 35.85 -12.05
C ASN B 324 11.84 35.59 -12.44
N LEU B 325 12.75 35.77 -11.51
CA LEU B 325 14.13 35.47 -11.78
C LEU B 325 14.77 34.85 -10.57
N ASN B 326 15.69 33.94 -10.80
CA ASN B 326 16.43 33.33 -9.69
C ASN B 326 17.64 34.18 -9.28
N SER B 327 17.59 34.86 -8.14
CA SER B 327 18.76 35.67 -7.72
C SER B 327 19.03 35.81 -6.22
N GLU B 328 20.29 35.93 -5.85
CA GLU B 328 20.64 35.96 -4.45
C GLU B 328 19.91 37.15 -3.84
N TYR B 329 19.63 38.15 -4.67
CA TYR B 329 19.05 39.40 -4.18
C TYR B 329 17.67 39.31 -3.54
N VAL B 330 16.94 38.24 -3.88
CA VAL B 330 15.60 37.97 -3.33
C VAL B 330 15.65 37.76 -1.81
N PRO B 331 16.57 36.88 -1.33
CA PRO B 331 16.70 36.71 0.11
C PRO B 331 17.25 37.97 0.76
N LYS B 332 17.99 38.77 -0.03
CA LYS B 332 18.53 40.02 0.47
C LYS B 332 17.43 41.07 0.66
N LEU B 333 16.56 41.21 -0.34
CA LEU B 333 15.45 42.16 -0.27
C LEU B 333 14.54 41.97 0.95
N VAL B 334 14.30 40.71 1.31
CA VAL B 334 13.49 40.41 2.50
C VAL B 334 14.28 40.71 3.76
N GLU B 335 15.61 40.57 3.67
CA GLU B 335 16.48 40.89 4.79
C GLU B 335 16.34 42.37 5.14
N HIS B 336 16.29 43.22 4.11
CA HIS B 336 16.13 44.68 4.29
C HIS B 336 14.72 45.06 4.75
N LEU B 337 13.72 44.38 4.19
CA LEU B 337 12.32 44.64 4.54
C LEU B 337 12.03 44.23 5.98
N ASN B 338 12.70 43.18 6.43
CA ASN B 338 12.58 42.72 7.80
C ASN B 338 13.12 43.78 8.74
N THR B 339 14.12 44.53 8.26
CA THR B 339 14.75 45.60 9.05
C THR B 339 13.78 46.77 9.26
N GLN B 340 12.92 47.01 8.27
CA GLN B 340 11.92 48.07 8.36
C GLN B 340 10.84 47.86 9.44
N ILE B 341 10.77 46.65 9.99
CA ILE B 341 9.84 46.33 11.08
C ILE B 341 10.60 45.76 12.27
N THR C 5 40.79 -12.31 -12.36
CA THR C 5 41.84 -11.29 -12.08
C THR C 5 41.95 -11.05 -10.57
N ARG C 6 43.06 -10.45 -10.14
CA ARG C 6 43.30 -10.14 -8.72
C ARG C 6 42.65 -8.79 -8.42
N LEU C 7 41.66 -8.79 -7.54
CA LEU C 7 40.93 -7.56 -7.15
C LEU C 7 41.15 -7.21 -5.68
N THR C 8 41.45 -5.94 -5.44
CA THR C 8 41.50 -5.37 -4.11
C THR C 8 40.83 -4.02 -4.21
N ASN C 9 40.01 -3.68 -3.22
CA ASN C 9 39.32 -2.39 -3.27
C ASN C 9 39.72 -1.39 -2.16
N ASP C 10 40.87 -1.61 -1.53
CA ASP C 10 41.40 -0.71 -0.50
C ASP C 10 42.84 -0.28 -0.79
N SER C 11 43.24 0.93 -0.37
CA SER C 11 44.52 1.48 -0.79
C SER C 11 45.74 0.84 -0.14
N GLN C 12 45.65 0.65 1.16
CA GLN C 12 46.73 -0.04 1.84
C GLN C 12 46.17 -1.13 2.72
N GLN C 13 46.56 -2.37 2.46
CA GLN C 13 46.18 -3.48 3.31
C GLN C 13 47.37 -4.38 3.58
N GLN C 14 47.53 -4.75 4.85
CA GLN C 14 48.55 -5.66 5.30
C GLN C 14 47.91 -7.03 5.33
N ILE C 15 46.74 -7.11 4.73
CA ILE C 15 45.88 -8.28 4.78
C ILE C 15 46.63 -9.48 4.24
N ASP C 16 47.46 -9.24 3.23
CA ASP C 16 48.19 -10.34 2.64
C ASP C 16 49.04 -10.98 3.72
N LYS C 17 49.62 -10.16 4.57
CA LYS C 17 50.42 -10.71 5.68
C LYS C 17 49.66 -11.69 6.57
N ILE C 18 48.36 -11.45 6.75
CA ILE C 18 47.55 -12.32 7.62
C ILE C 18 47.33 -13.69 7.00
N ILE C 19 46.99 -13.70 5.70
CA ILE C 19 46.80 -14.95 4.95
C ILE C 19 48.09 -15.78 4.97
N GLU C 20 49.21 -15.14 4.61
CA GLU C 20 50.52 -15.80 4.53
C GLU C 20 50.95 -16.43 5.84
N HIS C 21 50.81 -15.69 6.94
CA HIS C 21 51.15 -16.20 8.27
C HIS C 21 50.38 -17.50 8.55
N ASP C 22 49.06 -17.44 8.37
CA ASP C 22 48.16 -18.58 8.58
C ASP C 22 48.42 -19.77 7.65
N LEU C 23 48.82 -19.45 6.41
CA LEU C 23 49.20 -20.48 5.43
C LEU C 23 50.49 -21.16 5.86
N GLN C 24 51.50 -20.35 6.17
CA GLN C 24 52.81 -20.83 6.62
C GLN C 24 52.64 -21.81 7.78
N LYS C 25 51.95 -21.36 8.82
CA LYS C 25 51.68 -22.17 10.01
C LYS C 25 51.03 -23.54 9.77
N GLY C 26 50.08 -23.59 8.85
CA GLY C 26 49.40 -24.85 8.50
C GLY C 26 50.11 -25.60 7.38
N HIS C 27 51.20 -25.02 6.88
CA HIS C 27 52.01 -25.57 5.79
C HIS C 27 51.34 -25.63 4.43
N ILE C 28 50.18 -25.00 4.33
CA ILE C 28 49.40 -24.97 3.09
C ILE C 28 50.22 -24.44 1.91
N PRO C 29 50.36 -25.26 0.85
CA PRO C 29 51.11 -24.90 -0.34
C PRO C 29 50.53 -23.68 -1.02
N GLY C 30 49.20 -23.66 -1.18
CA GLY C 30 48.50 -22.55 -1.84
C GLY C 30 47.01 -22.44 -1.58
N ALA C 31 46.46 -21.24 -1.78
CA ALA C 31 45.05 -20.99 -1.53
C ALA C 31 44.53 -19.73 -2.20
N SER C 32 43.24 -19.74 -2.54
CA SER C 32 42.57 -18.56 -3.11
C SER C 32 41.57 -18.06 -2.07
N ILE C 33 41.56 -16.74 -1.85
CA ILE C 33 40.68 -16.17 -0.84
C ILE C 33 39.74 -15.12 -1.43
N LEU C 34 38.45 -15.26 -1.12
CA LEU C 34 37.44 -14.33 -1.60
C LEU C 34 36.68 -13.64 -0.48
N ILE C 35 36.61 -12.31 -0.54
CA ILE C 35 35.80 -11.52 0.37
C ILE C 35 34.85 -10.64 -0.45
N VAL C 36 33.56 -10.85 -0.26
CA VAL C 36 32.58 -9.99 -0.87
C VAL C 36 32.02 -9.25 0.30
N LYS C 37 32.17 -7.94 0.28
CA LYS C 37 31.67 -7.15 1.38
C LYS C 37 30.76 -6.11 0.77
N ASN C 38 29.66 -5.79 1.43
CA ASN C 38 28.73 -4.88 0.81
C ASN C 38 28.27 -5.47 -0.52
N GLY C 39 28.13 -4.61 -1.52
CA GLY C 39 27.73 -5.02 -2.85
C GLY C 39 28.68 -5.90 -3.65
N LYS C 40 29.96 -5.50 -3.63
CA LYS C 40 30.97 -6.13 -4.45
C LYS C 40 32.17 -6.70 -3.73
N VAL C 41 33.02 -7.40 -4.46
CA VAL C 41 34.12 -8.12 -3.85
C VAL C 41 35.28 -7.20 -3.50
N PHE C 42 35.60 -7.13 -2.22
CA PHE C 42 36.78 -6.42 -1.74
C PHE C 42 38.10 -7.06 -2.12
N LEU C 43 38.14 -8.39 -2.05
CA LEU C 43 39.35 -9.14 -2.30
C LEU C 43 39.08 -10.50 -2.90
N ASN C 44 39.74 -10.76 -4.02
CA ASN C 44 39.68 -12.04 -4.68
C ASN C 44 41.12 -12.21 -5.16
N LYS C 45 41.87 -13.01 -4.41
CA LYS C 45 43.29 -13.20 -4.67
C LYS C 45 43.73 -14.59 -4.23
N GLY C 46 44.80 -15.07 -4.86
CA GLY C 46 45.36 -16.38 -4.56
C GLY C 46 46.76 -16.23 -4.00
N TYR C 47 47.13 -17.16 -3.13
CA TYR C 47 48.43 -17.15 -2.49
C TYR C 47 49.03 -18.56 -2.54
N GLY C 48 50.34 -18.62 -2.61
CA GLY C 48 51.03 -19.91 -2.61
C GLY C 48 51.06 -20.57 -3.97
N TYR C 49 51.14 -21.89 -3.97
CA TYR C 49 51.25 -22.64 -5.22
C TYR C 49 50.08 -23.57 -5.52
N GLN C 50 49.62 -23.47 -6.76
CA GLN C 50 48.56 -24.30 -7.30
C GLN C 50 49.14 -25.71 -7.47
N ASP C 51 50.35 -25.74 -8.03
CA ASP C 51 51.15 -26.96 -8.19
C ASP C 51 52.57 -26.56 -7.78
N VAL C 52 53.07 -27.20 -6.73
CA VAL C 52 54.39 -26.89 -6.19
C VAL C 52 55.53 -27.30 -7.14
N ASP C 53 55.40 -28.46 -7.77
CA ASP C 53 56.42 -28.97 -8.71
C ASP C 53 56.80 -28.02 -9.83
N LYS C 54 55.81 -27.57 -10.60
CA LYS C 54 56.08 -26.57 -11.65
C LYS C 54 56.10 -25.15 -11.13
N LYS C 55 55.87 -24.98 -9.83
CA LYS C 55 55.83 -23.65 -9.20
C LYS C 55 54.88 -22.70 -9.95
N VAL C 56 53.70 -23.22 -10.28
CA VAL C 56 52.67 -22.42 -10.94
C VAL C 56 51.92 -21.70 -9.80
N LYS C 57 51.64 -20.42 -10.00
CA LYS C 57 51.05 -19.59 -8.96
C LYS C 57 49.56 -19.78 -8.72
N ALA C 58 49.15 -19.70 -7.44
CA ALA C 58 47.73 -19.77 -7.07
C ALA C 58 47.07 -18.46 -7.50
N SER C 59 45.88 -18.61 -8.10
CA SER C 59 45.14 -17.52 -8.73
C SER C 59 43.65 -17.58 -8.38
N PRO C 60 42.91 -16.45 -8.61
CA PRO C 60 41.46 -16.46 -8.45
C PRO C 60 40.77 -17.44 -9.40
N THR C 61 41.48 -17.88 -10.44
CA THR C 61 40.95 -18.81 -11.45
C THR C 61 41.37 -20.28 -11.21
N THR C 62 41.93 -20.55 -10.04
CA THR C 62 42.39 -21.88 -9.67
C THR C 62 41.19 -22.71 -9.26
N LYS C 63 41.13 -23.96 -9.71
CA LYS C 63 40.01 -24.82 -9.31
C LYS C 63 40.34 -25.85 -8.22
N TYR C 64 39.68 -25.68 -7.08
CA TYR C 64 39.88 -26.56 -5.92
C TYR C 64 38.66 -27.45 -5.72
N GLU C 65 38.87 -28.64 -5.17
CA GLU C 65 37.76 -29.51 -4.86
C GLU C 65 37.13 -28.94 -3.58
N ILE C 66 35.96 -28.30 -3.76
CA ILE C 66 35.26 -27.64 -2.67
C ILE C 66 34.62 -28.62 -1.69
N ALA C 67 34.55 -29.88 -2.08
CA ALA C 67 34.08 -30.89 -1.15
C ALA C 67 32.67 -30.63 -0.69
N SER C 68 32.48 -30.63 0.61
CA SER C 68 31.15 -30.60 1.19
C SER C 68 30.47 -29.32 0.76
N ASN C 69 31.26 -28.32 0.43
CA ASN C 69 30.71 -27.03 0.00
C ASN C 69 29.80 -27.16 -1.21
N THR C 70 29.90 -28.32 -1.85
CA THR C 70 29.07 -28.67 -2.99
C THR C 70 27.60 -28.74 -2.63
N LYS C 71 27.31 -29.28 -1.45
CA LYS C 71 25.97 -29.58 -1.01
C LYS C 71 25.04 -28.39 -1.13
N ALA C 72 25.55 -27.22 -0.80
CA ALA C 72 24.73 -26.02 -0.75
C ALA C 72 24.00 -25.89 -2.09
N PHE C 73 24.70 -26.21 -3.19
CA PHE C 73 24.12 -26.22 -4.54
C PHE C 73 23.03 -27.30 -4.70
N THR C 74 23.34 -28.55 -4.33
CA THR C 74 22.37 -29.65 -4.37
C THR C 74 21.05 -29.30 -3.65
N GLY C 75 21.14 -28.68 -2.49
CA GLY C 75 19.96 -28.32 -1.72
C GLY C 75 19.17 -27.20 -2.38
N LEU C 76 19.88 -26.23 -2.94
CA LEU C 76 19.20 -25.13 -3.59
C LEU C 76 18.45 -25.70 -4.79
N ALA C 77 19.13 -26.57 -5.54
CA ALA C 77 18.56 -27.24 -6.69
C ALA C 77 17.24 -27.91 -6.32
N ILE C 78 17.27 -28.83 -5.35
CA ILE C 78 16.04 -29.48 -4.87
C ILE C 78 15.00 -28.40 -4.56
N LEU C 79 15.37 -27.47 -3.70
CA LEU C 79 14.46 -26.40 -3.33
C LEU C 79 13.85 -25.67 -4.50
N LYS C 80 14.60 -25.56 -5.61
CA LYS C 80 14.04 -24.89 -6.79
C LYS C 80 12.92 -25.78 -7.29
N LEU C 81 13.23 -27.05 -7.57
CA LEU C 81 12.26 -28.02 -8.09
C LEU C 81 11.00 -28.11 -7.23
N ALA C 82 11.13 -27.88 -5.93
CA ALA C 82 9.98 -27.88 -5.04
C ALA C 82 9.08 -26.70 -5.37
N GLN C 83 9.70 -25.58 -5.73
CA GLN C 83 9.00 -24.35 -6.09
C GLN C 83 8.37 -24.56 -7.49
N GLU C 84 9.13 -25.19 -8.39
CA GLU C 84 8.69 -25.49 -9.75
C GLU C 84 7.50 -26.46 -9.80
N GLY C 85 7.13 -26.98 -8.64
CA GLY C 85 6.05 -27.95 -8.57
C GLY C 85 6.48 -29.34 -9.01
N ARG C 86 7.71 -29.47 -9.54
CA ARG C 86 8.23 -30.77 -9.98
C ARG C 86 8.38 -31.80 -8.85
N LEU C 87 8.31 -31.33 -7.62
CA LEU C 87 8.29 -32.18 -6.43
C LEU C 87 7.77 -31.41 -5.23
N ASN C 88 7.43 -32.17 -4.19
CA ASN C 88 7.01 -31.59 -2.96
C ASN C 88 8.19 -31.89 -2.03
N LEU C 89 8.17 -31.38 -0.80
CA LEU C 89 9.27 -31.68 0.13
C LEU C 89 8.91 -32.78 1.10
N ASN C 90 7.62 -32.99 1.30
CA ASN C 90 7.13 -34.01 2.21
C ASN C 90 6.98 -35.37 1.56
N ASP C 91 7.10 -35.44 0.23
CA ASP C 91 6.94 -36.72 -0.43
C ASP C 91 8.13 -37.66 -0.25
N ASP C 92 7.79 -38.93 -0.12
CA ASP C 92 8.68 -40.08 0.07
C ASP C 92 9.84 -40.10 -0.93
N VAL C 93 11.00 -40.59 -0.49
CA VAL C 93 12.14 -40.69 -1.39
C VAL C 93 11.94 -41.72 -2.49
N SER C 94 11.14 -42.74 -2.18
CA SER C 94 10.94 -43.94 -3.00
C SER C 94 10.01 -43.81 -4.18
N LYS C 95 9.57 -42.60 -4.47
CA LYS C 95 8.62 -42.43 -5.57
C LYS C 95 9.40 -41.90 -6.74
N HIS C 96 10.40 -41.09 -6.41
CA HIS C 96 11.28 -40.52 -7.40
C HIS C 96 12.36 -41.52 -7.60
N VAL C 97 12.29 -42.57 -6.81
CA VAL C 97 13.27 -43.63 -6.84
C VAL C 97 12.53 -44.93 -7.13
N PRO C 98 13.01 -45.71 -8.09
CA PRO C 98 12.26 -46.88 -8.52
C PRO C 98 12.12 -47.84 -7.35
N HIS C 99 13.21 -48.07 -6.64
CA HIS C 99 13.15 -48.87 -5.45
C HIS C 99 14.02 -48.29 -4.38
N PHE C 100 13.41 -48.00 -3.25
CA PHE C 100 14.14 -47.56 -2.08
C PHE C 100 13.45 -48.10 -0.85
N LYS C 101 14.20 -48.78 0.00
CA LYS C 101 13.68 -49.19 1.27
C LYS C 101 14.78 -49.01 2.28
N MET C 102 14.42 -48.62 3.49
CA MET C 102 15.43 -48.50 4.51
C MET C 102 14.71 -48.79 5.82
N ASN C 103 15.21 -49.77 6.56
CA ASN C 103 14.57 -50.21 7.80
C ASN C 103 15.32 -49.90 9.10
N TYR C 104 14.56 -49.54 10.12
CA TYR C 104 15.14 -49.27 11.42
C TYR C 104 14.65 -50.38 12.32
N ASN C 105 15.59 -51.10 12.90
CA ASN C 105 15.23 -52.26 13.70
C ASN C 105 14.45 -53.25 12.84
N GLY C 106 13.30 -53.68 13.34
CA GLY C 106 12.51 -54.69 12.67
C GLY C 106 11.94 -54.36 11.30
N GLN C 107 11.46 -53.14 11.12
CA GLN C 107 10.70 -52.81 9.92
C GLN C 107 11.19 -51.57 9.18
N ASN C 108 10.87 -51.51 7.90
CA ASN C 108 11.30 -50.40 7.05
C ASN C 108 10.71 -49.07 7.48
N GLU C 109 11.49 -48.01 7.33
CA GLU C 109 11.11 -46.67 7.74
C GLU C 109 11.07 -45.75 6.54
N THR C 110 10.15 -44.79 6.56
CA THR C 110 9.88 -43.96 5.40
C THR C 110 10.54 -42.60 5.55
N ILE C 111 11.33 -42.23 4.55
CA ILE C 111 12.08 -40.99 4.57
C ILE C 111 11.58 -39.96 3.59
N THR C 112 11.42 -38.74 4.04
CA THR C 112 10.92 -37.66 3.18
C THR C 112 12.11 -36.88 2.60
N ILE C 113 11.84 -36.02 1.62
CA ILE C 113 12.89 -35.21 1.02
C ILE C 113 13.45 -34.28 2.10
N LYS C 114 12.55 -33.68 2.88
CA LYS C 114 12.89 -32.73 3.95
C LYS C 114 13.82 -33.37 4.98
N GLN C 115 13.63 -34.67 5.21
CA GLN C 115 14.46 -35.39 6.16
C GLN C 115 15.85 -35.63 5.58
N LEU C 116 15.96 -35.62 4.26
CA LEU C 116 17.26 -35.78 3.63
C LEU C 116 18.05 -34.50 3.75
N LEU C 117 17.42 -33.37 3.39
CA LEU C 117 18.07 -32.06 3.49
C LEU C 117 18.53 -31.74 4.90
N ALA C 118 17.63 -31.98 5.86
CA ALA C 118 17.86 -31.75 7.30
C ALA C 118 18.81 -32.76 7.95
N GLN C 119 19.22 -33.78 7.19
CA GLN C 119 20.11 -34.82 7.68
C GLN C 119 19.50 -35.67 8.79
N THR C 120 18.22 -35.50 9.06
CA THR C 120 17.53 -36.29 10.09
C THR C 120 16.99 -37.62 9.53
N SER C 121 17.41 -37.95 8.31
CA SER C 121 16.98 -39.17 7.58
C SER C 121 17.24 -40.45 8.35
N GLY C 122 18.28 -40.42 9.20
CA GLY C 122 18.66 -41.55 10.04
C GLY C 122 19.68 -42.48 9.42
N ILE C 123 20.19 -42.11 8.26
CA ILE C 123 21.12 -43.00 7.58
C ILE C 123 22.55 -42.76 8.09
N PRO C 124 23.31 -43.84 8.33
CA PRO C 124 24.72 -43.81 8.79
C PRO C 124 25.59 -42.80 8.05
N SER C 125 26.54 -42.21 8.76
CA SER C 125 27.46 -41.20 8.20
C SER C 125 28.32 -41.75 7.06
N ASP C 126 28.59 -43.04 7.11
CA ASP C 126 29.49 -43.69 6.17
C ASP C 126 28.84 -44.91 5.54
N ILE C 127 29.08 -45.09 4.26
CA ILE C 127 28.73 -46.34 3.60
C ILE C 127 29.64 -47.40 4.20
N THR C 128 29.11 -48.60 4.40
CA THR C 128 29.91 -49.66 4.99
C THR C 128 31.10 -50.00 4.10
N SER C 129 30.86 -49.98 2.79
CA SER C 129 31.86 -50.37 1.80
C SER C 129 33.08 -49.45 1.66
N ASN C 138 29.96 -50.89 -8.86
CA ASN C 138 29.78 -50.09 -10.08
C ASN C 138 30.41 -48.69 -10.11
N ARG C 139 30.27 -47.92 -9.03
CA ARG C 139 30.92 -46.61 -8.92
C ARG C 139 30.28 -45.49 -9.75
N LEU C 140 29.13 -45.79 -10.34
CA LEU C 140 28.29 -44.80 -10.98
C LEU C 140 27.41 -44.12 -9.93
N ASN C 141 26.72 -43.07 -10.32
CA ASN C 141 25.95 -42.28 -9.36
C ASN C 141 24.89 -43.10 -8.67
N ASP C 142 24.28 -44.05 -9.38
CA ASP C 142 23.27 -44.86 -8.72
C ASP C 142 23.94 -45.57 -7.54
N VAL C 143 23.31 -45.39 -6.37
CA VAL C 143 23.75 -46.00 -5.13
C VAL C 143 22.60 -46.73 -4.43
N THR C 144 21.47 -46.84 -5.10
CA THR C 144 20.28 -47.40 -4.49
C THR C 144 20.43 -48.76 -3.83
N ARG C 145 21.13 -49.68 -4.50
CA ARG C 145 21.41 -50.97 -3.90
C ARG C 145 22.43 -50.88 -2.77
N ALA C 146 23.49 -50.10 -2.97
CA ALA C 146 24.51 -50.00 -1.91
C ALA C 146 23.98 -49.59 -0.53
N ILE C 147 23.23 -48.51 -0.49
CA ILE C 147 22.74 -47.91 0.74
C ILE C 147 21.85 -48.83 1.54
N MET C 148 20.96 -49.53 0.84
CA MET C 148 19.93 -50.34 1.48
C MET C 148 20.35 -51.33 2.56
N GLY C 149 21.44 -52.07 2.37
CA GLY C 149 21.82 -53.07 3.34
C GLY C 149 21.93 -52.63 4.79
N ASP C 150 22.49 -51.46 5.06
CA ASP C 150 22.64 -50.97 6.42
C ASP C 150 21.27 -50.58 7.01
N GLU C 151 21.12 -50.63 8.32
CA GLU C 151 19.88 -50.18 8.90
C GLU C 151 20.02 -48.71 9.23
N LEU C 152 18.94 -48.12 9.70
CA LEU C 152 18.94 -46.72 10.12
C LEU C 152 19.29 -46.62 11.60
N HIS C 153 20.23 -45.75 11.93
CA HIS C 153 20.66 -45.51 13.32
C HIS C 153 19.49 -45.09 14.22
N HIS C 154 18.52 -44.43 13.63
CA HIS C 154 17.32 -43.97 14.33
C HIS C 154 16.15 -43.76 13.36
N LYS C 155 14.96 -43.63 13.93
CA LYS C 155 13.72 -43.42 13.18
C LYS C 155 13.88 -42.09 12.43
N PRO C 156 13.40 -42.02 11.18
CA PRO C 156 13.57 -40.78 10.42
C PRO C 156 12.82 -39.62 11.05
N GLY C 157 13.47 -38.48 11.09
CA GLY C 157 12.93 -37.30 11.74
C GLY C 157 13.31 -37.15 13.18
N GLU C 158 14.13 -38.05 13.68
CA GLU C 158 14.48 -37.94 15.08
C GLU C 158 15.76 -37.21 15.35
N GLU C 159 16.84 -37.64 14.72
CA GLU C 159 18.11 -37.10 15.09
C GLU C 159 18.97 -36.75 13.92
N PHE C 160 19.60 -35.62 14.02
CA PHE C 160 20.54 -35.13 13.03
C PHE C 160 21.81 -35.96 13.01
N GLU C 161 22.23 -36.39 11.82
CA GLU C 161 23.50 -37.10 11.65
C GLU C 161 24.08 -36.75 10.29
N TYR C 162 25.08 -35.89 10.30
CA TYR C 162 25.75 -35.48 9.08
C TYR C 162 26.17 -36.74 8.35
N SER C 163 25.68 -36.89 7.13
CA SER C 163 25.96 -38.06 6.30
C SER C 163 26.04 -37.63 4.86
N ASN C 164 27.09 -38.07 4.16
CA ASN C 164 27.22 -37.72 2.75
C ASN C 164 26.13 -38.33 1.88
N MET C 165 25.64 -39.51 2.27
CA MET C 165 24.59 -40.19 1.53
C MET C 165 23.33 -39.34 1.40
N ASN C 166 22.99 -38.61 2.46
CA ASN C 166 21.81 -37.76 2.44
C ASN C 166 21.78 -36.85 1.21
N TYR C 167 22.87 -36.11 1.00
CA TYR C 167 22.92 -35.23 -0.14
C TYR C 167 23.20 -35.95 -1.45
N ASP C 168 23.65 -37.20 -1.37
CA ASP C 168 23.85 -38.03 -2.56
C ASP C 168 22.48 -38.43 -3.09
N LEU C 169 21.61 -38.91 -2.20
CA LEU C 169 20.26 -39.28 -2.56
C LEU C 169 19.48 -38.11 -3.14
N LEU C 170 19.60 -36.93 -2.51
CA LEU C 170 18.93 -35.72 -3.01
C LEU C 170 19.41 -35.46 -4.43
N GLY C 171 20.67 -35.76 -4.69
CA GLY C 171 21.26 -35.59 -6.01
C GLY C 171 20.65 -36.55 -7.02
N LEU C 172 20.28 -37.74 -6.54
CA LEU C 172 19.65 -38.73 -7.40
C LEU C 172 18.26 -38.23 -7.74
N ILE C 173 17.54 -37.73 -6.72
CA ILE C 173 16.22 -37.16 -6.94
C ILE C 173 16.33 -36.13 -8.06
N ILE C 174 17.31 -35.23 -7.98
CA ILE C 174 17.51 -34.23 -9.04
C ILE C 174 17.58 -34.94 -10.38
N GLN C 175 18.42 -35.96 -10.44
CA GLN C 175 18.67 -36.71 -11.69
C GLN C 175 17.43 -37.39 -12.25
N ASN C 176 16.73 -38.14 -11.40
CA ASN C 176 15.52 -38.85 -11.81
C ASN C 176 14.38 -37.91 -12.20
N VAL C 177 14.10 -36.91 -11.37
CA VAL C 177 13.05 -35.93 -11.63
C VAL C 177 13.29 -35.17 -12.92
N THR C 178 14.52 -34.70 -13.08
CA THR C 178 14.92 -33.92 -14.26
C THR C 178 15.05 -34.77 -15.52
N LYS C 179 15.24 -36.07 -15.33
CA LYS C 179 15.38 -37.01 -16.46
C LYS C 179 16.63 -36.60 -17.26
N GLN C 180 17.61 -36.11 -16.51
CA GLN C 180 18.86 -35.58 -17.00
C GLN C 180 19.91 -35.87 -15.90
N SER C 181 21.15 -36.17 -16.29
CA SER C 181 22.20 -36.47 -15.31
C SER C 181 22.45 -35.26 -14.43
N TYR C 182 22.65 -35.52 -13.14
CA TYR C 182 22.90 -34.48 -12.13
C TYR C 182 23.88 -33.37 -12.58
N THR C 183 25.01 -33.75 -13.15
CA THR C 183 26.01 -32.77 -13.57
C THR C 183 25.49 -31.81 -14.63
N LYS C 184 24.79 -32.36 -15.61
CA LYS C 184 24.14 -31.60 -16.68
C LYS C 184 23.14 -30.58 -16.16
N TYR C 185 22.15 -31.03 -15.40
CA TYR C 185 21.14 -30.11 -14.87
C TYR C 185 21.79 -28.93 -14.13
N ILE C 186 22.50 -29.24 -13.05
CA ILE C 186 23.18 -28.22 -12.24
C ILE C 186 23.95 -27.23 -13.10
N THR C 187 24.77 -27.75 -14.00
CA THR C 187 25.56 -26.90 -14.89
C THR C 187 24.69 -26.02 -15.77
N ASN C 188 23.62 -26.59 -16.32
CA ASN C 188 22.75 -25.85 -17.23
C ASN C 188 21.72 -24.93 -16.57
N SER C 189 21.06 -25.44 -15.54
CA SER C 189 20.12 -24.66 -14.73
C SER C 189 20.74 -23.54 -13.90
N TRP C 190 21.88 -23.82 -13.26
CA TRP C 190 22.47 -22.87 -12.32
C TRP C 190 23.81 -22.31 -12.68
N LEU C 191 24.78 -23.17 -12.97
CA LEU C 191 26.16 -22.73 -13.16
C LEU C 191 26.32 -21.80 -14.36
N LYS C 192 25.65 -22.13 -15.45
CA LYS C 192 25.70 -21.31 -16.68
C LYS C 192 24.89 -20.01 -16.54
N PRO C 193 23.68 -20.07 -15.99
CA PRO C 193 22.87 -18.86 -15.77
C PRO C 193 23.57 -17.88 -14.82
N LEU C 194 24.29 -18.41 -13.84
CA LEU C 194 24.99 -17.60 -12.84
C LEU C 194 26.41 -17.35 -13.31
N HIS C 195 26.62 -17.49 -14.58
CA HIS C 195 27.83 -17.06 -15.19
C HIS C 195 29.01 -17.84 -14.72
N MET C 196 28.79 -18.90 -13.96
CA MET C 196 29.93 -19.64 -13.43
C MET C 196 30.41 -20.61 -14.47
N THR C 197 30.97 -20.05 -15.52
CA THR C 197 31.38 -20.77 -16.69
C THR C 197 32.46 -21.81 -16.42
N HIS C 198 33.41 -21.46 -15.58
CA HIS C 198 34.59 -22.26 -15.24
C HIS C 198 34.36 -23.44 -14.28
N THR C 199 33.18 -23.52 -13.67
CA THR C 199 32.91 -24.60 -12.72
C THR C 199 32.74 -25.95 -13.40
N SER C 200 33.18 -26.99 -12.71
CA SER C 200 33.14 -28.37 -13.19
C SER C 200 32.84 -29.33 -12.05
N PHE C 201 32.68 -30.62 -12.36
CA PHE C 201 32.49 -31.67 -11.36
C PHE C 201 33.60 -32.71 -11.55
N LYS C 202 34.17 -33.16 -10.43
CA LYS C 202 35.34 -34.07 -10.40
C LYS C 202 35.20 -35.46 -11.04
N GLN C 203 35.91 -35.64 -12.14
CA GLN C 203 35.91 -36.88 -12.84
C GLN C 203 37.08 -37.77 -12.49
N THR C 204 38.26 -37.20 -12.41
CA THR C 204 39.42 -37.96 -12.03
C THR C 204 40.33 -37.14 -11.17
N ASN C 205 41.17 -37.80 -10.39
CA ASN C 205 42.20 -37.08 -9.71
C ASN C 205 43.11 -36.46 -10.73
N ASN C 206 43.26 -37.09 -11.87
CA ASN C 206 44.16 -36.51 -12.83
C ASN C 206 43.55 -35.16 -13.16
N LYS C 207 44.29 -34.08 -12.91
CA LYS C 207 43.79 -32.73 -13.13
C LYS C 207 44.92 -31.88 -13.66
N SER C 208 44.65 -31.08 -14.67
CA SER C 208 45.68 -30.34 -15.34
C SER C 208 45.19 -28.95 -15.73
N LYS C 209 46.10 -28.11 -16.23
CA LYS C 209 45.77 -26.71 -16.45
C LYS C 209 45.54 -25.84 -15.20
N HIS C 210 44.32 -25.45 -14.92
CA HIS C 210 43.93 -24.54 -13.83
C HIS C 210 43.35 -25.06 -12.58
N ASP C 211 43.63 -26.34 -12.32
CA ASP C 211 43.07 -27.05 -11.19
C ASP C 211 44.17 -27.41 -10.21
N ALA C 212 44.11 -26.82 -9.02
CA ALA C 212 45.13 -27.10 -8.00
C ALA C 212 45.30 -28.56 -7.63
N ILE C 213 46.54 -28.98 -7.36
CA ILE C 213 46.81 -30.37 -6.99
C ILE C 213 46.51 -30.62 -5.52
N GLY C 214 45.86 -31.74 -5.24
CA GLY C 214 45.52 -32.11 -3.87
C GLY C 214 46.75 -32.62 -3.14
N TYR C 215 47.15 -31.91 -2.09
CA TYR C 215 48.32 -32.30 -1.30
C TYR C 215 47.95 -32.89 0.04
N GLU C 216 48.66 -33.95 0.40
CA GLU C 216 48.51 -34.54 1.71
C GLU C 216 49.90 -34.39 2.30
N LEU C 217 49.99 -34.32 3.62
CA LEU C 217 51.24 -33.96 4.26
C LEU C 217 51.93 -35.03 5.09
N GLN C 218 53.13 -35.42 4.67
CA GLN C 218 53.95 -36.33 5.46
C GLN C 218 55.15 -35.51 5.92
N GLY C 219 55.18 -35.22 7.23
CA GLY C 219 56.25 -34.40 7.80
C GLY C 219 55.94 -32.94 7.60
N SER C 220 56.79 -32.25 6.84
CA SER C 220 56.59 -30.82 6.59
C SER C 220 56.42 -30.53 5.10
N THR C 221 56.91 -31.42 4.25
CA THR C 221 56.79 -31.20 2.80
C THR C 221 55.51 -31.79 2.25
N PRO C 222 54.91 -31.12 1.25
CA PRO C 222 53.64 -31.54 0.68
C PRO C 222 53.77 -32.51 -0.49
N VAL C 223 53.47 -33.77 -0.25
CA VAL C 223 53.52 -34.80 -1.28
C VAL C 223 52.15 -34.91 -1.97
N VAL C 224 52.15 -34.83 -3.30
CA VAL C 224 50.90 -34.89 -4.10
C VAL C 224 50.12 -36.19 -3.86
N SER C 225 48.87 -36.09 -3.41
CA SER C 225 48.08 -37.31 -3.19
C SER C 225 46.79 -37.28 -3.99
N LYS C 226 46.51 -38.42 -4.64
CA LYS C 226 45.28 -38.62 -5.40
C LYS C 226 44.41 -39.68 -4.72
N PRO C 227 43.54 -39.24 -3.79
CA PRO C 227 42.67 -40.09 -2.97
C PRO C 227 41.60 -40.85 -3.77
N GLU C 228 41.07 -41.90 -3.14
CA GLU C 228 40.04 -42.75 -3.71
C GLU C 228 38.69 -42.04 -3.63
N PHE C 229 37.81 -42.31 -4.59
CA PHE C 229 36.49 -41.66 -4.58
C PHE C 229 35.43 -42.38 -5.39
N ASN C 230 34.19 -42.27 -4.94
CA ASN C 230 33.03 -42.83 -5.63
C ASN C 230 32.26 -41.69 -6.27
N LEU C 231 32.14 -41.69 -7.59
CA LEU C 231 31.41 -40.64 -8.29
C LEU C 231 30.01 -40.38 -7.71
N TRP C 232 29.42 -41.39 -7.08
CA TRP C 232 28.07 -41.23 -6.53
C TRP C 232 27.97 -40.20 -5.40
N ASP C 233 29.11 -39.62 -5.06
CA ASP C 233 29.22 -38.63 -4.00
C ASP C 233 29.24 -37.23 -4.58
N THR C 234 29.01 -37.13 -5.88
CA THR C 234 29.21 -35.89 -6.60
C THR C 234 28.34 -34.78 -6.05
N PRO C 235 27.11 -35.08 -5.69
CA PRO C 235 26.26 -34.04 -5.10
C PRO C 235 26.75 -33.59 -3.72
N SER C 236 27.24 -34.56 -2.93
CA SER C 236 27.80 -34.29 -1.62
C SER C 236 29.15 -33.56 -1.52
N ALA C 237 30.14 -34.00 -2.26
CA ALA C 237 31.49 -33.48 -2.08
C ALA C 237 32.43 -33.26 -3.27
N TYR C 238 31.93 -33.33 -4.49
CA TYR C 238 32.83 -33.33 -5.64
C TYR C 238 32.84 -32.18 -6.64
N MET C 239 32.24 -31.04 -6.30
CA MET C 239 32.29 -29.89 -7.17
C MET C 239 33.70 -29.32 -7.22
N MET C 240 34.12 -28.81 -8.37
CA MET C 240 35.41 -28.14 -8.45
C MET C 240 35.26 -26.77 -9.08
N THR C 241 35.30 -25.73 -8.25
CA THR C 241 35.16 -24.34 -8.72
C THR C 241 36.33 -23.42 -8.32
N SER C 242 36.29 -22.17 -8.78
CA SER C 242 37.31 -21.19 -8.48
C SER C 242 36.68 -20.06 -7.67
N THR C 243 37.50 -19.20 -7.08
CA THR C 243 36.96 -18.06 -6.34
C THR C 243 36.42 -17.02 -7.31
N GLU C 244 36.91 -17.04 -8.55
CA GLU C 244 36.43 -16.11 -9.58
C GLU C 244 34.99 -16.46 -9.89
N ASP C 245 34.71 -17.76 -9.89
CA ASP C 245 33.36 -18.25 -10.08
C ASP C 245 32.48 -18.01 -8.87
N LEU C 246 32.96 -18.33 -7.68
CA LEU C 246 32.08 -18.27 -6.54
C LEU C 246 31.53 -16.86 -6.39
N GLU C 247 32.29 -15.87 -6.83
CA GLU C 247 31.87 -14.49 -6.65
C GLU C 247 30.38 -14.36 -6.91
N HIS C 248 29.93 -14.99 -7.99
CA HIS C 248 28.53 -14.93 -8.40
C HIS C 248 27.66 -15.61 -7.38
N TRP C 249 28.11 -16.80 -6.95
CA TRP C 249 27.42 -17.61 -5.97
C TRP C 249 27.28 -16.91 -4.62
N ILE C 250 28.31 -16.16 -4.23
CA ILE C 250 28.30 -15.42 -2.99
C ILE C 250 27.41 -14.19 -3.12
N LYS C 251 27.68 -13.33 -4.12
CA LYS C 251 26.86 -12.14 -4.39
C LYS C 251 25.36 -12.53 -4.46
N PHE C 252 25.07 -13.56 -5.24
CA PHE C 252 23.72 -14.10 -5.41
C PHE C 252 23.09 -14.48 -4.07
N GLN C 253 23.83 -15.21 -3.24
CA GLN C 253 23.35 -15.65 -1.94
C GLN C 253 23.03 -14.45 -1.00
N LEU C 254 23.77 -13.36 -1.17
CA LEU C 254 23.63 -12.18 -0.31
C LEU C 254 22.53 -11.22 -0.77
N ASN C 255 22.51 -10.96 -2.07
CA ASN C 255 21.49 -10.10 -2.68
C ASN C 255 20.92 -10.80 -3.91
N PRO C 256 20.04 -11.80 -3.71
CA PRO C 256 19.51 -12.48 -4.87
C PRO C 256 18.42 -11.63 -5.51
N PRO C 257 18.32 -11.64 -6.85
CA PRO C 257 17.29 -10.85 -7.50
C PRO C 257 16.00 -11.26 -6.81
N ASP C 258 15.07 -10.33 -6.59
CA ASP C 258 13.90 -10.55 -5.78
C ASP C 258 13.16 -11.79 -6.26
N LYS C 259 13.18 -12.25 -7.47
CA LYS C 259 12.48 -13.49 -7.80
C LYS C 259 12.99 -14.68 -6.96
N TYR C 260 14.30 -14.70 -6.74
CA TYR C 260 15.03 -15.80 -6.12
C TYR C 260 15.19 -15.55 -4.63
N LYS C 261 14.76 -14.39 -4.18
CA LYS C 261 14.91 -14.01 -2.79
C LYS C 261 14.24 -14.96 -1.82
N SER C 262 13.01 -15.35 -2.11
CA SER C 262 12.29 -16.27 -1.25
C SER C 262 12.93 -17.63 -1.20
N LEU C 263 13.44 -18.05 -2.35
CA LEU C 263 13.92 -19.40 -2.58
C LEU C 263 15.17 -19.47 -1.70
N VAL C 264 16.01 -18.44 -1.81
CA VAL C 264 17.26 -18.32 -1.03
C VAL C 264 17.02 -18.36 0.47
N GLN C 265 16.08 -17.54 0.93
CA GLN C 265 15.74 -17.50 2.34
C GLN C 265 15.33 -18.87 2.83
N GLN C 266 14.54 -19.58 2.05
CA GLN C 266 14.11 -20.91 2.41
C GLN C 266 15.32 -21.83 2.59
N SER C 267 16.40 -21.56 1.85
CA SER C 267 17.60 -22.40 1.93
C SER C 267 18.38 -22.17 3.22
N HIS C 268 18.44 -20.91 3.63
CA HIS C 268 18.96 -20.50 4.90
C HIS C 268 18.21 -20.94 6.11
N LYS C 269 16.90 -20.94 6.06
CA LYS C 269 16.14 -21.31 7.23
C LYS C 269 16.24 -22.75 7.66
N ASN C 270 16.57 -22.96 8.93
CA ASN C 270 16.84 -24.28 9.45
C ASN C 270 15.83 -25.35 9.29
N LEU C 271 16.27 -26.57 9.09
CA LEU C 271 15.32 -27.66 9.17
C LEU C 271 15.53 -28.63 10.32
N SER C 272 16.66 -28.52 11.00
CA SER C 272 16.95 -29.46 12.09
C SER C 272 17.89 -28.91 13.14
N SER C 273 17.96 -29.62 14.27
CA SER C 273 18.82 -29.24 15.39
C SER C 273 20.15 -29.99 15.36
N THR C 274 21.22 -29.28 15.06
CA THR C 274 22.55 -29.86 14.89
C THR C 274 23.11 -30.43 16.18
N ILE C 275 23.67 -31.63 16.10
CA ILE C 275 24.34 -32.25 17.24
C ILE C 275 25.86 -32.34 17.10
N GLY C 276 26.31 -32.80 15.94
CA GLY C 276 27.71 -33.08 15.72
C GLY C 276 28.64 -31.88 15.77
N GLU C 277 28.19 -30.78 15.19
CA GLU C 277 29.02 -29.58 15.09
C GLU C 277 28.68 -28.53 16.13
N PRO C 278 29.69 -28.17 16.92
CA PRO C 278 29.54 -27.23 18.03
C PRO C 278 29.14 -25.83 17.61
N ASN C 279 29.75 -25.36 16.55
CA ASN C 279 29.57 -23.99 16.09
C ASN C 279 28.16 -23.62 15.66
N ALA C 280 27.47 -24.55 15.03
CA ALA C 280 26.15 -24.29 14.47
C ALA C 280 25.02 -24.87 15.27
N ASN C 281 24.00 -24.06 15.53
CA ASN C 281 22.78 -24.49 16.20
C ASN C 281 21.90 -25.39 15.36
N ALA C 282 21.70 -24.99 14.10
CA ALA C 282 20.84 -25.72 13.17
C ALA C 282 21.45 -25.92 11.80
N TYR C 283 20.83 -26.81 11.02
CA TYR C 283 21.24 -27.12 9.67
C TYR C 283 20.08 -26.91 8.71
N ALA C 284 20.37 -26.39 7.51
CA ALA C 284 19.34 -26.13 6.50
C ALA C 284 19.79 -26.18 5.05
N SER C 285 19.28 -27.13 4.29
CA SER C 285 19.52 -27.17 2.85
C SER C 285 20.98 -26.99 2.44
N GLY C 286 21.89 -27.71 3.11
CA GLY C 286 23.31 -27.69 2.78
C GLY C 286 24.15 -26.54 3.32
N TRP C 287 23.68 -25.94 4.40
CA TRP C 287 24.35 -24.84 5.07
C TRP C 287 24.16 -24.94 6.58
N PHE C 288 25.23 -24.64 7.34
CA PHE C 288 25.16 -24.59 8.79
C PHE C 288 24.69 -23.21 9.22
N THR C 289 23.84 -23.18 10.24
CA THR C 289 23.24 -21.94 10.70
C THR C 289 23.48 -21.66 12.17
N ASN C 290 23.83 -20.42 12.46
CA ASN C 290 23.95 -19.90 13.80
C ASN C 290 23.21 -18.58 13.78
N ASN C 291 21.98 -18.59 14.25
CA ASN C 291 21.14 -17.40 14.22
C ASN C 291 21.65 -16.26 15.11
N ASP C 292 22.15 -16.63 16.28
CA ASP C 292 22.59 -15.65 17.26
C ASP C 292 23.74 -14.80 16.74
N GLU C 293 24.67 -15.42 16.03
CA GLU C 293 25.78 -14.68 15.45
C GLU C 293 25.51 -14.25 14.02
N HIS C 294 24.33 -14.56 13.51
CA HIS C 294 23.95 -14.24 12.14
C HIS C 294 24.82 -14.83 11.08
N LEU C 295 25.21 -16.08 11.24
CA LEU C 295 26.10 -16.72 10.28
C LEU C 295 25.57 -17.94 9.56
N VAL C 296 25.70 -17.97 8.24
CA VAL C 296 25.41 -19.17 7.47
C VAL C 296 26.73 -19.60 6.86
N PHE C 297 27.09 -20.86 7.03
CA PHE C 297 28.43 -21.28 6.63
C PHE C 297 28.55 -22.77 6.42
N HIS C 298 29.66 -23.17 5.80
CA HIS C 298 29.98 -24.58 5.65
C HIS C 298 31.47 -24.79 5.43
N SER C 299 31.99 -25.85 6.05
CA SER C 299 33.39 -26.22 5.95
C SER C 299 33.53 -27.46 5.10
N GLY C 300 34.42 -27.39 4.10
CA GLY C 300 34.67 -28.52 3.21
C GLY C 300 36.02 -29.15 3.45
N THR C 301 36.03 -30.46 3.75
CA THR C 301 37.29 -31.19 3.97
C THR C 301 37.41 -32.55 3.28
N LEU C 302 38.52 -32.69 2.55
CA LEU C 302 38.92 -33.94 1.89
C LEU C 302 40.40 -34.17 2.22
N ASP C 303 40.90 -35.38 2.06
CA ASP C 303 42.24 -35.65 2.53
C ASP C 303 43.17 -34.66 1.87
N ASN C 304 42.83 -34.25 0.66
CA ASN C 304 43.70 -33.46 -0.16
C ASN C 304 43.40 -31.99 0.00
N PHE C 305 42.11 -31.61 -0.09
CA PHE C 305 41.67 -30.23 0.12
C PHE C 305 40.82 -29.85 1.33
N SER C 306 40.84 -28.57 1.68
CA SER C 306 39.96 -28.01 2.72
C SER C 306 39.45 -26.65 2.28
N SER C 307 38.17 -26.40 2.53
CA SER C 307 37.54 -25.16 2.09
C SER C 307 36.55 -24.60 3.10
N PHE C 308 36.20 -23.32 2.93
CA PHE C 308 35.26 -22.72 3.87
C PHE C 308 34.53 -21.55 3.25
N ILE C 309 33.22 -21.52 3.45
CA ILE C 309 32.39 -20.42 3.00
C ILE C 309 31.66 -19.86 4.22
N LEU C 310 31.95 -18.62 4.56
CA LEU C 310 31.26 -17.94 5.64
C LEU C 310 30.42 -16.84 5.03
N LEU C 311 29.11 -16.94 5.32
CA LEU C 311 28.15 -15.94 4.89
C LEU C 311 27.31 -15.31 5.94
N ASN C 312 27.29 -13.96 5.93
CA ASN C 312 26.37 -13.27 6.82
C ASN C 312 25.40 -12.57 5.90
N PRO C 313 24.13 -12.94 5.98
CA PRO C 313 23.13 -12.21 5.21
C PRO C 313 22.94 -10.81 5.79
N LYS C 314 22.89 -10.71 7.11
CA LYS C 314 22.88 -9.41 7.75
C LYS C 314 24.30 -8.86 7.59
N GLN C 315 24.40 -7.58 7.32
CA GLN C 315 25.70 -6.93 7.13
C GLN C 315 26.34 -7.27 5.79
N ASN C 316 25.66 -8.08 4.99
CA ASN C 316 26.04 -8.34 3.62
C ASN C 316 27.50 -8.62 3.25
N TYR C 317 28.18 -9.47 4.01
CA TYR C 317 29.55 -9.82 3.68
C TYR C 317 29.76 -11.33 3.67
N GLY C 318 30.68 -11.80 2.84
CA GLY C 318 30.95 -13.23 2.74
C GLY C 318 32.41 -13.52 2.57
N ILE C 319 32.86 -14.61 3.18
CA ILE C 319 34.26 -15.02 3.08
C ILE C 319 34.36 -16.44 2.52
N VAL C 320 35.28 -16.60 1.56
CA VAL C 320 35.56 -17.89 0.96
C VAL C 320 37.08 -18.12 1.00
N VAL C 321 37.49 -19.32 1.42
CA VAL C 321 38.90 -19.72 1.48
C VAL C 321 38.99 -21.13 0.90
N LEU C 322 39.78 -21.27 -0.15
CA LEU C 322 39.97 -22.55 -0.81
C LEU C 322 41.45 -22.89 -0.82
N ALA C 323 41.83 -24.03 -0.25
CA ALA C 323 43.25 -24.39 -0.16
C ALA C 323 43.52 -25.84 -0.57
N ASN C 324 44.72 -26.12 -1.04
CA ASN C 324 45.10 -27.47 -1.56
C ASN C 324 45.40 -28.53 -0.54
N LEU C 325 45.33 -28.13 0.72
CA LEU C 325 45.75 -28.97 1.81
C LEU C 325 44.69 -28.93 2.86
N ASN C 326 44.43 -30.05 3.46
CA ASN C 326 43.48 -30.13 4.53
C ASN C 326 44.21 -29.63 5.77
N SER C 327 43.67 -28.59 6.39
CA SER C 327 44.30 -27.97 7.56
C SER C 327 43.30 -27.22 8.40
N GLU C 328 43.45 -27.30 9.72
CA GLU C 328 42.54 -26.60 10.62
C GLU C 328 42.86 -25.11 10.66
N TYR C 329 43.86 -24.70 9.87
CA TYR C 329 44.24 -23.29 9.73
C TYR C 329 43.38 -22.52 8.74
N VAL C 330 42.51 -23.23 8.04
CA VAL C 330 41.57 -22.59 7.13
C VAL C 330 40.41 -21.99 7.94
N PRO C 331 39.78 -22.79 8.84
CA PRO C 331 38.78 -22.20 9.73
C PRO C 331 39.35 -21.00 10.51
N LYS C 332 40.58 -21.13 11.01
CA LYS C 332 41.25 -20.05 11.74
C LYS C 332 41.52 -18.86 10.84
N LEU C 333 41.68 -19.08 9.54
CA LEU C 333 41.92 -17.99 8.61
C LEU C 333 40.66 -17.15 8.33
N VAL C 334 39.49 -17.77 8.30
CA VAL C 334 38.29 -17.00 8.01
C VAL C 334 38.03 -16.07 9.17
N GLU C 335 38.25 -16.54 10.40
CA GLU C 335 38.03 -15.72 11.58
C GLU C 335 38.85 -14.45 11.55
N HIS C 336 40.03 -14.52 10.96
CA HIS C 336 40.84 -13.32 10.82
C HIS C 336 40.19 -12.42 9.79
N LEU C 337 39.83 -13.01 8.65
CA LEU C 337 39.18 -12.27 7.57
C LEU C 337 37.82 -11.74 8.02
N ASN C 338 37.17 -12.45 8.94
CA ASN C 338 35.90 -12.02 9.48
C ASN C 338 36.09 -10.73 10.26
N THR C 339 37.03 -10.75 11.21
CA THR C 339 37.32 -9.57 12.03
C THR C 339 37.75 -8.34 11.23
N GLN C 340 38.02 -8.53 9.93
CA GLN C 340 38.43 -7.43 9.07
C GLN C 340 37.24 -6.69 8.44
N ILE C 341 36.01 -7.17 8.72
CA ILE C 341 34.81 -6.57 8.15
C ILE C 341 33.68 -6.25 9.15
N ARG D 6 -42.72 14.03 4.65
CA ARG D 6 -42.62 12.60 5.05
C ARG D 6 -41.97 11.78 3.93
N LEU D 7 -40.83 11.19 4.23
CA LEU D 7 -40.10 10.41 3.25
C LEU D 7 -40.21 8.96 3.63
N THR D 8 -40.39 8.12 2.62
CA THR D 8 -40.44 6.68 2.79
C THR D 8 -40.22 5.92 1.51
N ASN D 9 -39.63 4.74 1.61
CA ASN D 9 -39.46 3.87 0.46
C ASN D 9 -40.08 2.56 0.93
N ASP D 10 -41.34 2.34 0.59
CA ASP D 10 -42.00 1.07 0.85
C ASP D 10 -43.16 1.04 -0.13
N SER D 11 -43.30 -0.04 -0.89
CA SER D 11 -44.37 -0.15 -1.87
C SER D 11 -45.66 0.03 -1.09
N GLN D 12 -45.79 -0.81 -0.05
CA GLN D 12 -46.86 -0.69 0.91
C GLN D 12 -46.29 -1.24 2.21
N GLN D 13 -46.87 -0.87 3.35
CA GLN D 13 -46.36 -1.44 4.60
C GLN D 13 -47.37 -1.77 5.70
N GLN D 14 -47.00 -2.76 6.51
CA GLN D 14 -47.76 -3.05 7.71
C GLN D 14 -47.07 -2.38 8.90
N ILE D 15 -46.11 -1.48 8.65
CA ILE D 15 -45.37 -0.87 9.74
C ILE D 15 -46.18 0.21 10.45
N ASP D 16 -47.00 0.93 9.71
CA ASP D 16 -47.78 1.98 10.33
C ASP D 16 -48.70 1.40 11.41
N LYS D 17 -49.27 0.23 11.14
CA LYS D 17 -50.13 -0.43 12.12
C LYS D 17 -49.38 -0.66 13.41
N ILE D 18 -48.11 -1.05 13.30
CA ILE D 18 -47.26 -1.34 14.46
C ILE D 18 -47.01 -0.08 15.30
N ILE D 19 -46.66 1.01 14.64
CA ILE D 19 -46.38 2.29 15.28
C ILE D 19 -47.62 2.82 16.01
N GLU D 20 -48.73 2.88 15.28
CA GLU D 20 -49.99 3.37 15.82
C GLU D 20 -50.47 2.54 16.98
N HIS D 21 -50.32 1.22 16.87
CA HIS D 21 -50.73 0.32 17.92
C HIS D 21 -50.04 0.61 19.27
N ASP D 22 -48.72 0.81 19.24
CA ASP D 22 -47.93 1.06 20.44
C ASP D 22 -48.13 2.45 21.05
N LEU D 23 -48.23 3.46 20.18
CA LEU D 23 -48.48 4.84 20.61
C LEU D 23 -49.81 4.91 21.35
N GLN D 24 -50.84 4.38 20.71
CA GLN D 24 -52.20 4.30 21.24
C GLN D 24 -52.24 3.68 22.64
N LYS D 25 -51.49 2.60 22.85
CA LYS D 25 -51.40 1.92 24.14
C LYS D 25 -50.84 2.81 25.26
N GLY D 26 -49.84 3.61 24.93
CA GLY D 26 -49.21 4.50 25.90
C GLY D 26 -49.92 5.84 26.02
N HIS D 27 -50.88 6.07 25.13
CA HIS D 27 -51.67 7.30 25.08
C HIS D 27 -50.83 8.47 24.62
N ILE D 28 -49.81 8.13 23.85
CA ILE D 28 -48.87 9.09 23.28
C ILE D 28 -49.61 9.95 22.25
N PRO D 29 -49.82 11.24 22.57
CA PRO D 29 -50.52 12.17 21.70
C PRO D 29 -49.89 12.25 20.31
N GLY D 30 -48.58 12.39 20.26
CA GLY D 30 -47.88 12.48 18.98
C GLY D 30 -46.43 12.05 19.08
N ALA D 31 -45.89 11.56 17.97
CA ALA D 31 -44.51 11.09 17.93
C ALA D 31 -43.92 11.06 16.53
N SER D 32 -42.62 11.34 16.43
CA SER D 32 -41.91 11.24 15.16
C SER D 32 -40.98 10.04 15.17
N ILE D 33 -41.07 9.26 14.10
CA ILE D 33 -40.31 8.02 13.93
C ILE D 33 -39.41 8.13 12.72
N LEU D 34 -38.12 7.85 12.93
CA LEU D 34 -37.11 7.83 11.87
C LEU D 34 -36.41 6.49 11.84
N ILE D 35 -36.34 5.90 10.65
CA ILE D 35 -35.67 4.63 10.42
C ILE D 35 -34.69 4.83 9.30
N VAL D 36 -33.41 4.54 9.59
CA VAL D 36 -32.35 4.63 8.60
C VAL D 36 -31.73 3.25 8.44
N LYS D 37 -31.86 2.66 7.25
CA LYS D 37 -31.19 1.39 6.99
C LYS D 37 -30.51 1.46 5.65
N ASN D 38 -29.33 0.85 5.60
CA ASN D 38 -28.50 0.85 4.41
C ASN D 38 -28.13 2.28 4.12
N GLY D 39 -28.08 3.07 5.18
CA GLY D 39 -27.58 4.43 5.13
C GLY D 39 -28.54 5.46 4.58
N LYS D 40 -29.76 5.05 4.31
CA LYS D 40 -30.70 5.91 3.64
C LYS D 40 -31.91 5.94 4.52
N VAL D 41 -32.73 6.96 4.39
CA VAL D 41 -33.85 7.02 5.29
C VAL D 41 -34.81 6.00 4.73
N PHE D 42 -34.90 4.88 5.42
CA PHE D 42 -35.86 3.87 5.09
C PHE D 42 -37.19 4.52 5.35
N LEU D 43 -37.25 5.27 6.44
CA LEU D 43 -38.51 5.89 6.82
C LEU D 43 -38.32 7.11 7.72
N ASN D 44 -39.12 8.15 7.50
CA ASN D 44 -39.13 9.34 8.32
C ASN D 44 -40.58 9.75 8.25
N LYS D 45 -41.28 9.66 9.38
CA LYS D 45 -42.70 9.96 9.43
C LYS D 45 -43.16 10.35 10.83
N GLY D 46 -44.25 11.13 10.89
CA GLY D 46 -44.85 11.54 12.14
C GLY D 46 -46.23 10.93 12.29
N TYR D 47 -46.65 10.75 13.53
CA TYR D 47 -47.94 10.17 13.81
C TYR D 47 -48.53 10.91 14.98
N GLY D 48 -49.79 11.30 14.83
CA GLY D 48 -50.52 11.97 15.92
C GLY D 48 -50.47 13.48 15.99
N TYR D 49 -50.48 13.98 17.22
CA TYR D 49 -50.52 15.42 17.45
C TYR D 49 -49.35 16.05 18.21
N GLN D 50 -48.66 16.94 17.50
CA GLN D 50 -47.58 17.77 18.01
C GLN D 50 -48.18 18.66 19.10
N ASP D 51 -49.41 19.11 18.84
CA ASP D 51 -50.21 19.94 19.75
C ASP D 51 -51.66 19.43 19.67
N VAL D 52 -52.22 19.04 20.82
CA VAL D 52 -53.56 18.44 20.93
C VAL D 52 -54.79 19.38 20.86
N ASP D 53 -54.75 20.49 21.59
CA ASP D 53 -55.78 21.52 21.53
C ASP D 53 -55.81 22.22 20.18
N LYS D 54 -54.65 22.42 19.59
CA LYS D 54 -54.53 23.11 18.32
C LYS D 54 -54.80 22.15 17.17
N LYS D 55 -54.69 20.85 17.45
CA LYS D 55 -54.91 19.79 16.46
C LYS D 55 -53.87 19.86 15.32
N VAL D 56 -52.67 20.37 15.63
CA VAL D 56 -51.58 20.45 14.65
C VAL D 56 -50.79 19.13 14.66
N LYS D 57 -50.86 18.40 13.53
CA LYS D 57 -50.27 17.07 13.41
C LYS D 57 -48.76 16.91 13.56
N ALA D 58 -48.34 15.82 14.19
CA ALA D 58 -46.90 15.49 14.36
C ALA D 58 -46.26 15.29 12.99
N SER D 59 -45.09 15.90 12.84
CA SER D 59 -44.39 15.98 11.56
C SER D 59 -42.91 15.63 11.72
N PRO D 60 -42.24 15.20 10.63
CA PRO D 60 -40.78 14.99 10.70
C PRO D 60 -40.07 16.27 11.16
N THR D 61 -40.73 17.41 10.91
CA THR D 61 -40.21 18.72 11.24
C THR D 61 -40.61 19.16 12.67
N THR D 62 -41.29 18.28 13.39
CA THR D 62 -41.70 18.58 14.77
C THR D 62 -40.49 18.50 15.70
N LYS D 63 -40.32 19.50 16.54
CA LYS D 63 -39.18 19.50 17.44
C LYS D 63 -39.58 19.08 18.84
N TYR D 64 -38.89 18.05 19.34
CA TYR D 64 -39.13 17.48 20.67
C TYR D 64 -37.89 17.71 21.51
N GLU D 65 -38.08 17.78 22.82
CA GLU D 65 -36.95 17.86 23.72
C GLU D 65 -36.41 16.43 23.84
N ILE D 66 -35.24 16.17 23.23
CA ILE D 66 -34.65 14.84 23.19
C ILE D 66 -34.01 14.27 24.46
N ALA D 67 -34.07 15.01 25.57
CA ALA D 67 -33.50 14.55 26.85
C ALA D 67 -32.07 13.98 26.77
N SER D 68 -31.82 12.82 27.40
CA SER D 68 -30.47 12.31 27.44
C SER D 68 -29.78 12.29 26.08
N ASN D 69 -30.56 12.16 25.02
CA ASN D 69 -29.95 11.97 23.73
C ASN D 69 -28.98 13.09 23.44
N THR D 70 -29.15 14.19 24.16
CA THR D 70 -28.28 15.35 24.03
C THR D 70 -26.81 14.99 24.22
N LYS D 71 -26.56 14.12 25.20
CA LYS D 71 -25.22 13.79 25.65
C LYS D 71 -24.26 13.40 24.56
N ALA D 72 -24.76 12.66 23.58
CA ALA D 72 -23.91 12.16 22.51
C ALA D 72 -23.28 13.34 21.80
N PHE D 73 -24.02 14.43 21.66
CA PHE D 73 -23.50 15.66 21.01
C PHE D 73 -22.42 16.30 21.87
N THR D 74 -22.73 16.51 23.14
CA THR D 74 -21.79 17.05 24.10
C THR D 74 -20.54 16.19 24.01
N GLY D 75 -20.71 14.89 24.21
CA GLY D 75 -19.61 13.95 24.17
C GLY D 75 -18.75 14.02 22.92
N LEU D 76 -19.37 14.06 21.75
CA LEU D 76 -18.60 14.14 20.51
C LEU D 76 -17.83 15.46 20.43
N ALA D 77 -18.43 16.53 20.95
CA ALA D 77 -17.83 17.87 20.96
C ALA D 77 -16.53 17.89 21.74
N ILE D 78 -16.52 17.24 22.91
CA ILE D 78 -15.31 17.15 23.72
C ILE D 78 -14.20 16.38 23.02
N LEU D 79 -14.51 15.19 22.50
CA LEU D 79 -13.55 14.38 21.77
C LEU D 79 -12.94 15.20 20.64
N LYS D 80 -13.77 15.97 19.96
CA LYS D 80 -13.29 16.80 18.86
C LYS D 80 -12.30 17.86 19.35
N LEU D 81 -12.61 18.47 20.48
CA LEU D 81 -11.72 19.45 21.08
C LEU D 81 -10.43 18.77 21.53
N ALA D 82 -10.54 17.55 22.06
CA ALA D 82 -9.36 16.78 22.45
C ALA D 82 -8.52 16.44 21.20
N GLN D 83 -9.18 16.17 20.07
CA GLN D 83 -8.48 15.89 18.83
C GLN D 83 -7.83 17.14 18.28
N GLU D 84 -8.49 18.29 18.48
CA GLU D 84 -8.01 19.59 17.99
C GLU D 84 -6.79 20.11 18.77
N GLY D 85 -6.51 19.48 19.89
CA GLY D 85 -5.42 19.87 20.75
C GLY D 85 -5.86 20.91 21.76
N ARG D 86 -7.16 21.24 21.77
CA ARG D 86 -7.66 22.22 22.72
C ARG D 86 -7.80 21.65 24.13
N LEU D 87 -7.90 20.34 24.26
CA LEU D 87 -7.90 19.74 25.59
C LEU D 87 -7.39 18.33 25.51
N ASN D 88 -7.40 17.67 26.66
CA ASN D 88 -6.91 16.32 26.77
C ASN D 88 -7.80 15.58 27.75
N LEU D 89 -8.22 14.38 27.38
CA LEU D 89 -9.15 13.61 28.21
C LEU D 89 -8.60 13.26 29.58
N ASN D 90 -7.27 13.28 29.73
CA ASN D 90 -6.62 12.93 30.98
C ASN D 90 -6.36 14.08 31.95
N ASP D 91 -6.55 15.30 31.47
CA ASP D 91 -6.31 16.44 32.34
C ASP D 91 -7.49 16.68 33.27
N ASP D 92 -7.21 17.10 34.50
CA ASP D 92 -8.22 17.26 35.53
C ASP D 92 -9.19 18.40 35.17
N VAL D 93 -10.42 18.29 35.67
CA VAL D 93 -11.48 19.25 35.42
C VAL D 93 -11.10 20.62 35.98
N SER D 94 -10.28 20.58 37.03
CA SER D 94 -9.82 21.74 37.77
C SER D 94 -9.05 22.67 36.88
N LYS D 95 -8.47 22.11 35.82
CA LYS D 95 -7.74 22.88 34.83
C LYS D 95 -8.63 23.78 34.01
N HIS D 96 -9.78 23.25 33.59
CA HIS D 96 -10.70 24.01 32.77
C HIS D 96 -11.78 24.64 33.59
N VAL D 97 -11.87 24.26 34.85
CA VAL D 97 -12.86 24.85 35.73
C VAL D 97 -12.11 25.61 36.80
N PRO D 98 -12.37 26.91 36.92
CA PRO D 98 -11.54 27.78 37.75
C PRO D 98 -11.54 27.41 39.22
N HIS D 99 -12.71 27.09 39.77
CA HIS D 99 -12.79 26.77 41.18
C HIS D 99 -13.59 25.51 41.19
N PHE D 100 -12.90 24.38 41.22
CA PHE D 100 -13.60 23.11 41.21
C PHE D 100 -12.94 22.29 42.31
N LYS D 101 -13.73 21.96 43.32
CA LYS D 101 -13.31 21.05 44.38
C LYS D 101 -14.45 20.12 44.83
N MET D 102 -14.16 18.83 44.80
CA MET D 102 -15.11 17.79 45.10
C MET D 102 -14.40 16.85 46.04
N ASN D 103 -15.12 16.16 46.91
CA ASN D 103 -14.41 15.43 47.95
C ASN D 103 -14.97 14.10 48.42
N TYR D 104 -14.08 13.29 48.97
CA TYR D 104 -14.37 11.95 49.40
C TYR D 104 -13.75 11.72 50.76
N ASN D 105 -14.54 11.24 51.70
CA ASN D 105 -14.00 11.02 53.02
C ASN D 105 -13.40 12.32 53.55
N GLY D 106 -12.18 12.25 54.06
CA GLY D 106 -11.50 13.39 54.62
C GLY D 106 -11.13 14.54 53.69
N GLN D 107 -10.64 14.23 52.50
CA GLN D 107 -10.06 15.26 51.63
C GLN D 107 -10.48 15.15 50.16
N ASN D 108 -10.31 16.25 49.44
CA ASN D 108 -10.76 16.34 48.06
C ASN D 108 -10.05 15.37 47.13
N GLU D 109 -10.79 14.89 46.14
CA GLU D 109 -10.31 13.97 45.13
C GLU D 109 -10.43 14.61 43.76
N THR D 110 -9.47 14.33 42.89
CA THR D 110 -9.38 14.99 41.60
C THR D 110 -9.98 14.17 40.47
N ILE D 111 -10.88 14.81 39.73
CA ILE D 111 -11.64 14.17 38.66
C ILE D 111 -11.14 14.54 37.26
N THR D 112 -10.90 13.53 36.43
CA THR D 112 -10.47 13.74 35.05
C THR D 112 -11.65 13.72 34.08
N ILE D 113 -11.47 14.42 32.95
CA ILE D 113 -12.48 14.51 31.88
C ILE D 113 -13.01 13.18 31.39
N LYS D 114 -12.12 12.20 31.26
CA LYS D 114 -12.49 10.85 30.81
C LYS D 114 -13.49 10.24 31.80
N GLN D 115 -13.31 10.55 33.08
CA GLN D 115 -14.17 10.03 34.15
C GLN D 115 -15.57 10.65 34.13
N LEU D 116 -15.71 11.77 33.44
CA LEU D 116 -17.00 12.42 33.29
C LEU D 116 -17.70 11.76 32.12
N LEU D 117 -17.00 11.62 31.01
CA LEU D 117 -17.52 10.90 29.85
C LEU D 117 -17.92 9.50 30.35
N ALA D 118 -16.95 8.81 30.96
CA ALA D 118 -17.15 7.47 31.51
C ALA D 118 -18.16 7.41 32.64
N GLN D 119 -18.52 8.56 33.19
CA GLN D 119 -19.45 8.65 34.34
C GLN D 119 -19.00 7.84 35.57
N THR D 120 -17.69 7.78 35.75
CA THR D 120 -17.04 7.10 36.86
C THR D 120 -16.47 8.13 37.84
N SER D 121 -16.93 9.36 37.70
CA SER D 121 -16.46 10.49 38.50
C SER D 121 -16.70 10.40 39.99
N GLY D 122 -17.65 9.58 40.41
CA GLY D 122 -17.94 9.46 41.84
C GLY D 122 -19.05 10.39 42.28
N ILE D 123 -19.23 11.47 41.53
CA ILE D 123 -20.28 12.48 41.77
C ILE D 123 -21.69 11.90 41.65
N PRO D 124 -22.53 12.11 42.68
CA PRO D 124 -23.92 11.62 42.80
C PRO D 124 -24.84 11.88 41.60
N SER D 125 -25.73 10.93 41.36
CA SER D 125 -26.70 11.02 40.29
C SER D 125 -27.64 12.18 40.53
N ASP D 126 -28.06 12.31 41.78
CA ASP D 126 -29.07 13.28 42.13
C ASP D 126 -28.41 14.60 42.43
N ILE D 127 -28.79 15.62 41.68
CA ILE D 127 -28.21 16.93 41.82
C ILE D 127 -28.65 17.47 43.15
N ASP D 131 -35.18 20.18 41.62
CA ASP D 131 -35.92 20.93 40.61
C ASP D 131 -35.52 22.40 40.57
N ALA D 132 -35.47 23.00 41.74
CA ALA D 132 -35.07 24.39 41.89
C ALA D 132 -33.90 24.42 42.84
N VAL D 133 -32.94 25.30 42.54
CA VAL D 133 -31.69 25.39 43.25
C VAL D 133 -32.03 25.65 44.69
N THR D 134 -31.34 25.00 45.61
CA THR D 134 -31.74 25.04 47.00
C THR D 134 -31.93 26.46 47.55
N ASN D 135 -31.00 27.35 47.26
CA ASN D 135 -31.12 28.74 47.71
C ASN D 135 -31.31 29.81 46.63
N LYS D 136 -31.46 29.39 45.37
CA LYS D 136 -31.44 30.35 44.27
C LYS D 136 -32.17 29.88 43.01
N ASN D 137 -32.55 30.84 42.19
CA ASN D 137 -33.14 30.58 40.88
C ASN D 137 -32.01 30.69 39.88
N ASN D 138 -30.79 30.75 40.41
CA ASN D 138 -29.59 30.84 39.60
C ASN D 138 -29.15 29.48 39.10
N ARG D 139 -29.86 29.01 38.08
CA ARG D 139 -29.63 27.71 37.47
C ARG D 139 -28.60 27.78 36.34
N LEU D 140 -27.93 28.91 36.22
CA LEU D 140 -27.08 29.15 35.07
C LEU D 140 -26.04 28.07 35.04
N ASN D 141 -25.43 27.89 33.88
CA ASN D 141 -24.51 26.81 33.62
C ASN D 141 -23.36 26.74 34.60
N ASP D 142 -23.08 27.87 35.24
CA ASP D 142 -22.02 27.87 36.24
C ASP D 142 -22.59 27.28 37.53
N VAL D 143 -22.65 25.95 37.49
CA VAL D 143 -23.13 25.06 38.55
C VAL D 143 -22.00 24.74 39.49
N THR D 144 -20.78 25.13 39.14
CA THR D 144 -19.61 24.67 39.87
C THR D 144 -19.64 25.07 41.34
N ARG D 145 -20.01 26.30 41.63
CA ARG D 145 -20.16 26.75 43.02
C ARG D 145 -21.30 26.03 43.75
N ALA D 146 -22.21 25.41 43.01
CA ALA D 146 -23.37 24.72 43.58
C ALA D 146 -23.15 23.25 43.96
N ILE D 147 -22.06 22.64 43.49
CA ILE D 147 -21.77 21.25 43.83
C ILE D 147 -20.69 21.07 44.87
N MET D 148 -20.12 22.17 45.36
CA MET D 148 -18.97 22.08 46.24
C MET D 148 -19.27 21.34 47.54
N GLY D 149 -20.47 21.57 48.10
CA GLY D 149 -20.83 20.96 49.36
C GLY D 149 -20.91 19.45 49.32
N ASP D 150 -21.47 18.89 48.26
CA ASP D 150 -21.56 17.43 48.12
C ASP D 150 -20.25 16.63 48.11
N GLU D 151 -20.36 15.43 48.68
CA GLU D 151 -19.28 14.45 48.71
C GLU D 151 -19.57 13.38 47.65
N LEU D 152 -18.53 12.95 46.94
CA LEU D 152 -18.66 11.91 45.92
C LEU D 152 -18.95 10.58 46.59
N HIS D 153 -19.82 9.76 45.98
CA HIS D 153 -20.12 8.44 46.55
C HIS D 153 -18.92 7.50 46.47
N HIS D 154 -18.12 7.67 45.41
CA HIS D 154 -16.96 6.83 45.14
C HIS D 154 -15.74 7.64 44.79
N LYS D 155 -14.56 7.08 45.01
CA LYS D 155 -13.34 7.73 44.55
C LYS D 155 -13.37 7.65 43.04
N PRO D 156 -12.95 8.71 42.36
CA PRO D 156 -13.19 8.78 40.93
C PRO D 156 -12.48 7.67 40.24
N GLY D 157 -13.26 7.01 39.38
CA GLY D 157 -12.81 5.89 38.58
C GLY D 157 -13.28 4.53 39.05
N GLU D 158 -13.72 4.42 40.31
CA GLU D 158 -14.16 3.13 40.85
C GLU D 158 -15.44 2.51 40.30
N GLU D 159 -16.56 3.24 40.32
CA GLU D 159 -17.83 2.70 39.88
C GLU D 159 -18.46 3.61 38.83
N PHE D 160 -19.53 3.13 38.20
CA PHE D 160 -20.28 3.90 37.23
C PHE D 160 -21.53 4.39 37.92
N GLU D 161 -21.96 5.60 37.60
CA GLU D 161 -23.20 6.15 38.13
C GLU D 161 -23.65 7.22 37.17
N TYR D 162 -24.83 7.01 36.62
CA TYR D 162 -25.39 7.92 35.65
C TYR D 162 -25.84 9.18 36.35
N SER D 163 -25.26 10.31 35.94
CA SER D 163 -25.59 11.61 36.50
C SER D 163 -25.45 12.68 35.43
N ASN D 164 -26.46 13.53 35.32
CA ASN D 164 -26.49 14.58 34.31
C ASN D 164 -25.32 15.52 34.51
N MET D 165 -24.98 15.74 35.78
CA MET D 165 -23.85 16.58 36.19
C MET D 165 -22.54 16.22 35.49
N ASN D 166 -22.33 14.92 35.27
CA ASN D 166 -21.14 14.44 34.55
C ASN D 166 -20.99 15.07 33.17
N TYR D 167 -22.10 15.24 32.44
CA TYR D 167 -22.08 15.88 31.12
C TYR D 167 -22.41 17.37 31.17
N ASP D 168 -22.84 17.82 32.34
CA ASP D 168 -23.06 19.24 32.58
C ASP D 168 -21.68 19.88 32.66
N LEU D 169 -20.85 19.34 33.54
CA LEU D 169 -19.47 19.78 33.69
C LEU D 169 -18.78 19.77 32.33
N LEU D 170 -18.94 18.68 31.60
CA LEU D 170 -18.39 18.57 30.25
C LEU D 170 -18.87 19.75 29.42
N GLY D 171 -20.15 20.08 29.56
CA GLY D 171 -20.72 21.20 28.85
C GLY D 171 -19.97 22.47 29.21
N LEU D 172 -19.73 22.65 30.52
CA LEU D 172 -19.05 23.83 31.03
C LEU D 172 -17.66 23.91 30.41
N ILE D 173 -16.94 22.78 30.43
CA ILE D 173 -15.61 22.70 29.82
C ILE D 173 -15.65 23.15 28.36
N ILE D 174 -16.73 22.83 27.64
CA ILE D 174 -16.87 23.24 26.25
C ILE D 174 -17.02 24.77 26.16
N GLN D 175 -17.61 25.35 27.19
CA GLN D 175 -17.82 26.79 27.26
C GLN D 175 -16.51 27.49 27.61
N ASN D 176 -15.92 27.07 28.72
CA ASN D 176 -14.65 27.61 29.17
C ASN D 176 -13.56 27.54 28.12
N VAL D 177 -13.40 26.38 27.47
CA VAL D 177 -12.36 26.21 26.47
C VAL D 177 -12.70 26.90 25.14
N THR D 178 -13.96 26.78 24.73
CA THR D 178 -14.38 27.32 23.45
C THR D 178 -14.45 28.86 23.32
N LYS D 179 -14.40 29.57 24.45
CA LYS D 179 -14.40 31.04 24.45
C LYS D 179 -15.79 31.60 24.10
N GLN D 180 -16.77 30.71 23.99
CA GLN D 180 -18.16 31.06 23.70
C GLN D 180 -19.06 30.13 24.50
N SER D 181 -20.36 30.39 24.49
CA SER D 181 -21.31 29.60 25.28
C SER D 181 -21.55 28.20 24.70
N TYR D 182 -21.74 27.22 25.59
CA TYR D 182 -22.01 25.85 25.19
C TYR D 182 -23.01 25.82 24.03
N THR D 183 -24.08 26.60 24.16
CA THR D 183 -25.15 26.62 23.17
C THR D 183 -24.69 27.09 21.79
N LYS D 184 -23.88 28.13 21.76
CA LYS D 184 -23.31 28.67 20.52
C LYS D 184 -22.26 27.77 19.86
N TYR D 185 -21.37 27.17 20.65
CA TYR D 185 -20.34 26.30 20.05
C TYR D 185 -20.83 25.01 19.38
N ILE D 186 -21.72 24.28 20.05
CA ILE D 186 -22.41 23.11 19.49
C ILE D 186 -23.11 23.45 18.16
N THR D 187 -23.84 24.56 18.17
CA THR D 187 -24.58 25.00 16.99
C THR D 187 -23.67 25.20 15.78
N ASN D 188 -22.61 26.01 15.96
CA ASN D 188 -21.70 26.37 14.86
C ASN D 188 -20.59 25.39 14.53
N SER D 189 -20.21 24.61 15.52
CA SER D 189 -19.15 23.65 15.33
C SER D 189 -19.73 22.32 14.82
N TRP D 190 -20.94 21.97 15.29
CA TRP D 190 -21.58 20.71 14.93
C TRP D 190 -22.92 20.73 14.18
N LEU D 191 -23.93 21.37 14.76
CA LEU D 191 -25.26 21.39 14.15
C LEU D 191 -25.27 22.03 12.76
N LYS D 192 -24.79 23.27 12.68
CA LYS D 192 -24.89 23.99 11.42
C LYS D 192 -24.14 23.30 10.28
N PRO D 193 -22.96 22.77 10.57
CA PRO D 193 -22.15 22.05 9.58
C PRO D 193 -22.84 20.78 9.06
N LEU D 194 -23.56 20.07 9.92
CA LEU D 194 -24.25 18.84 9.51
C LEU D 194 -25.54 19.07 8.76
N HIS D 195 -25.83 20.32 8.52
CA HIS D 195 -27.14 20.68 7.98
C HIS D 195 -28.27 20.60 8.97
N MET D 196 -27.96 20.41 10.25
CA MET D 196 -29.03 20.31 11.25
C MET D 196 -29.42 21.72 11.66
N THR D 197 -30.07 22.41 10.74
CA THR D 197 -30.37 23.83 10.83
C THR D 197 -31.41 24.10 11.87
N HIS D 198 -32.41 23.24 11.90
CA HIS D 198 -33.58 23.45 12.76
C HIS D 198 -33.33 23.20 14.25
N THR D 199 -32.25 22.51 14.56
CA THR D 199 -31.91 22.15 15.94
C THR D 199 -31.61 23.37 16.81
N SER D 200 -32.14 23.32 18.01
CA SER D 200 -32.09 24.39 18.96
C SER D 200 -32.06 23.85 20.36
N PHE D 201 -31.87 24.72 21.32
CA PHE D 201 -31.81 24.28 22.69
C PHE D 201 -32.89 24.97 23.49
N LYS D 202 -33.28 24.33 24.57
CA LYS D 202 -34.42 24.74 25.39
C LYS D 202 -34.11 25.94 26.26
N GLN D 203 -34.99 26.93 26.16
CA GLN D 203 -35.03 28.07 27.04
C GLN D 203 -36.50 28.39 27.29
N THR D 204 -36.82 28.97 28.44
CA THR D 204 -38.19 29.35 28.72
C THR D 204 -39.13 28.18 29.07
N ASN D 205 -39.17 27.17 28.20
CA ASN D 205 -40.16 26.10 28.29
C ASN D 205 -41.50 26.52 27.70
N ASN D 206 -41.50 27.63 26.97
CA ASN D 206 -42.66 28.04 26.21
C ASN D 206 -42.43 27.71 24.74
N LYS D 207 -43.37 27.00 24.16
CA LYS D 207 -43.20 26.43 22.83
C LYS D 207 -44.04 27.12 21.77
N SER D 208 -43.49 27.25 20.57
CA SER D 208 -44.21 27.91 19.49
C SER D 208 -43.83 27.30 18.14
N LYS D 209 -44.61 27.64 17.12
CA LYS D 209 -44.26 27.19 15.80
C LYS D 209 -44.20 25.69 15.86
N HIS D 210 -43.01 25.19 15.55
CA HIS D 210 -42.76 23.76 15.32
C HIS D 210 -42.51 22.89 16.55
N ASP D 211 -42.35 23.52 17.71
CA ASP D 211 -42.05 22.83 18.96
C ASP D 211 -43.24 22.02 19.52
N ALA D 212 -43.11 20.69 19.52
CA ALA D 212 -44.15 19.82 20.04
C ALA D 212 -44.42 20.13 21.51
N ILE D 213 -45.69 20.21 21.89
CA ILE D 213 -46.07 20.50 23.28
C ILE D 213 -45.79 19.24 24.11
N GLY D 214 -45.32 19.42 25.33
CA GLY D 214 -45.02 18.31 26.22
C GLY D 214 -46.20 17.96 27.09
N TYR D 215 -46.65 16.71 27.01
CA TYR D 215 -47.79 16.27 27.80
C TYR D 215 -47.43 15.30 28.89
N GLU D 216 -48.15 15.45 29.98
CA GLU D 216 -48.15 14.55 31.09
C GLU D 216 -49.62 14.25 31.27
N LEU D 217 -50.00 12.99 31.30
CA LEU D 217 -51.41 12.64 31.42
C LEU D 217 -51.86 12.17 32.78
N GLN D 218 -52.98 12.71 33.24
CA GLN D 218 -53.56 12.17 34.46
C GLN D 218 -54.82 11.46 33.92
N GLY D 219 -54.82 10.14 34.09
CA GLY D 219 -55.85 9.29 33.53
C GLY D 219 -55.35 8.86 32.17
N SER D 220 -56.10 9.21 31.14
CA SER D 220 -55.77 8.85 29.78
C SER D 220 -55.79 10.10 28.93
N THR D 221 -56.06 11.23 29.56
CA THR D 221 -56.15 12.52 28.88
C THR D 221 -54.83 13.29 28.96
N PRO D 222 -54.35 13.79 27.82
CA PRO D 222 -53.13 14.57 27.80
C PRO D 222 -53.38 15.96 28.42
N VAL D 223 -52.53 16.35 29.35
CA VAL D 223 -52.62 17.65 29.99
C VAL D 223 -51.27 18.35 29.76
N VAL D 224 -51.29 19.56 29.23
CA VAL D 224 -50.02 20.19 28.89
C VAL D 224 -49.16 20.35 30.14
N SER D 225 -47.89 20.00 29.97
CA SER D 225 -46.89 20.15 31.02
C SER D 225 -45.73 21.11 30.73
N LYS D 226 -45.49 21.99 31.71
CA LYS D 226 -44.42 22.95 31.67
C LYS D 226 -43.69 22.73 32.98
N PRO D 227 -42.75 21.77 33.01
CA PRO D 227 -42.02 21.49 34.24
C PRO D 227 -40.79 22.39 34.44
N GLU D 228 -40.67 23.01 35.62
CA GLU D 228 -39.51 23.87 35.90
C GLU D 228 -38.22 23.03 35.83
N PHE D 229 -37.18 23.63 35.25
CA PHE D 229 -35.90 22.95 35.02
C PHE D 229 -34.70 23.84 35.31
N ASN D 230 -33.55 23.21 35.56
CA ASN D 230 -32.31 23.93 35.75
C ASN D 230 -31.60 24.11 34.40
N LEU D 231 -31.19 25.34 34.10
CA LEU D 231 -30.46 25.65 32.86
C LEU D 231 -29.11 24.95 32.75
N TRP D 232 -28.56 24.54 33.89
CA TRP D 232 -27.28 23.87 33.90
C TRP D 232 -27.29 22.46 33.35
N ASP D 233 -28.49 21.88 33.22
CA ASP D 233 -28.67 20.55 32.66
C ASP D 233 -28.78 20.61 31.16
N THR D 234 -28.68 21.80 30.56
CA THR D 234 -28.90 21.96 29.13
C THR D 234 -27.92 21.15 28.27
N PRO D 235 -26.72 20.82 28.75
CA PRO D 235 -25.87 19.93 27.96
C PRO D 235 -26.23 18.48 28.16
N SER D 236 -26.74 18.19 29.35
CA SER D 236 -27.31 16.89 29.70
C SER D 236 -28.61 16.53 29.00
N ALA D 237 -29.48 17.51 28.90
CA ALA D 237 -30.83 17.29 28.46
C ALA D 237 -31.28 18.54 27.77
N TYR D 238 -32.50 18.58 27.26
CA TYR D 238 -33.04 19.86 26.78
C TYR D 238 -32.51 20.33 25.42
N MET D 239 -31.91 19.42 24.66
CA MET D 239 -31.55 19.76 23.29
C MET D 239 -32.86 19.60 22.55
N MET D 240 -33.13 20.45 21.56
CA MET D 240 -34.41 20.38 20.88
C MET D 240 -34.21 20.20 19.38
N THR D 241 -34.51 19.00 18.89
CA THR D 241 -34.35 18.71 17.48
C THR D 241 -35.60 18.03 16.89
N SER D 242 -35.57 17.85 15.58
CA SER D 242 -36.64 17.20 14.83
C SER D 242 -36.09 15.99 14.10
N THR D 243 -36.97 15.06 13.73
CA THR D 243 -36.54 13.81 13.11
C THR D 243 -35.80 14.08 11.81
N GLU D 244 -36.25 15.08 11.07
CA GLU D 244 -35.63 15.42 9.80
C GLU D 244 -34.17 15.82 10.04
N ASP D 245 -33.90 16.53 11.13
CA ASP D 245 -32.54 16.87 11.48
C ASP D 245 -31.73 15.63 11.82
N LEU D 246 -32.30 14.76 12.65
CA LEU D 246 -31.64 13.53 13.08
C LEU D 246 -31.22 12.61 11.97
N GLU D 247 -31.78 12.80 10.77
CA GLU D 247 -31.38 11.99 9.62
C GLU D 247 -29.89 12.12 9.41
N HIS D 248 -29.40 13.36 9.51
CA HIS D 248 -27.99 13.66 9.34
C HIS D 248 -27.16 13.10 10.47
N TRP D 249 -27.67 13.23 11.70
CA TRP D 249 -26.99 12.73 12.88
C TRP D 249 -26.79 11.23 12.78
N ILE D 250 -27.83 10.49 12.36
CA ILE D 250 -27.74 9.03 12.24
C ILE D 250 -26.89 8.60 11.03
N LYS D 251 -27.13 9.21 9.87
CA LYS D 251 -26.35 8.86 8.67
C LYS D 251 -24.86 9.07 8.96
N PHE D 252 -24.54 10.22 9.56
CA PHE D 252 -23.19 10.56 9.97
C PHE D 252 -22.64 9.49 10.89
N GLN D 253 -23.36 9.25 11.97
CA GLN D 253 -22.97 8.30 13.00
C GLN D 253 -22.69 6.89 12.47
N LEU D 254 -23.40 6.49 11.42
CA LEU D 254 -23.27 5.14 10.85
C LEU D 254 -22.16 5.00 9.82
N ASN D 255 -21.99 6.03 9.00
CA ASN D 255 -20.97 6.04 7.96
C ASN D 255 -20.32 7.40 7.86
N PRO D 256 -19.42 7.70 8.81
CA PRO D 256 -18.82 9.01 8.82
C PRO D 256 -17.88 9.10 7.65
N PRO D 257 -17.65 10.32 7.19
CA PRO D 257 -16.66 10.61 6.15
C PRO D 257 -15.33 10.32 6.76
N ASP D 258 -14.30 10.14 5.92
CA ASP D 258 -13.02 9.73 6.43
C ASP D 258 -12.41 10.60 7.52
N LYS D 259 -12.54 11.91 7.42
CA LYS D 259 -11.94 12.76 8.43
C LYS D 259 -12.52 12.49 9.80
N TYR D 260 -13.83 12.30 9.87
CA TYR D 260 -14.50 12.08 11.14
C TYR D 260 -14.61 10.61 11.50
N LYS D 261 -14.18 9.74 10.61
CA LYS D 261 -14.40 8.32 10.81
C LYS D 261 -13.73 7.82 12.07
N SER D 262 -12.50 8.25 12.30
CA SER D 262 -11.79 7.87 13.51
C SER D 262 -12.47 8.43 14.74
N LEU D 263 -12.93 9.66 14.62
CA LEU D 263 -13.49 10.40 15.74
C LEU D 263 -14.74 9.74 16.28
N VAL D 264 -15.58 9.29 15.36
CA VAL D 264 -16.86 8.66 15.70
C VAL D 264 -16.64 7.30 16.36
N GLN D 265 -15.67 6.55 15.86
CA GLN D 265 -15.31 5.25 16.40
C GLN D 265 -14.96 5.35 17.86
N GLN D 266 -14.32 6.45 18.21
CA GLN D 266 -13.92 6.72 19.57
C GLN D 266 -15.14 7.01 20.46
N SER D 267 -16.20 7.55 19.87
CA SER D 267 -17.45 7.86 20.58
C SER D 267 -18.09 6.56 21.01
N HIS D 268 -17.94 5.56 20.14
CA HIS D 268 -18.50 4.26 20.40
C HIS D 268 -17.57 3.35 21.20
N LYS D 269 -16.33 3.78 21.44
CA LYS D 269 -15.37 3.00 22.24
C LYS D 269 -15.75 3.05 23.72
N ASN D 270 -16.01 1.89 24.30
CA ASN D 270 -16.40 1.76 25.71
C ASN D 270 -15.42 2.43 26.65
N LEU D 271 -15.95 3.07 27.69
CA LEU D 271 -15.12 3.77 28.67
C LEU D 271 -15.30 3.23 30.08
N SER D 272 -16.37 2.50 30.34
CA SER D 272 -16.62 1.94 31.67
C SER D 272 -17.68 0.85 31.69
N SER D 273 -17.59 -0.03 32.69
CA SER D 273 -18.57 -1.10 32.86
C SER D 273 -19.84 -0.51 33.43
N THR D 274 -20.95 -0.69 32.71
CA THR D 274 -22.26 -0.19 33.14
C THR D 274 -22.82 -0.89 34.37
N ILE D 275 -23.60 -0.12 35.13
CA ILE D 275 -24.29 -0.58 36.32
C ILE D 275 -25.66 0.10 36.33
N GLY D 276 -26.69 -0.65 36.73
CA GLY D 276 -28.03 -0.10 36.82
C GLY D 276 -28.82 -0.07 35.53
N GLU D 277 -28.13 -0.16 34.41
CA GLU D 277 -28.83 -0.25 33.15
C GLU D 277 -28.64 -1.63 32.56
N PRO D 278 -29.73 -2.38 32.50
CA PRO D 278 -29.69 -3.80 32.14
C PRO D 278 -29.24 -4.11 30.72
N ASN D 279 -29.71 -3.34 29.76
CA ASN D 279 -29.42 -3.56 28.34
C ASN D 279 -27.96 -3.40 27.95
N ALA D 280 -27.28 -2.45 28.57
CA ALA D 280 -25.91 -2.11 28.19
C ALA D 280 -24.87 -2.63 29.17
N ASN D 281 -23.77 -3.13 28.62
CA ASN D 281 -22.65 -3.63 29.42
C ASN D 281 -21.63 -2.54 29.63
N ALA D 282 -21.69 -1.49 28.81
CA ALA D 282 -20.74 -0.41 28.91
C ALA D 282 -21.28 0.92 28.41
N TYR D 283 -20.69 2.00 28.91
CA TYR D 283 -21.06 3.36 28.52
C TYR D 283 -19.92 3.98 27.74
N ALA D 284 -20.23 4.77 26.72
CA ALA D 284 -19.18 5.35 25.87
C ALA D 284 -19.50 6.73 25.28
N SER D 285 -18.89 7.79 25.82
CA SER D 285 -19.06 9.15 25.27
C SER D 285 -20.52 9.49 24.92
N GLY D 286 -21.41 9.30 25.90
CA GLY D 286 -22.82 9.62 25.75
C GLY D 286 -23.65 8.66 24.92
N TRP D 287 -23.33 7.38 25.04
CA TRP D 287 -24.00 6.29 24.37
C TRP D 287 -23.87 5.09 25.28
N PHE D 288 -24.95 4.30 25.34
CA PHE D 288 -24.91 3.03 26.03
C PHE D 288 -24.43 2.03 24.98
N THR D 289 -23.74 1.00 25.45
CA THR D 289 -23.18 0.01 24.54
C THR D 289 -23.42 -1.45 24.92
N ASN D 290 -23.65 -2.27 23.89
CA ASN D 290 -23.82 -3.70 24.04
C ASN D 290 -23.09 -4.39 22.91
N ASN D 291 -21.85 -4.78 23.18
CA ASN D 291 -21.00 -5.38 22.18
C ASN D 291 -21.57 -6.70 21.70
N ASP D 292 -22.14 -7.46 22.63
CA ASP D 292 -22.69 -8.76 22.31
C ASP D 292 -23.82 -8.67 21.29
N GLU D 293 -24.68 -7.68 21.45
CA GLU D 293 -25.80 -7.50 20.54
C GLU D 293 -25.50 -6.53 19.41
N HIS D 294 -24.29 -5.98 19.41
CA HIS D 294 -23.88 -5.05 18.38
C HIS D 294 -24.73 -3.82 18.30
N LEU D 295 -25.11 -3.32 19.46
CA LEU D 295 -25.92 -2.12 19.56
C LEU D 295 -25.24 -0.98 20.32
N VAL D 296 -25.55 0.23 19.86
CA VAL D 296 -25.12 1.48 20.45
C VAL D 296 -26.42 2.27 20.57
N PHE D 297 -26.84 2.57 21.80
CA PHE D 297 -28.12 3.23 21.99
C PHE D 297 -28.13 4.17 23.19
N HIS D 298 -29.20 4.95 23.29
CA HIS D 298 -29.46 5.72 24.48
C HIS D 298 -30.91 6.02 24.62
N SER D 299 -31.40 6.00 25.86
CA SER D 299 -32.77 6.37 26.12
C SER D 299 -32.83 7.66 26.93
N GLY D 300 -33.60 8.63 26.44
CA GLY D 300 -33.78 9.88 27.14
C GLY D 300 -35.21 10.06 27.61
N THR D 301 -35.38 10.45 28.87
CA THR D 301 -36.72 10.65 29.42
C THR D 301 -36.86 11.92 30.27
N LEU D 302 -37.93 12.66 30.00
CA LEU D 302 -38.30 13.86 30.76
C LEU D 302 -39.72 13.68 31.27
N ASP D 303 -40.17 14.55 32.17
CA ASP D 303 -41.53 14.49 32.70
C ASP D 303 -42.56 14.54 31.58
N ASN D 304 -42.34 15.40 30.61
CA ASN D 304 -43.30 15.56 29.53
C ASN D 304 -42.82 15.11 28.17
N PHE D 305 -41.65 14.47 28.14
CA PHE D 305 -41.08 13.97 26.87
C PHE D 305 -40.39 12.62 26.99
N SER D 306 -40.27 11.93 25.86
CA SER D 306 -39.65 10.60 25.82
C SER D 306 -39.03 10.35 24.44
N SER D 307 -37.86 9.74 24.43
CA SER D 307 -37.15 9.50 23.19
C SER D 307 -36.24 8.29 23.27
N PHE D 308 -35.80 7.82 22.11
CA PHE D 308 -34.91 6.68 22.03
C PHE D 308 -34.22 6.67 20.70
N ILE D 309 -32.92 6.39 20.77
CA ILE D 309 -32.08 6.34 19.59
C ILE D 309 -31.42 4.94 19.60
N LEU D 310 -31.55 4.21 18.48
CA LEU D 310 -30.96 2.87 18.38
C LEU D 310 -30.06 2.76 17.16
N LEU D 311 -28.78 2.59 17.42
CA LEU D 311 -27.79 2.44 16.36
C LEU D 311 -27.28 1.03 16.35
N ASN D 312 -27.17 0.49 15.12
CA ASN D 312 -26.51 -0.81 14.93
C ASN D 312 -25.54 -0.49 13.82
N PRO D 313 -24.26 -0.34 14.16
CA PRO D 313 -23.28 0.10 13.17
C PRO D 313 -23.04 -1.02 12.18
N LYS D 314 -22.89 -2.25 12.66
CA LYS D 314 -22.89 -3.39 11.78
C LYS D 314 -24.33 -3.44 11.29
N GLN D 315 -24.54 -3.88 10.07
CA GLN D 315 -25.91 -4.08 9.60
C GLN D 315 -26.50 -2.73 9.26
N ASN D 316 -25.69 -1.69 9.41
CA ASN D 316 -25.98 -0.36 8.92
C ASN D 316 -27.39 0.19 9.10
N TYR D 317 -28.00 0.03 10.27
CA TYR D 317 -29.32 0.62 10.47
C TYR D 317 -29.47 1.40 11.78
N GLY D 318 -30.36 2.42 11.80
CA GLY D 318 -30.64 3.22 13.00
C GLY D 318 -32.13 3.50 13.17
N ILE D 319 -32.57 3.57 14.42
CA ILE D 319 -33.97 3.82 14.69
C ILE D 319 -34.17 4.94 15.70
N VAL D 320 -35.00 5.92 15.32
CA VAL D 320 -35.24 7.05 16.19
C VAL D 320 -36.72 7.18 16.46
N VAL D 321 -37.07 7.35 17.73
CA VAL D 321 -38.44 7.50 18.14
C VAL D 321 -38.48 8.68 19.09
N LEU D 322 -39.23 9.72 18.72
CA LEU D 322 -39.34 10.92 19.53
C LEU D 322 -40.81 11.14 19.86
N ALA D 323 -41.11 11.32 21.14
CA ALA D 323 -42.49 11.47 21.58
C ALA D 323 -42.68 12.57 22.61
N ASN D 324 -43.88 13.16 22.63
CA ASN D 324 -44.23 14.27 23.51
C ASN D 324 -44.81 13.85 24.81
N LEU D 325 -44.57 12.59 25.16
CA LEU D 325 -45.13 11.98 26.38
C LEU D 325 -44.14 10.95 26.87
N ASN D 326 -43.96 10.92 28.16
CA ASN D 326 -43.04 9.95 28.77
C ASN D 326 -43.69 8.58 28.83
N SER D 327 -43.37 7.68 27.89
CA SER D 327 -44.01 6.35 27.90
C SER D 327 -43.11 5.14 27.71
N GLU D 328 -43.39 4.10 28.51
CA GLU D 328 -42.67 2.83 28.44
C GLU D 328 -42.82 2.19 27.07
N TYR D 329 -43.77 2.69 26.29
CA TYR D 329 -44.05 2.16 24.96
C TYR D 329 -43.13 2.66 23.88
N VAL D 330 -42.28 3.62 24.21
CA VAL D 330 -41.31 4.13 23.26
C VAL D 330 -40.19 3.09 23.05
N PRO D 331 -39.58 2.57 24.15
CA PRO D 331 -38.61 1.48 24.00
C PRO D 331 -39.25 0.30 23.26
N LYS D 332 -40.46 -0.08 23.67
CA LYS D 332 -41.18 -1.18 23.05
C LYS D 332 -41.30 -0.98 21.55
N LEU D 333 -41.69 0.22 21.12
CA LEU D 333 -41.81 0.49 19.69
C LEU D 333 -40.48 0.29 18.94
N VAL D 334 -39.34 0.55 19.59
CA VAL D 334 -38.07 0.35 18.87
C VAL D 334 -37.86 -1.14 18.60
N GLU D 335 -38.09 -1.96 19.63
CA GLU D 335 -37.92 -3.40 19.53
C GLU D 335 -38.78 -4.00 18.40
N HIS D 336 -40.02 -3.52 18.29
CA HIS D 336 -40.88 -3.99 17.22
C HIS D 336 -40.28 -3.59 15.89
N LEU D 337 -39.87 -2.32 15.79
CA LEU D 337 -39.26 -1.79 14.57
C LEU D 337 -37.92 -2.43 14.28
N ASN D 338 -37.26 -2.89 15.33
CA ASN D 338 -35.96 -3.53 15.20
C ASN D 338 -36.06 -4.88 14.50
N THR D 339 -37.00 -5.72 14.92
CA THR D 339 -37.14 -7.04 14.30
C THR D 339 -37.56 -6.89 12.84
N GLN D 340 -37.96 -5.67 12.45
CA GLN D 340 -38.35 -5.39 11.07
C GLN D 340 -37.16 -5.17 10.14
N ILE D 341 -35.94 -5.38 10.66
CA ILE D 341 -34.70 -5.16 9.89
C ILE D 341 -33.54 -6.14 10.21
#